data_8BF5
#
_entry.id   8BF5
#
_cell.length_a   1.00
_cell.length_b   1.00
_cell.length_c   1.00
_cell.angle_alpha   90.00
_cell.angle_beta   90.00
_cell.angle_gamma   90.00
#
_symmetry.space_group_name_H-M   'P 1'
#
loop_
_entity.id
_entity.type
_entity.pdbx_description
1 polymer 'Polymerase acidic protein'
2 polymer 'RNA-directed RNA polymerase catalytic subunit'
3 polymer 'Polymerase basic protein 2'
4 polymer "5' vRNA"
5 polymer "3' vRNA"
6 polymer mRNA
7 non-polymer 'MAGNESIUM ION'
8 non-polymer 'PHOSPHOMETHYLPHOSPHONIC ACID GUANYLATE ESTER'
9 non-polymer "P1-7-METHYLGUANOSINE-P3-ADENOSINE-5',5'-TRIPHOSPHATE"
#
loop_
_entity_poly.entity_id
_entity_poly.type
_entity_poly.pdbx_seq_one_letter_code
_entity_poly.pdbx_strand_id
1 'polypeptide(L)'
;GSHHHHHHHHGSGSMDTFITRNFQTTIIQKAKNTMAEFSEDPELQPAMLFNICVHLEVCYVISDMNFLDEEGKAYTALEG
QGKEQNLRPQYEVIEGMPRTIAWMVQRSLAQEHGIETPKYLADLFDYKTKRFIEVGITKGLADDYFWKKKEKLGNSMELM
IFSYNQDYSLSNESSLDEEGKGRVLSRLTELQAELSLKNLWQVLIGEEDVEKGIDFKLGQTISRLRDISVPAGFSNFEGM
RSYIDNIDPKGAIERNLARMSPLVSVTPKKLTWEDLRPIGPHIYNHELPEVPYNAFLLMSDELGLANMTEGKSKKPKTLA
KECLEKYSTLRDQTDPILIMKSEKANENFLWKLWRDCVNTISNEEMSNELQKTNYAKWATGDGLTYQKIMKEVAIDDETM
CQEEPKIPNKCRVAAWVQTEMNLLSTLTSKRALDLPEIGPDVAPVEHVGSERRKYFVNEINYCKASTVMMKYVLFHTSLL
NESNASMGKYKVIPITNRVVNEKGESFDMLYGLAVKGQSHLRGDTDVVTVVTFEFSSTDPRVDSGKWPKYTVFRIGSLFV
SGREKSVYLYCRVNGTNKIQMKWGMEARRCLLQSMQQMEAIVEQESSIQGYDMTKACFKGDRVNSPKTFSIGTQEGKLVK
GSFGKALRVIFTKCLMHYVFGNAQLEGFSAESRRLLLLIQALKDRKGPWVFDLEGMYSGIEECISNNPWVIQSAYWFNEW
LGFEKEGSKVLESVDEIMDEGSGSGENLYFQ
;
A
2 'polypeptide(L)'
;GSGSGSGSGMNINPYFLFIDVPIQAAISTTFPYTGVPPYSHGTGTGYTIDTVIRTHEYSNKGKQYISDVTGCTMVDPTNG
PLPEDNEPSAYAQLDCVLEALDRMDEEHPGLFQAASQNAMETLMVTTVDKLTQGRQTFDWTVCRNQPAATALNTTITSFR
LNDLNGADKGGLIPFCQDIIDSLDRPEMTFFSVKNIKKKLPAKNRKGFLIKRIPMKVKDKITKVEYIKRALSLNTMTKDA
ERGKLKRRAIATAGIQIRGFVLVVENLAKNICENLEQSGLPVGGNEKKAKLSNAVAKMLSNCPPGGISMTVTGDNTKWNE
CLNPRIFLAMTERITRDSPIWFRDFCSIAPVLFSNKIARLGKGFMITSKTKRLKAQIPCPDLFSIPLERYNEETRAKLKK
LKPFFNEEGTASLSPGMMMGMFNMLSTVLGVAALGIKNIGNKEYLWDGLQSSDDFALFVNAKDEETCMEGINDFYRTCKL
LGINMSKKKSYCNETGMFEFTSMFYRDGFVSNFAMELPSFGVAGVNESADMAIGMTIIKNNMINNGMGPATAQTAIQLFI
ADYRYTYKCHRGDSKVEGKRMKIIKELWENTKGRDGLLVADGGPNIYNLRNLHIPEIVLKYNLMDPEYKGRLLHPQNPFV
GHLSIEGIKEADITPAHGPVKKMDYDAVSGTHSWRTKRNRSILNTDQRNMILEEQCYAKCCNLFEACFNSASYRKPVGQH
SMLEAMAHRLRMDARLDYESGRMSKDDFEKAMAHLGEIGYIGSGSGENLYFQ
;
B
3 'polypeptide(L)'
;GSGSGSGSGMTLAKIELLKQLLRDNEAKTVLKQTTVDQYNIIRKFNTSRIEKNPSLRMKWAMCSNFPLALTKGDMANRIP
LEYKGIQLKTNAEDIGTKGQMCSIAAVTWWNTYGPIGDTEGFERVYESFFLRKMRLDNATWGRITFGPVERVRKRVLLNP
LTKEMPPDEASNVIMEILFPKEAGIPRESTWIHRELIKEKREKLKGTMITPIVLAYMLERELVARRRFLPVAGATSAEFI
EMLHCLQGENWRQIYHPGGNKLTESRSQSMIVACRKIIRRSIVASNPLELAVEIANKTVIDTEPLKSCLAAIDGGDVACD
IIRAALGLKIRQRQRFGRLELKRISGRGFKNDEEILIGNGTIQKIGIWDGEEEFHVRCGECRGILKKSKMKLEKLLINSA
KKEDMRDLIILCMVFSQDTRMFQGVRGEINFLNRAGQLLSPMYQLQRYFLNRSNDLFDQWGYEESPKASELHGINESMNA
SDYTLKGVVVTRNVIDDFSSTETEKVSITKNLSLIKRTGEVIMGANDVSELESQAQLMITYDTPKMWEMGTTKELVQNTY
QWVLKNLVTLKAQFLLGKEDMFQWDAFEAFESIIPQKMAGQYSGFARAVLKQMRDQEVMKTDQFIKLLPFCFSPPKLRSN
GEPYQFLKLVLKGGGENFIEVRKGSPLFSYNPQTEVLTICGRMMSLKGKIEDEERNRSMGNAVLAGFLVSGKYDPDLGDF
KTIEELEKLKPGEKANILLYQGKPVKVVKRKRYSALSNDISQGIKRQRMTVESMGWALSGWSHPQFEKGSGSENLYFQ
;
C
4 'polyribonucleotide' AGUAGUAACAAGUU V
5 'polyribonucleotide' UAUACAACUGAGAAAGCUAUU R
6 'polyribonucleotide' AUCUAUAAUAGCUUUCUCA M
#
# COMPACT_ATOMS: atom_id res chain seq x y z
N MET A 15 7.74 48.86 -32.59
CA MET A 15 7.07 47.59 -32.98
C MET A 15 5.83 47.35 -32.10
N ASP A 16 5.96 47.62 -30.81
CA ASP A 16 4.83 47.46 -29.91
C ASP A 16 3.71 48.45 -30.24
N THR A 17 4.07 49.73 -30.37
CA THR A 17 3.07 50.74 -30.73
C THR A 17 2.52 50.48 -32.12
N PHE A 18 3.37 50.03 -33.05
CA PHE A 18 2.90 49.68 -34.38
C PHE A 18 1.82 48.61 -34.31
N ILE A 19 2.08 47.54 -33.57
CA ILE A 19 1.09 46.46 -33.45
C ILE A 19 -0.17 46.98 -32.77
N THR A 20 -0.02 47.82 -31.73
CA THR A 20 -1.18 48.33 -31.02
C THR A 20 -2.07 49.16 -31.93
N ARG A 21 -1.47 50.01 -32.76
CA ARG A 21 -2.21 50.96 -33.59
C ARG A 21 -2.52 50.43 -34.99
N ASN A 22 -2.08 49.21 -35.32
CA ASN A 22 -2.33 48.63 -36.63
C ASN A 22 -3.38 47.53 -36.61
N PHE A 23 -3.32 46.63 -35.64
CA PHE A 23 -4.19 45.46 -35.59
C PHE A 23 -5.28 45.62 -34.55
N GLN A 24 -6.43 45.01 -34.81
CA GLN A 24 -7.58 45.14 -33.95
C GLN A 24 -7.32 44.47 -32.59
N THR A 25 -8.13 44.85 -31.60
CA THR A 25 -7.96 44.32 -30.26
C THR A 25 -8.11 42.80 -30.24
N THR A 26 -9.08 42.28 -30.98
CA THR A 26 -9.29 40.84 -31.02
C THR A 26 -8.06 40.12 -31.55
N ILE A 27 -7.48 40.64 -32.64
CA ILE A 27 -6.31 40.00 -33.23
C ILE A 27 -5.14 40.04 -32.25
N ILE A 28 -4.93 41.19 -31.59
CA ILE A 28 -3.82 41.31 -30.65
C ILE A 28 -4.00 40.33 -29.49
N GLN A 29 -5.22 40.25 -28.95
CA GLN A 29 -5.47 39.34 -27.84
C GLN A 29 -5.26 37.89 -28.26
N LYS A 30 -5.73 37.52 -29.46
CA LYS A 30 -5.56 36.14 -29.90
C LYS A 30 -4.09 35.82 -30.15
N ALA A 31 -3.33 36.75 -30.71
CA ALA A 31 -1.90 36.52 -30.90
C ALA A 31 -1.19 36.40 -29.56
N LYS A 32 -1.56 37.23 -28.59
CA LYS A 32 -0.97 37.11 -27.25
C LYS A 32 -1.29 35.76 -26.64
N ASN A 33 -2.53 35.29 -26.78
CA ASN A 33 -2.89 33.98 -26.26
C ASN A 33 -2.07 32.89 -26.93
N THR A 34 -1.90 32.98 -28.26
CA THR A 34 -1.12 31.99 -28.97
C THR A 34 0.32 31.98 -28.50
N MET A 35 0.92 33.16 -28.31
CA MET A 35 2.30 33.22 -27.83
C MET A 35 2.41 32.67 -26.42
N ALA A 36 1.45 32.97 -25.55
CA ALA A 36 1.45 32.38 -24.21
C ALA A 36 1.37 30.86 -24.28
N GLU A 37 0.54 30.34 -25.19
CA GLU A 37 0.47 28.90 -25.40
C GLU A 37 1.79 28.35 -25.93
N PHE A 38 2.66 29.20 -26.47
CA PHE A 38 3.95 28.79 -27.00
C PHE A 38 5.09 28.96 -26.00
N SER A 39 4.79 29.38 -24.77
CA SER A 39 5.81 29.59 -23.74
C SER A 39 6.86 30.58 -24.21
N GLU A 40 6.42 31.66 -24.86
CA GLU A 40 7.31 32.72 -25.33
C GLU A 40 6.62 34.05 -25.09
N ASP A 41 7.23 34.88 -24.26
CA ASP A 41 6.63 36.15 -23.88
C ASP A 41 6.66 37.12 -25.06
N PRO A 42 5.55 37.79 -25.38
CA PRO A 42 5.60 38.81 -26.43
C PRO A 42 6.58 39.94 -26.13
N GLU A 43 6.82 40.24 -24.85
CA GLU A 43 7.70 41.33 -24.47
C GLU A 43 9.17 41.05 -24.78
N LEU A 44 9.52 39.82 -25.14
CA LEU A 44 10.88 39.47 -25.51
C LEU A 44 11.08 39.32 -27.01
N GLN A 45 10.07 38.85 -27.74
CA GLN A 45 10.14 38.68 -29.20
C GLN A 45 8.91 39.34 -29.82
N PRO A 46 8.91 40.67 -29.94
CA PRO A 46 7.78 41.34 -30.62
C PRO A 46 7.62 40.92 -32.07
N ALA A 47 8.70 40.46 -32.72
CA ALA A 47 8.61 40.05 -34.11
C ALA A 47 7.64 38.89 -34.28
N MET A 48 7.70 37.90 -33.37
CA MET A 48 6.78 36.79 -33.45
C MET A 48 5.35 37.26 -33.22
N LEU A 49 5.15 38.22 -32.31
CA LEU A 49 3.81 38.77 -32.11
C LEU A 49 3.29 39.39 -33.39
N PHE A 50 4.12 40.20 -34.07
CA PHE A 50 3.68 40.82 -35.31
C PHE A 50 3.37 39.77 -36.37
N ASN A 51 4.22 38.75 -36.48
CA ASN A 51 3.98 37.71 -37.47
C ASN A 51 2.66 37.00 -37.21
N ILE A 52 2.39 36.66 -35.95
CA ILE A 52 1.14 35.97 -35.62
C ILE A 52 -0.05 36.88 -35.90
N CYS A 53 0.05 38.16 -35.53
CA CYS A 53 -1.06 39.08 -35.79
C CYS A 53 -1.34 39.21 -37.28
N VAL A 54 -0.29 39.34 -38.09
CA VAL A 54 -0.49 39.45 -39.54
C VAL A 54 -1.08 38.18 -40.09
N HIS A 55 -0.61 37.01 -39.62
CA HIS A 55 -1.15 35.75 -40.09
C HIS A 55 -2.64 35.64 -39.78
N LEU A 56 -3.03 35.99 -38.55
CA LEU A 56 -4.43 35.89 -38.17
C LEU A 56 -5.28 36.90 -38.96
N GLU A 57 -4.76 38.11 -39.18
CA GLU A 57 -5.49 39.09 -39.97
C GLU A 57 -5.70 38.61 -41.40
N VAL A 58 -4.66 38.01 -42.00
CA VAL A 58 -4.78 37.47 -43.34
C VAL A 58 -5.82 36.35 -43.36
N CYS A 59 -5.79 35.46 -42.36
CA CYS A 59 -6.75 34.38 -42.32
C CYS A 59 -8.17 34.90 -42.21
N TYR A 60 -8.39 35.93 -41.40
CA TYR A 60 -9.73 36.48 -41.26
C TYR A 60 -10.18 37.20 -42.53
N VAL A 61 -9.28 37.94 -43.17
CA VAL A 61 -9.64 38.60 -44.43
C VAL A 61 -9.99 37.56 -45.49
N ILE A 62 -9.28 36.43 -45.49
CA ILE A 62 -9.58 35.36 -46.43
C ILE A 62 -11.00 34.84 -46.20
N SER A 63 -11.38 34.66 -44.94
CA SER A 63 -12.71 34.17 -44.60
C SER A 63 -13.79 35.10 -45.15
N LEU A 87 -25.00 32.80 -42.27
CA LEU A 87 -25.17 31.83 -41.20
C LEU A 87 -24.15 30.71 -41.27
N ARG A 88 -23.66 30.44 -42.48
CA ARG A 88 -22.76 29.33 -42.75
C ARG A 88 -21.53 29.85 -43.48
N PRO A 89 -20.54 30.35 -42.74
CA PRO A 89 -19.32 30.83 -43.39
C PRO A 89 -18.61 29.70 -44.13
N GLN A 90 -18.02 30.05 -45.28
CA GLN A 90 -17.33 29.05 -46.09
C GLN A 90 -16.15 28.44 -45.35
N TYR A 91 -15.38 29.27 -44.65
CA TYR A 91 -14.16 28.85 -43.99
C TYR A 91 -14.33 28.91 -42.48
N GLU A 92 -14.06 27.79 -41.82
CA GLU A 92 -13.89 27.79 -40.37
C GLU A 92 -12.44 28.12 -40.05
N VAL A 93 -12.23 28.79 -38.92
CA VAL A 93 -10.91 29.29 -38.55
C VAL A 93 -10.32 28.35 -37.50
N ILE A 94 -9.11 27.84 -37.79
CA ILE A 94 -8.37 27.04 -36.83
C ILE A 94 -7.33 27.86 -36.09
N GLU A 95 -6.95 29.02 -36.61
CA GLU A 95 -6.03 29.92 -35.95
C GLU A 95 -6.81 30.96 -35.13
N GLY A 96 -6.07 31.68 -34.28
CA GLY A 96 -6.70 32.66 -33.41
C GLY A 96 -7.50 32.05 -32.28
N MET A 97 -7.23 30.79 -31.94
CA MET A 97 -7.92 30.09 -30.86
C MET A 97 -6.90 29.27 -30.10
N PRO A 98 -7.21 28.90 -28.85
CA PRO A 98 -6.28 28.05 -28.10
C PRO A 98 -6.03 26.73 -28.79
N ARG A 99 -4.94 26.07 -28.39
CA ARG A 99 -4.57 24.80 -29.01
C ARG A 99 -5.69 23.78 -28.89
N THR A 100 -6.26 23.63 -27.70
CA THR A 100 -7.26 22.59 -27.49
C THR A 100 -8.50 22.85 -28.35
N ILE A 101 -8.97 24.10 -28.39
CA ILE A 101 -10.16 24.40 -29.17
C ILE A 101 -9.89 24.24 -30.66
N ALA A 102 -8.70 24.65 -31.11
CA ALA A 102 -8.34 24.49 -32.51
C ALA A 102 -8.32 23.02 -32.90
N TRP A 103 -7.71 22.18 -32.06
CA TRP A 103 -7.68 20.75 -32.36
C TRP A 103 -9.07 20.14 -32.30
N MET A 104 -9.92 20.62 -31.38
CA MET A 104 -11.29 20.13 -31.33
C MET A 104 -12.03 20.46 -32.61
N VAL A 105 -11.88 21.69 -33.10
CA VAL A 105 -12.52 22.08 -34.35
C VAL A 105 -12.01 21.22 -35.50
N GLN A 106 -10.69 21.03 -35.56
CA GLN A 106 -10.10 20.25 -36.64
C GLN A 106 -10.62 18.82 -36.63
N ARG A 107 -10.64 18.19 -35.45
CA ARG A 107 -11.08 16.80 -35.36
C ARG A 107 -12.57 16.68 -35.65
N SER A 108 -13.39 17.64 -35.18
CA SER A 108 -14.81 17.61 -35.47
C SER A 108 -15.06 17.69 -36.97
N LEU A 109 -14.38 18.63 -37.64
CA LEU A 109 -14.55 18.76 -39.09
C LEU A 109 -14.07 17.51 -39.82
N ALA A 110 -12.94 16.96 -39.39
CA ALA A 110 -12.42 15.76 -40.05
C ALA A 110 -13.37 14.58 -39.90
N GLN A 111 -13.94 14.40 -38.70
CA GLN A 111 -14.89 13.32 -38.50
C GLN A 111 -16.16 13.54 -39.31
N GLU A 112 -16.67 14.77 -39.33
CA GLU A 112 -17.90 15.04 -40.08
C GLU A 112 -17.70 14.78 -41.56
N HIS A 113 -16.57 15.20 -42.12
CA HIS A 113 -16.29 15.03 -43.54
C HIS A 113 -15.56 13.74 -43.84
N GLY A 114 -15.28 12.91 -42.84
CA GLY A 114 -14.70 11.61 -43.08
C GLY A 114 -13.32 11.63 -43.71
N ILE A 115 -12.53 12.66 -43.44
CA ILE A 115 -11.16 12.76 -43.94
C ILE A 115 -10.20 12.55 -42.78
N GLU A 116 -9.10 11.84 -43.06
CA GLU A 116 -8.13 11.57 -42.01
C GLU A 116 -7.62 12.87 -41.40
N THR A 117 -7.49 12.88 -40.08
CA THR A 117 -7.09 14.08 -39.37
C THR A 117 -5.71 14.52 -39.83
N PRO A 118 -5.54 15.76 -40.29
CA PRO A 118 -4.19 16.22 -40.62
C PRO A 118 -3.30 16.21 -39.40
N LYS A 119 -2.07 15.70 -39.57
CA LYS A 119 -1.17 15.47 -38.44
C LYS A 119 -0.74 16.76 -37.76
N TYR A 120 -0.95 17.91 -38.39
CA TYR A 120 -0.55 19.19 -37.83
C TYR A 120 -1.75 20.13 -37.83
N LEU A 121 -1.74 21.09 -36.91
CA LEU A 121 -2.83 22.04 -36.81
C LEU A 121 -2.80 23.01 -38.00
N ALA A 122 -3.88 23.06 -38.74
CA ALA A 122 -3.97 23.90 -39.92
C ALA A 122 -4.44 25.30 -39.54
N ASP A 123 -4.66 26.14 -40.56
CA ASP A 123 -5.12 27.51 -40.37
C ASP A 123 -6.63 27.65 -40.56
N LEU A 124 -7.15 27.14 -41.68
CA LEU A 124 -8.57 27.23 -41.99
C LEU A 124 -9.06 25.90 -42.51
N PHE A 125 -10.37 25.71 -42.47
CA PHE A 125 -11.02 24.56 -43.09
C PHE A 125 -12.10 25.05 -44.04
N ASP A 126 -12.08 24.53 -45.27
CA ASP A 126 -13.02 24.92 -46.31
C ASP A 126 -14.09 23.85 -46.45
N TYR A 127 -15.35 24.26 -46.27
CA TYR A 127 -16.47 23.34 -46.46
C TYR A 127 -16.69 23.03 -47.93
N LYS A 128 -16.64 24.05 -48.78
CA LYS A 128 -16.81 23.84 -50.22
C LYS A 128 -15.83 22.80 -50.72
N THR A 129 -14.54 23.00 -50.43
CA THR A 129 -13.52 22.02 -50.78
C THR A 129 -13.50 20.84 -49.82
N LYS A 130 -14.13 20.97 -48.65
CA LYS A 130 -14.15 19.91 -47.65
C LYS A 130 -12.72 19.50 -47.28
N ARG A 131 -11.84 20.49 -47.17
CA ARG A 131 -10.41 20.23 -46.98
C ARG A 131 -9.86 21.28 -46.02
N PHE A 132 -8.54 21.30 -45.88
CA PHE A 132 -7.85 22.24 -45.02
C PHE A 132 -7.03 23.21 -45.87
N ILE A 133 -6.79 24.40 -45.30
CA ILE A 133 -6.06 25.46 -45.97
C ILE A 133 -5.03 26.00 -44.98
N GLU A 134 -3.78 26.02 -45.41
CA GLU A 134 -2.68 26.53 -44.60
C GLU A 134 -2.23 27.88 -45.15
N VAL A 135 -1.78 28.76 -44.26
CA VAL A 135 -1.28 30.08 -44.63
C VAL A 135 0.11 30.26 -44.04
N GLY A 136 1.10 30.43 -44.91
CA GLY A 136 2.44 30.76 -44.47
C GLY A 136 2.89 32.07 -45.07
N ILE A 137 3.08 33.08 -44.23
CA ILE A 137 3.45 34.42 -44.69
C ILE A 137 4.97 34.54 -44.62
N THR A 138 5.60 34.60 -45.78
CA THR A 138 7.04 34.69 -45.90
C THR A 138 7.42 36.07 -46.43
N LYS A 139 8.72 36.26 -46.68
CA LYS A 139 9.24 37.51 -47.21
C LYS A 139 10.09 37.33 -48.47
N GLY A 140 10.63 36.15 -48.72
CA GLY A 140 11.39 35.86 -49.92
C GLY A 140 10.55 35.15 -50.96
N LEU A 141 11.16 34.20 -51.65
CA LEU A 141 10.46 33.45 -52.68
C LEU A 141 9.32 32.65 -52.07
N ALA A 142 8.14 32.72 -52.68
CA ALA A 142 7.00 31.94 -52.21
C ALA A 142 7.12 30.47 -52.61
N ASP A 143 7.70 30.19 -53.78
CA ASP A 143 7.81 28.81 -54.23
C ASP A 143 8.72 27.99 -53.31
N ASP A 144 9.82 28.58 -52.87
CA ASP A 144 10.74 27.87 -51.98
C ASP A 144 10.07 27.49 -50.67
N TYR A 145 9.34 28.43 -50.06
CA TYR A 145 8.66 28.13 -48.82
C TYR A 145 7.53 27.13 -49.04
N PHE A 146 6.87 27.20 -50.20
CA PHE A 146 5.85 26.21 -50.53
C PHE A 146 6.45 24.82 -50.59
N TRP A 147 7.61 24.69 -51.25
CA TRP A 147 8.26 23.38 -51.32
C TRP A 147 8.72 22.92 -49.94
N LYS A 148 9.22 23.84 -49.11
CA LYS A 148 9.60 23.46 -47.75
C LYS A 148 8.40 22.93 -46.98
N LYS A 149 7.25 23.59 -47.09
CA LYS A 149 6.04 23.10 -46.44
C LYS A 149 5.64 21.74 -46.98
N LYS A 150 5.72 21.57 -48.29
CA LYS A 150 5.30 20.31 -48.90
C LYS A 150 6.18 19.16 -48.46
N GLU A 151 7.49 19.41 -48.31
CA GLU A 151 8.40 18.33 -47.95
C GLU A 151 7.99 17.62 -46.67
N LYS A 152 7.36 18.34 -45.74
CA LYS A 152 6.86 17.75 -44.51
C LYS A 152 5.40 17.38 -44.56
N LEU A 153 4.59 18.12 -45.32
CA LEU A 153 3.17 17.80 -45.50
C LEU A 153 2.93 17.02 -46.79
N GLY A 154 3.39 17.55 -47.92
CA GLY A 154 3.25 16.88 -49.19
C GLY A 154 1.85 16.93 -49.76
N ASN A 155 0.95 16.13 -49.20
CA ASN A 155 -0.42 16.03 -49.71
C ASN A 155 -1.45 16.02 -48.60
N SER A 156 -1.06 16.41 -47.38
CA SER A 156 -2.02 16.42 -46.28
C SER A 156 -3.15 17.41 -46.54
N MET A 157 -2.84 18.60 -47.04
CA MET A 157 -3.84 19.63 -47.25
C MET A 157 -3.29 20.65 -48.23
N GLU A 158 -4.19 21.51 -48.71
CA GLU A 158 -3.80 22.60 -49.58
C GLU A 158 -2.93 23.61 -48.83
N LEU A 159 -2.03 24.25 -49.56
CA LEU A 159 -1.11 25.23 -49.01
C LEU A 159 -1.24 26.54 -49.77
N MET A 160 -1.28 27.64 -49.04
CA MET A 160 -1.30 28.98 -49.62
C MET A 160 -0.15 29.79 -49.03
N ILE A 161 0.70 30.34 -49.89
CA ILE A 161 1.88 31.09 -49.47
C ILE A 161 1.76 32.51 -50.00
N PHE A 162 1.94 33.48 -49.11
CA PHE A 162 1.94 34.90 -49.47
C PHE A 162 3.25 35.53 -49.02
N SER A 163 3.79 36.41 -49.86
CA SER A 163 5.03 37.11 -49.56
C SER A 163 4.84 38.60 -49.76
N TYR A 164 5.54 39.39 -48.94
CA TYR A 164 5.42 40.84 -48.99
C TYR A 164 5.92 41.41 -50.32
N ASN A 165 6.71 40.65 -51.07
CA ASN A 165 7.26 41.09 -52.35
C ASN A 165 6.34 40.73 -53.53
N GLN A 166 5.05 40.50 -53.27
CA GLN A 166 4.03 40.17 -54.26
C GLN A 166 4.15 38.72 -54.73
N ASP A 167 5.15 37.97 -54.31
CA ASP A 167 5.30 36.58 -54.73
C ASP A 167 4.43 35.69 -53.86
N TYR A 168 3.71 34.77 -54.50
CA TYR A 168 2.77 33.90 -53.81
C TYR A 168 2.81 32.52 -54.44
N SER A 169 2.22 31.56 -53.74
CA SER A 169 2.15 30.17 -54.23
C SER A 169 0.96 29.49 -53.56
N LEU A 170 -0.08 29.23 -54.35
CA LEU A 170 -1.26 28.53 -53.87
C LEU A 170 -1.14 27.04 -54.15
N SER A 171 -2.17 26.29 -53.75
CA SER A 171 -2.19 24.85 -53.96
C SER A 171 -2.47 24.56 -55.43
N ASN A 172 -2.64 23.28 -55.76
CA ASN A 172 -2.94 22.88 -57.13
C ASN A 172 -4.36 23.24 -57.55
N GLU A 173 -5.21 23.66 -56.61
CA GLU A 173 -6.58 24.03 -56.90
C GLU A 173 -6.76 25.52 -56.68
N SER A 174 -7.24 26.22 -57.69
CA SER A 174 -7.51 27.66 -57.61
C SER A 174 -8.97 27.86 -57.23
N SER A 175 -9.20 28.28 -55.99
CA SER A 175 -10.55 28.47 -55.46
C SER A 175 -10.88 29.94 -55.25
N LEU A 176 -10.07 30.66 -54.48
CA LEU A 176 -10.33 32.07 -54.24
C LEU A 176 -10.10 32.88 -55.51
N ASP A 177 -10.97 33.86 -55.74
CA ASP A 177 -10.79 34.76 -56.86
C ASP A 177 -9.61 35.69 -56.61
N GLU A 178 -9.06 36.24 -57.70
CA GLU A 178 -7.86 37.06 -57.60
C GLU A 178 -8.09 38.35 -56.83
N GLU A 179 -9.34 38.74 -56.60
CA GLU A 179 -9.62 39.95 -55.82
C GLU A 179 -9.07 39.81 -54.40
N GLY A 180 -9.40 38.70 -53.74
CA GLY A 180 -8.92 38.50 -52.38
C GLY A 180 -7.40 38.37 -52.31
N LYS A 181 -6.81 37.67 -53.28
CA LYS A 181 -5.36 37.55 -53.33
C LYS A 181 -4.70 38.92 -53.47
N GLY A 182 -5.24 39.76 -54.37
CA GLY A 182 -4.71 41.09 -54.53
C GLY A 182 -4.86 41.93 -53.28
N ARG A 183 -6.00 41.82 -52.61
CA ARG A 183 -6.20 42.56 -51.37
C ARG A 183 -5.20 42.13 -50.30
N VAL A 184 -4.98 40.83 -50.16
CA VAL A 184 -4.02 40.33 -49.18
C VAL A 184 -2.61 40.81 -49.52
N LEU A 185 -2.23 40.73 -50.79
CA LEU A 185 -0.90 41.18 -51.19
C LEU A 185 -0.73 42.68 -50.93
N SER A 186 -1.76 43.48 -51.22
CA SER A 186 -1.68 44.91 -50.97
C SER A 186 -1.56 45.20 -49.48
N ARG A 187 -2.31 44.47 -48.65
CA ARG A 187 -2.20 44.66 -47.21
C ARG A 187 -0.79 44.34 -46.73
N LEU A 188 -0.22 43.23 -47.21
CA LEU A 188 1.14 42.87 -46.82
C LEU A 188 2.14 43.91 -47.28
N THR A 189 2.00 44.40 -48.51
CA THR A 189 2.92 45.42 -49.02
C THR A 189 2.80 46.70 -48.20
N GLU A 190 1.58 47.10 -47.84
CA GLU A 190 1.40 48.28 -47.01
C GLU A 190 2.09 48.11 -45.66
N LEU A 191 1.89 46.95 -45.02
CA LEU A 191 2.53 46.71 -43.73
C LEU A 191 4.05 46.76 -43.86
N GLN A 192 4.60 46.13 -44.90
CA GLN A 192 6.05 46.12 -45.08
C GLN A 192 6.58 47.52 -45.32
N ALA A 193 5.88 48.31 -46.15
CA ALA A 193 6.33 49.68 -46.42
C ALA A 193 6.31 50.52 -45.15
N GLU A 194 5.23 50.42 -44.36
CA GLU A 194 5.15 51.18 -43.12
C GLU A 194 6.25 50.76 -42.15
N LEU A 195 6.50 49.44 -42.03
CA LEU A 195 7.56 48.98 -41.14
C LEU A 195 8.92 49.48 -41.57
N SER A 196 9.21 49.42 -42.87
CA SER A 196 10.50 49.89 -43.36
C SER A 196 10.65 51.40 -43.15
N LEU A 197 9.57 52.16 -43.35
CA LEU A 197 9.63 53.60 -43.15
C LEU A 197 9.97 53.94 -41.70
N LYS A 198 9.35 53.23 -40.75
CA LYS A 198 9.60 53.45 -39.33
C LYS A 198 10.88 52.77 -38.85
N ASN A 199 11.67 52.19 -39.75
CA ASN A 199 12.89 51.47 -39.40
C ASN A 199 12.62 50.25 -38.53
N LEU A 200 11.40 49.69 -38.63
CA LEU A 200 11.05 48.48 -37.91
C LEU A 200 11.33 47.22 -38.71
N TRP A 201 11.40 47.30 -40.04
CA TRP A 201 11.69 46.12 -40.84
C TRP A 201 13.09 45.60 -40.56
N GLN A 202 14.05 46.49 -40.37
CA GLN A 202 15.40 46.05 -40.05
C GLN A 202 15.44 45.31 -38.72
N VAL A 203 14.70 45.81 -37.72
CA VAL A 203 14.63 45.12 -36.43
C VAL A 203 13.97 43.75 -36.60
N LEU A 204 12.89 43.68 -37.37
CA LEU A 204 12.20 42.42 -37.59
C LEU A 204 13.11 41.40 -38.26
N ILE A 205 13.87 41.83 -39.27
CA ILE A 205 14.74 40.90 -39.99
C ILE A 205 15.78 40.32 -39.04
N GLY A 206 16.28 41.13 -38.12
CA GLY A 206 17.31 40.70 -37.20
C GLY A 206 16.94 39.42 -36.45
N GLU A 207 17.81 38.43 -36.49
CA GLU A 207 17.57 37.14 -35.83
C GLU A 207 17.80 37.32 -34.33
N GLU A 208 16.84 37.99 -33.70
CA GLU A 208 16.93 38.36 -32.29
C GLU A 208 16.70 37.12 -31.44
N ASP A 209 17.77 36.36 -31.24
CA ASP A 209 17.73 35.18 -30.39
C ASP A 209 17.86 35.59 -28.93
N VAL A 210 17.04 34.97 -28.08
CA VAL A 210 17.10 35.15 -26.64
C VAL A 210 17.02 33.78 -25.99
N GLU A 211 18.01 33.46 -25.16
CA GLU A 211 18.03 32.20 -24.43
C GLU A 211 17.33 32.39 -23.10
N LYS A 212 16.34 31.55 -22.82
CA LYS A 212 15.55 31.69 -21.62
C LYS A 212 15.08 30.31 -21.16
N GLY A 213 14.76 30.22 -19.87
CA GLY A 213 14.22 29.01 -19.29
C GLY A 213 13.00 29.32 -18.46
N ILE A 214 13.02 28.91 -17.19
CA ILE A 214 11.94 29.16 -16.25
C ILE A 214 12.36 30.29 -15.31
N ASP A 215 11.47 31.25 -15.13
CA ASP A 215 11.71 32.41 -14.27
C ASP A 215 10.86 32.28 -13.01
N PHE A 216 11.52 32.34 -11.85
CA PHE A 216 10.84 32.24 -10.56
C PHE A 216 11.62 33.09 -9.56
N LYS A 217 11.18 34.33 -9.39
CA LYS A 217 11.85 35.27 -8.49
C LYS A 217 11.27 35.18 -7.09
N LEU A 218 12.09 35.54 -6.11
CA LEU A 218 11.67 35.60 -4.72
C LEU A 218 11.51 37.06 -4.31
N GLY A 219 10.34 37.37 -3.73
CA GLY A 219 10.06 38.73 -3.31
C GLY A 219 10.87 39.16 -2.11
N GLN A 220 10.35 40.11 -1.34
CA GLN A 220 11.07 40.62 -0.17
C GLN A 220 10.71 39.85 1.09
N THR A 221 9.42 39.59 1.31
CA THR A 221 9.00 38.87 2.51
C THR A 221 9.58 37.46 2.54
N ILE A 222 9.48 36.76 1.40
CA ILE A 222 10.01 35.39 1.34
C ILE A 222 11.52 35.41 1.47
N SER A 223 12.17 36.41 0.87
CA SER A 223 13.62 36.52 0.99
C SER A 223 14.04 36.73 2.44
N ARG A 224 13.31 37.58 3.17
CA ARG A 224 13.65 37.81 4.58
C ARG A 224 13.37 36.57 5.42
N LEU A 225 12.27 35.87 5.13
CA LEU A 225 12.00 34.62 5.84
C LEU A 225 13.13 33.62 5.61
N ARG A 226 13.60 33.50 4.37
CA ARG A 226 14.70 32.60 4.08
C ARG A 226 15.99 33.05 4.76
N ASP A 227 16.23 34.36 4.82
CA ASP A 227 17.43 34.86 5.48
C ASP A 227 17.42 34.53 6.97
N ILE A 228 16.27 34.69 7.62
CA ILE A 228 16.16 34.33 9.03
C ILE A 228 15.95 32.85 9.25
N SER A 229 15.79 32.07 8.18
CA SER A 229 15.64 30.63 8.27
C SER A 229 16.95 29.88 8.18
N VAL A 230 18.07 30.58 8.11
CA VAL A 230 19.39 29.94 7.98
C VAL A 230 19.81 29.39 9.34
N PRO A 231 20.69 28.39 9.39
CA PRO A 231 21.22 27.93 10.67
C PRO A 231 22.06 29.00 11.35
N ALA A 232 22.15 28.90 12.68
CA ALA A 232 22.96 29.84 13.44
C ALA A 232 24.40 29.81 12.95
N GLY A 233 24.98 31.00 12.78
CA GLY A 233 26.33 31.16 12.28
C GLY A 233 26.42 31.85 10.94
N PHE A 234 25.29 31.99 10.22
CA PHE A 234 25.26 32.67 8.94
C PHE A 234 24.45 33.94 9.05
N SER A 235 24.92 35.00 8.38
CA SER A 235 24.23 36.28 8.46
C SER A 235 22.96 36.28 7.62
N ASN A 236 22.99 35.67 6.44
CA ASN A 236 21.85 35.64 5.55
C ASN A 236 21.88 34.33 4.76
N PHE A 237 20.96 34.20 3.80
CA PHE A 237 20.88 32.97 3.02
C PHE A 237 21.99 32.86 1.99
N GLU A 238 22.45 33.98 1.44
CA GLU A 238 23.54 33.94 0.48
C GLU A 238 24.78 33.30 1.10
N GLY A 239 25.10 33.69 2.33
CA GLY A 239 26.25 33.10 3.00
C GLY A 239 26.12 31.61 3.20
N MET A 240 24.93 31.15 3.63
CA MET A 240 24.73 29.73 3.83
C MET A 240 24.83 28.96 2.52
N ARG A 241 24.24 29.51 1.45
CA ARG A 241 24.31 28.85 0.15
C ARG A 241 25.76 28.75 -0.33
N SER A 242 26.52 29.84 -0.21
CA SER A 242 27.92 29.80 -0.61
C SER A 242 28.71 28.81 0.23
N TYR A 243 28.45 28.78 1.55
CA TYR A 243 29.15 27.85 2.42
C TYR A 243 28.87 26.41 2.03
N ILE A 244 27.60 26.08 1.77
CA ILE A 244 27.26 24.72 1.37
C ILE A 244 27.91 24.37 0.04
N ASP A 245 27.87 25.31 -0.92
CA ASP A 245 28.41 25.03 -2.25
C ASP A 245 29.93 24.82 -2.21
N ASN A 246 30.63 25.63 -1.42
CA ASN A 246 32.09 25.71 -1.51
C ASN A 246 32.82 24.92 -0.43
N ILE A 247 32.49 25.15 0.85
CA ILE A 247 33.26 24.56 1.93
C ILE A 247 33.20 23.03 1.86
N ASP A 248 34.33 22.40 2.14
CA ASP A 248 34.41 20.94 2.16
C ASP A 248 34.21 20.44 3.58
N PRO A 249 33.14 19.71 3.88
CA PRO A 249 32.87 19.33 5.27
C PRO A 249 33.59 18.06 5.72
N LYS A 250 34.60 17.61 4.96
CA LYS A 250 35.28 16.37 5.28
C LYS A 250 35.85 16.41 6.69
N GLY A 251 35.63 15.34 7.44
CA GLY A 251 36.17 15.21 8.79
C GLY A 251 35.35 15.86 9.87
N ALA A 252 34.20 16.46 9.53
CA ALA A 252 33.39 17.12 10.55
C ALA A 252 32.82 16.13 11.56
N ILE A 253 32.39 14.96 11.09
CA ILE A 253 31.74 13.99 11.98
C ILE A 253 32.73 13.52 13.04
N GLU A 254 33.94 13.15 12.63
CA GLU A 254 34.93 12.69 13.60
C GLU A 254 35.31 13.80 14.56
N ARG A 255 35.45 15.03 14.06
CA ARG A 255 35.78 16.15 14.93
C ARG A 255 34.71 16.34 16.00
N ASN A 256 33.44 16.36 15.59
CA ASN A 256 32.36 16.58 16.55
C ASN A 256 32.23 15.42 17.52
N LEU A 257 32.44 14.18 17.05
CA LEU A 257 32.44 13.04 17.96
C LEU A 257 33.56 13.16 18.98
N ALA A 258 34.74 13.62 18.55
CA ALA A 258 35.83 13.82 19.49
C ALA A 258 35.48 14.88 20.53
N ARG A 259 34.86 15.98 20.11
CA ARG A 259 34.50 17.04 21.04
C ARG A 259 33.11 16.87 21.64
N MET A 260 32.35 15.86 21.21
CA MET A 260 31.08 15.55 21.85
C MET A 260 31.31 14.95 23.23
N SER A 261 30.39 15.23 24.14
CA SER A 261 30.54 14.79 25.51
C SER A 261 30.54 13.27 25.57
N PRO A 262 31.45 12.64 26.34
CA PRO A 262 31.39 11.18 26.47
C PRO A 262 30.12 10.68 27.11
N LEU A 263 29.40 11.52 27.86
CA LEU A 263 28.16 11.09 28.48
C LEU A 263 27.09 10.75 27.46
N VAL A 264 27.27 11.19 26.20
CA VAL A 264 26.33 10.86 25.14
C VAL A 264 26.70 9.50 24.57
N SER A 265 26.17 8.44 25.18
CA SER A 265 26.44 7.08 24.76
C SER A 265 25.15 6.30 24.76
N VAL A 266 25.09 5.27 23.91
CA VAL A 266 23.91 4.42 23.84
C VAL A 266 23.85 3.44 25.01
N THR A 267 24.87 3.42 25.86
CA THR A 267 24.90 2.61 27.06
C THR A 267 24.51 1.15 26.78
N PRO A 268 25.24 0.47 25.90
CA PRO A 268 24.93 -0.93 25.62
C PRO A 268 25.12 -1.80 26.85
N LYS A 269 24.26 -2.81 26.98
CA LYS A 269 24.28 -3.71 28.13
C LYS A 269 23.87 -5.10 27.68
N LYS A 270 24.79 -6.06 27.80
CA LYS A 270 24.47 -7.43 27.46
C LYS A 270 23.28 -7.89 28.28
N LEU A 271 22.27 -8.45 27.61
CA LEU A 271 21.04 -8.85 28.25
C LEU A 271 21.18 -10.25 28.82
N THR A 272 20.82 -10.42 30.08
CA THR A 272 20.78 -11.72 30.73
C THR A 272 19.40 -11.92 31.34
N TRP A 273 19.05 -13.19 31.55
CA TRP A 273 17.74 -13.50 32.11
C TRP A 273 17.53 -12.81 33.45
N GLU A 274 18.60 -12.60 34.21
CA GLU A 274 18.46 -11.92 35.49
C GLU A 274 18.01 -10.48 35.31
N ASP A 275 18.37 -9.85 34.18
CA ASP A 275 17.97 -8.48 33.94
C ASP A 275 16.47 -8.36 33.65
N LEU A 276 15.81 -9.45 33.27
CA LEU A 276 14.38 -9.43 32.94
C LEU A 276 13.59 -9.61 34.22
N ARG A 277 13.40 -8.50 34.93
CA ARG A 277 12.57 -8.49 36.11
C ARG A 277 11.10 -8.64 35.73
N PRO A 278 10.27 -9.12 36.64
CA PRO A 278 8.82 -9.19 36.35
C PRO A 278 8.27 -7.82 36.02
N ILE A 279 7.33 -7.78 35.08
CA ILE A 279 6.76 -6.53 34.60
C ILE A 279 5.58 -6.17 35.49
N GLY A 280 5.50 -4.88 35.84
CA GLY A 280 4.38 -4.37 36.61
C GLY A 280 4.27 -5.02 37.97
N PRO A 281 5.26 -4.79 38.82
CA PRO A 281 5.21 -5.38 40.17
C PRO A 281 4.02 -4.91 40.98
N HIS A 282 3.51 -3.71 40.72
CA HIS A 282 2.42 -3.17 41.52
C HIS A 282 1.16 -4.04 41.47
N ILE A 283 0.98 -4.82 40.40
CA ILE A 283 -0.20 -5.67 40.31
C ILE A 283 -0.17 -6.77 41.38
N TYR A 284 0.98 -7.01 41.99
CA TYR A 284 1.08 -7.92 43.12
C TYR A 284 0.89 -7.22 44.45
N ASN A 285 0.63 -5.92 44.44
CA ASN A 285 0.46 -5.15 45.67
C ASN A 285 -0.94 -5.40 46.22
N HIS A 286 -1.03 -6.13 47.33
CA HIS A 286 -2.31 -6.42 47.94
C HIS A 286 -2.96 -5.19 48.55
N GLU A 287 -2.25 -4.08 48.66
CA GLU A 287 -2.84 -2.83 49.12
C GLU A 287 -3.70 -2.17 48.05
N LEU A 288 -3.65 -2.66 46.80
CA LEU A 288 -4.47 -2.14 45.72
C LEU A 288 -5.73 -2.98 45.55
N PRO A 289 -6.82 -2.38 45.09
CA PRO A 289 -8.04 -3.16 44.86
C PRO A 289 -7.89 -4.10 43.67
N GLU A 290 -8.57 -5.24 43.76
CA GLU A 290 -8.62 -6.15 42.62
C GLU A 290 -9.30 -5.46 41.45
N VAL A 291 -8.80 -5.72 40.25
CA VAL A 291 -9.35 -5.10 39.05
C VAL A 291 -10.79 -5.60 38.92
N PRO A 292 -11.78 -4.71 38.88
CA PRO A 292 -13.17 -5.17 38.83
C PRO A 292 -13.57 -5.65 37.44
N TYR A 293 -14.63 -6.45 37.43
CA TYR A 293 -15.20 -6.91 36.17
C TYR A 293 -15.88 -5.75 35.47
N ASN A 294 -15.34 -5.35 34.32
CA ASN A 294 -15.84 -4.20 33.58
C ASN A 294 -16.24 -4.54 32.16
N ALA A 295 -16.36 -5.83 31.83
CA ALA A 295 -16.79 -6.21 30.50
C ALA A 295 -18.24 -5.81 30.27
N PHE A 296 -18.60 -5.62 29.00
CA PHE A 296 -19.94 -5.15 28.68
C PHE A 296 -21.00 -6.16 29.10
N LEU A 297 -20.73 -7.44 28.92
CA LEU A 297 -21.65 -8.51 29.30
C LEU A 297 -20.90 -9.58 30.09
N LEU A 298 -21.67 -10.38 30.82
CA LEU A 298 -21.07 -11.50 31.55
C LEU A 298 -20.57 -12.55 30.57
N MET A 299 -19.32 -12.98 30.75
CA MET A 299 -18.71 -13.94 29.82
C MET A 299 -18.88 -15.37 30.30
N SER A 300 -18.34 -15.70 31.47
CA SER A 300 -18.45 -17.05 32.02
C SER A 300 -19.57 -17.18 33.04
N ASP A 301 -19.99 -16.09 33.67
CA ASP A 301 -21.08 -16.10 34.62
C ASP A 301 -22.45 -16.00 33.95
N GLU A 302 -22.49 -15.91 32.62
CA GLU A 302 -23.75 -15.77 31.92
C GLU A 302 -24.65 -16.97 32.19
N LEU A 303 -25.93 -16.69 32.44
CA LEU A 303 -26.96 -17.72 32.56
C LEU A 303 -27.98 -17.46 31.47
N GLY A 304 -27.99 -18.32 30.46
CA GLY A 304 -28.95 -18.19 29.39
C GLY A 304 -30.14 -19.11 29.59
N LEU A 305 -31.31 -18.52 29.80
CA LEU A 305 -32.54 -19.30 29.86
C LEU A 305 -32.80 -19.90 28.49
N ALA A 306 -32.94 -21.22 28.42
CA ALA A 306 -33.02 -21.95 27.16
C ALA A 306 -34.47 -22.25 26.83
N ASN A 307 -34.87 -21.96 25.58
CA ASN A 307 -36.21 -22.26 25.10
C ASN A 307 -36.10 -22.98 23.77
N MET A 308 -36.55 -24.24 23.73
CA MET A 308 -36.54 -24.99 22.50
C MET A 308 -37.44 -24.32 21.47
N THR A 309 -36.94 -24.22 20.24
CA THR A 309 -37.61 -23.49 19.17
C THR A 309 -38.35 -24.46 18.25
N GLU A 310 -38.91 -23.91 17.16
CA GLU A 310 -39.59 -24.68 16.13
C GLU A 310 -39.13 -24.25 14.75
N GLY A 311 -37.89 -23.78 14.63
CA GLY A 311 -37.41 -23.27 13.35
C GLY A 311 -38.21 -22.10 12.84
N LYS A 312 -38.57 -21.16 13.72
CA LYS A 312 -39.37 -20.01 13.34
C LYS A 312 -38.96 -18.85 14.24
N SER A 313 -38.05 -18.02 13.74
CA SER A 313 -37.58 -16.84 14.46
C SER A 313 -38.51 -15.68 14.14
N LYS A 314 -39.39 -15.34 15.09
CA LYS A 314 -40.34 -14.26 14.85
C LYS A 314 -39.71 -12.90 15.10
N LYS A 315 -39.33 -12.62 16.35
CA LYS A 315 -38.77 -11.34 16.74
C LYS A 315 -38.02 -11.52 18.05
N PRO A 316 -37.02 -10.66 18.32
CA PRO A 316 -36.36 -10.74 19.63
C PRO A 316 -37.31 -10.49 20.79
N LYS A 317 -38.28 -9.59 20.62
CA LYS A 317 -39.23 -9.31 21.70
C LYS A 317 -40.07 -10.54 22.00
N THR A 318 -40.62 -11.18 20.97
CA THR A 318 -41.43 -12.38 21.18
C THR A 318 -40.57 -13.53 21.68
N LEU A 319 -39.33 -13.62 21.21
CA LEU A 319 -38.43 -14.65 21.71
C LEU A 319 -38.20 -14.50 23.21
N ALA A 320 -37.89 -13.29 23.65
CA ALA A 320 -37.70 -13.04 25.08
C ALA A 320 -38.98 -13.30 25.85
N LYS A 321 -40.13 -12.90 25.30
CA LYS A 321 -41.40 -13.13 25.98
C LYS A 321 -41.65 -14.62 26.19
N GLU A 322 -41.44 -15.43 25.14
CA GLU A 322 -41.64 -16.87 25.27
C GLU A 322 -40.65 -17.47 26.25
N CYS A 323 -39.40 -17.03 26.21
CA CYS A 323 -38.40 -17.58 27.11
C CYS A 323 -38.73 -17.27 28.56
N LEU A 324 -39.18 -16.04 28.84
CA LEU A 324 -39.61 -15.70 30.19
C LEU A 324 -40.86 -16.47 30.59
N GLU A 325 -41.78 -16.68 29.65
CA GLU A 325 -42.99 -17.45 29.95
C GLU A 325 -42.65 -18.87 30.35
N LYS A 326 -41.68 -19.49 29.67
CA LYS A 326 -41.25 -20.82 30.07
C LYS A 326 -40.75 -20.81 31.50
N TYR A 327 -39.91 -19.84 31.85
CA TYR A 327 -39.44 -19.66 33.21
C TYR A 327 -40.29 -18.64 33.94
N SER A 328 -41.58 -18.95 34.04
CA SER A 328 -42.54 -18.02 34.64
C SER A 328 -42.21 -17.70 36.08
N THR A 329 -41.47 -18.57 36.77
CA THR A 329 -41.09 -18.30 38.15
C THR A 329 -40.22 -17.06 38.24
N LEU A 330 -39.28 -16.91 37.31
CA LEU A 330 -38.39 -15.75 37.33
C LEU A 330 -39.11 -14.50 36.86
N ARG A 331 -39.96 -14.64 35.83
CA ARG A 331 -40.65 -13.47 35.28
C ARG A 331 -41.55 -12.81 36.31
N ASP A 332 -42.30 -13.63 37.07
CA ASP A 332 -43.30 -13.10 37.99
C ASP A 332 -42.71 -12.64 39.31
N GLN A 333 -41.41 -12.85 39.55
CA GLN A 333 -40.79 -12.39 40.78
C GLN A 333 -40.85 -10.87 40.87
N THR A 334 -41.65 -10.36 41.79
CA THR A 334 -41.75 -8.92 42.03
C THR A 334 -41.14 -8.53 43.36
N ASP A 335 -40.50 -9.46 44.07
CA ASP A 335 -39.90 -9.18 45.36
C ASP A 335 -38.40 -9.00 45.19
N PRO A 336 -37.86 -7.79 45.34
CA PRO A 336 -36.40 -7.59 45.19
C PRO A 336 -35.65 -8.09 46.41
N ILE A 337 -34.96 -9.22 46.25
CA ILE A 337 -34.06 -9.73 47.29
C ILE A 337 -32.67 -9.20 46.93
N LEU A 338 -32.37 -7.99 47.39
CA LEU A 338 -31.09 -7.37 47.09
C LEU A 338 -29.96 -8.17 47.74
N ILE A 339 -29.02 -8.62 46.91
CA ILE A 339 -27.86 -9.35 47.38
C ILE A 339 -26.63 -8.46 47.47
N MET A 340 -26.37 -7.69 46.42
CA MET A 340 -25.24 -6.77 46.38
C MET A 340 -25.67 -5.48 45.70
N LYS A 341 -25.04 -4.38 46.08
CA LYS A 341 -25.39 -3.07 45.55
C LYS A 341 -24.13 -2.30 45.17
N SER A 342 -24.15 -1.69 44.00
CA SER A 342 -23.10 -0.75 43.62
C SER A 342 -23.29 0.56 44.39
N GLU A 343 -22.17 1.16 44.80
CA GLU A 343 -22.24 2.25 45.76
C GLU A 343 -23.10 3.41 45.25
N LYS A 344 -22.97 3.75 43.97
CA LYS A 344 -23.68 4.89 43.40
C LYS A 344 -24.96 4.49 42.68
N ALA A 345 -25.34 3.23 42.72
CA ALA A 345 -26.56 2.77 42.08
C ALA A 345 -27.76 3.04 42.98
N ASN A 346 -28.95 2.72 42.47
CA ASN A 346 -30.21 2.88 43.19
C ASN A 346 -30.98 1.58 43.01
N GLU A 347 -30.82 0.66 43.97
CA GLU A 347 -31.43 -0.65 43.84
C GLU A 347 -32.93 -0.55 43.58
N ASN A 348 -33.59 0.45 44.19
CA ASN A 348 -35.02 0.62 43.96
C ASN A 348 -35.30 0.93 42.49
N PHE A 349 -34.59 1.92 41.94
CA PHE A 349 -34.79 2.27 40.54
C PHE A 349 -34.37 1.14 39.62
N LEU A 350 -33.28 0.45 39.95
CA LEU A 350 -32.84 -0.64 39.10
C LEU A 350 -33.88 -1.76 39.06
N TRP A 351 -34.46 -2.11 40.21
CA TRP A 351 -35.49 -3.14 40.22
C TRP A 351 -36.75 -2.67 39.51
N LYS A 352 -37.12 -1.40 39.69
CA LYS A 352 -38.28 -0.88 38.97
C LYS A 352 -38.06 -0.94 37.47
N LEU A 353 -36.86 -0.62 37.01
CA LEU A 353 -36.56 -0.70 35.58
C LEU A 353 -36.57 -2.15 35.10
N TRP A 354 -36.05 -3.07 35.90
CA TRP A 354 -36.11 -4.48 35.51
C TRP A 354 -37.55 -4.95 35.39
N ARG A 355 -38.40 -4.56 36.34
CA ARG A 355 -39.81 -4.95 36.27
C ARG A 355 -40.49 -4.31 35.06
N ASP A 356 -40.17 -3.05 34.76
CA ASP A 356 -40.75 -2.40 33.61
C ASP A 356 -40.34 -3.11 32.32
N CYS A 357 -39.07 -3.49 32.21
CA CYS A 357 -38.61 -4.21 31.04
C CYS A 357 -39.30 -5.57 30.93
N VAL A 358 -39.45 -6.27 32.05
CA VAL A 358 -40.13 -7.56 32.01
C VAL A 358 -41.57 -7.40 31.56
N ASN A 359 -42.26 -6.38 32.07
CA ASN A 359 -43.64 -6.14 31.66
C ASN A 359 -43.71 -5.79 30.18
N THR A 360 -42.79 -4.96 29.69
CA THR A 360 -42.79 -4.59 28.28
C THR A 360 -42.55 -5.80 27.39
N ILE A 361 -41.61 -6.66 27.78
CA ILE A 361 -41.37 -7.87 27.01
C ILE A 361 -42.57 -8.80 27.05
N SER A 362 -43.24 -8.86 28.19
CA SER A 362 -44.35 -9.79 28.38
C SER A 362 -45.68 -9.29 27.84
N ASN A 363 -45.79 -8.01 27.50
CA ASN A 363 -47.06 -7.48 27.05
C ASN A 363 -47.39 -8.00 25.65
N GLU A 364 -48.67 -7.86 25.28
CA GLU A 364 -49.12 -8.28 23.96
C GLU A 364 -48.69 -7.32 22.86
N GLU A 365 -48.26 -6.12 23.20
CA GLU A 365 -47.87 -5.14 22.20
C GLU A 365 -46.60 -5.59 21.47
N MET A 366 -46.35 -4.96 20.32
CA MET A 366 -45.19 -5.25 19.51
C MET A 366 -44.07 -4.23 19.69
N SER A 367 -44.22 -3.27 20.60
CA SER A 367 -43.24 -2.21 20.81
C SER A 367 -42.49 -2.48 22.11
N ASN A 368 -41.16 -2.46 22.03
CA ASN A 368 -40.30 -2.67 23.18
C ASN A 368 -39.89 -1.34 23.83
N GLU A 369 -40.65 -0.28 23.60
CA GLU A 369 -40.33 1.01 24.17
C GLU A 369 -40.64 1.05 25.66
N LEU A 370 -39.95 1.92 26.37
CA LEU A 370 -40.17 2.17 27.78
C LEU A 370 -40.55 3.63 27.99
N GLN A 371 -41.48 3.88 28.90
CA GLN A 371 -41.83 5.24 29.26
C GLN A 371 -40.70 5.89 30.03
N LYS A 372 -40.47 7.18 29.77
CA LYS A 372 -39.38 7.91 30.42
C LYS A 372 -39.78 8.23 31.87
N THR A 373 -39.85 7.18 32.68
CA THR A 373 -40.14 7.32 34.09
C THR A 373 -38.89 7.79 34.84
N ASN A 374 -39.10 8.17 36.10
CA ASN A 374 -37.99 8.71 36.89
C ASN A 374 -36.87 7.69 37.04
N TYR A 375 -37.22 6.44 37.34
CA TYR A 375 -36.20 5.41 37.47
C TYR A 375 -35.51 5.14 36.15
N ALA A 376 -36.28 5.10 35.05
CA ALA A 376 -35.68 4.92 33.74
C ALA A 376 -34.75 6.08 33.39
N LYS A 377 -35.19 7.31 33.68
CA LYS A 377 -34.35 8.47 33.40
C LYS A 377 -33.05 8.40 34.18
N TRP A 378 -33.13 8.07 35.47
CA TRP A 378 -31.91 7.96 36.26
C TRP A 378 -31.00 6.86 35.73
N ALA A 379 -31.57 5.69 35.42
CA ALA A 379 -30.75 4.56 34.99
C ALA A 379 -30.05 4.87 33.67
N THR A 380 -30.78 5.43 32.71
CA THR A 380 -30.15 5.78 31.44
C THR A 380 -29.28 7.03 31.58
N GLY A 381 -29.72 7.99 32.38
CA GLY A 381 -29.00 9.25 32.51
C GLY A 381 -29.66 10.32 31.66
N ASP A 382 -30.41 11.21 32.28
CA ASP A 382 -31.21 12.21 31.57
C ASP A 382 -30.83 13.59 32.05
N GLY A 383 -30.59 14.50 31.10
CA GLY A 383 -30.24 15.87 31.44
C GLY A 383 -28.96 16.01 32.21
N LEU A 384 -28.12 14.96 32.25
CA LEU A 384 -26.88 15.02 32.99
C LEU A 384 -25.80 15.82 32.27
N THR A 385 -25.86 15.92 30.95
CA THR A 385 -24.86 16.70 30.23
C THR A 385 -24.91 18.15 30.68
N TYR A 386 -23.73 18.72 30.94
CA TYR A 386 -23.66 20.10 31.37
C TYR A 386 -24.19 21.02 30.27
N GLN A 387 -24.92 22.05 30.68
CA GLN A 387 -25.42 23.03 29.73
C GLN A 387 -24.29 23.98 29.35
N LYS A 388 -24.15 24.23 28.05
CA LYS A 388 -23.03 25.01 27.54
C LYS A 388 -23.40 26.49 27.53
N ILE A 389 -22.60 27.30 28.21
CA ILE A 389 -22.84 28.72 28.32
C ILE A 389 -21.78 29.46 27.50
N MET A 390 -22.04 30.74 27.24
CA MET A 390 -21.10 31.55 26.47
C MET A 390 -19.79 31.68 27.24
N LYS A 391 -18.70 31.75 26.48
CA LYS A 391 -17.37 31.75 27.10
C LYS A 391 -17.16 33.00 27.97
N GLU A 392 -17.84 34.10 27.66
CA GLU A 392 -17.65 35.32 28.43
C GLU A 392 -18.08 35.12 29.87
N VAL A 393 -19.25 34.51 30.08
CA VAL A 393 -19.76 34.30 31.43
C VAL A 393 -18.84 33.38 32.21
N ALA A 394 -18.39 32.28 31.58
CA ALA A 394 -17.50 31.35 32.26
C ALA A 394 -16.18 32.02 32.63
N ILE A 395 -15.63 32.81 31.71
CA ILE A 395 -14.38 33.52 31.99
C ILE A 395 -14.56 34.46 33.16
N ASP A 396 -15.66 35.22 33.16
CA ASP A 396 -15.92 36.14 34.26
C ASP A 396 -16.31 35.42 35.54
N ASP A 397 -16.64 34.13 35.46
CA ASP A 397 -17.07 33.36 36.62
C ASP A 397 -15.88 32.55 37.14
N GLU A 398 -15.33 32.98 38.27
CA GLU A 398 -14.18 32.29 38.85
C GLU A 398 -14.53 30.87 39.29
N THR A 399 -15.81 30.56 39.46
CA THR A 399 -16.20 29.24 39.95
C THR A 399 -15.91 28.14 38.95
N MET A 400 -15.84 28.45 37.66
CA MET A 400 -15.65 27.44 36.62
C MET A 400 -14.15 27.20 36.41
N CYS A 401 -13.76 25.93 36.47
CA CYS A 401 -12.38 25.53 36.29
C CYS A 401 -12.32 24.27 35.44
N GLN A 402 -11.15 24.04 34.84
CA GLN A 402 -10.92 22.81 34.07
C GLN A 402 -10.72 21.66 35.05
N GLU A 403 -11.64 20.70 35.03
CA GLU A 403 -11.59 19.61 36.00
C GLU A 403 -10.43 18.66 35.69
N GLU A 404 -9.83 18.12 36.74
CA GLU A 404 -8.75 17.16 36.57
C GLU A 404 -9.27 15.93 35.83
N PRO A 405 -8.56 15.44 34.81
CA PRO A 405 -8.98 14.18 34.18
C PRO A 405 -8.94 13.04 35.18
N LYS A 406 -9.91 12.13 35.05
CA LYS A 406 -9.95 10.93 35.89
C LYS A 406 -8.96 9.93 35.35
N ILE A 407 -7.84 9.75 36.04
CA ILE A 407 -6.84 8.76 35.61
C ILE A 407 -7.37 7.36 35.90
N PRO A 408 -7.15 6.38 35.03
CA PRO A 408 -7.55 5.01 35.36
C PRO A 408 -6.90 4.54 36.65
N ASN A 409 -7.69 3.89 37.50
CA ASN A 409 -7.20 3.43 38.79
C ASN A 409 -6.15 2.35 38.62
N LYS A 410 -5.26 2.25 39.60
CA LYS A 410 -4.27 1.17 39.65
C LYS A 410 -4.85 0.02 40.47
N CYS A 411 -5.10 -1.11 39.80
CA CYS A 411 -5.69 -2.28 40.42
C CYS A 411 -4.71 -3.44 40.39
N ARG A 412 -4.87 -4.36 41.34
CA ARG A 412 -3.99 -5.52 41.43
C ARG A 412 -4.61 -6.69 40.65
N VAL A 413 -3.88 -7.80 40.62
CA VAL A 413 -4.36 -8.98 39.92
C VAL A 413 -5.61 -9.51 40.61
N ALA A 414 -6.66 -9.74 39.83
CA ALA A 414 -7.90 -10.31 40.32
C ALA A 414 -8.01 -11.75 39.82
N ALA A 415 -8.27 -12.67 40.74
CA ALA A 415 -8.26 -14.09 40.40
C ALA A 415 -9.35 -14.45 39.40
N TRP A 416 -10.35 -13.59 39.20
CA TRP A 416 -11.45 -13.94 38.31
C TRP A 416 -11.05 -13.92 36.84
N VAL A 417 -9.97 -13.24 36.48
CA VAL A 417 -9.55 -13.22 35.08
C VAL A 417 -9.01 -14.59 34.69
N GLN A 418 -8.25 -15.23 35.58
CA GLN A 418 -7.79 -16.58 35.31
C GLN A 418 -8.98 -17.53 35.19
N THR A 419 -9.99 -17.36 36.04
CA THR A 419 -11.19 -18.20 35.95
C THR A 419 -11.91 -17.99 34.63
N GLU A 420 -12.01 -16.73 34.19
CA GLU A 420 -12.64 -16.45 32.90
C GLU A 420 -11.86 -17.12 31.76
N MET A 421 -10.53 -17.04 31.80
CA MET A 421 -9.73 -17.69 30.76
C MET A 421 -9.94 -19.19 30.79
N ASN A 422 -9.98 -19.79 31.97
CA ASN A 422 -10.16 -21.23 32.08
C ASN A 422 -11.53 -21.66 31.57
N LEU A 423 -12.59 -20.94 31.93
CA LEU A 423 -13.94 -21.35 31.58
C LEU A 423 -14.26 -21.07 30.12
N LEU A 424 -13.79 -19.95 29.58
CA LEU A 424 -14.09 -19.63 28.19
C LEU A 424 -13.38 -20.57 27.23
N SER A 425 -12.24 -21.13 27.64
CA SER A 425 -11.54 -22.10 26.81
C SER A 425 -12.13 -23.50 26.90
N THR A 426 -12.97 -23.76 27.89
CA THR A 426 -13.51 -25.10 28.09
C THR A 426 -14.55 -25.43 27.02
N LEU A 427 -14.67 -26.72 26.72
CA LEU A 427 -15.64 -27.18 25.73
C LEU A 427 -17.01 -27.30 26.37
N THR A 428 -17.99 -26.59 25.83
CA THR A 428 -19.38 -26.75 26.23
C THR A 428 -20.04 -27.78 25.33
N SER A 429 -21.37 -27.92 25.44
CA SER A 429 -22.12 -28.83 24.61
C SER A 429 -22.94 -28.13 23.54
N LYS A 430 -22.84 -26.81 23.43
CA LYS A 430 -23.70 -26.02 22.56
C LYS A 430 -22.88 -25.28 21.51
N ARG A 431 -23.48 -25.09 20.35
CA ARG A 431 -22.88 -24.33 19.25
C ARG A 431 -23.63 -23.02 19.08
N ALA A 432 -22.88 -21.91 19.03
CA ALA A 432 -23.46 -20.61 18.76
C ALA A 432 -23.11 -20.05 17.40
N LEU A 433 -22.02 -20.51 16.79
CA LEU A 433 -21.61 -19.98 15.48
C LEU A 433 -22.67 -20.27 14.43
N ASP A 434 -22.97 -19.27 13.62
CA ASP A 434 -23.94 -19.35 12.55
C ASP A 434 -23.27 -19.17 11.20
N LEU A 435 -22.14 -19.85 11.00
CA LEU A 435 -21.35 -19.65 9.80
C LEU A 435 -22.17 -19.98 8.56
N PRO A 436 -22.27 -19.07 7.59
CA PRO A 436 -23.07 -19.36 6.39
C PRO A 436 -22.38 -20.39 5.49
N GLU A 437 -23.16 -20.90 4.54
CA GLU A 437 -22.65 -21.88 3.60
C GLU A 437 -21.50 -21.31 2.78
N ILE A 438 -20.72 -22.23 2.21
CA ILE A 438 -19.62 -21.89 1.31
C ILE A 438 -19.76 -22.74 0.07
N GLY A 439 -19.42 -22.15 -1.08
CA GLY A 439 -19.55 -22.84 -2.35
C GLY A 439 -18.92 -24.22 -2.33
N PRO A 440 -19.42 -25.12 -3.16
CA PRO A 440 -18.89 -26.49 -3.16
C PRO A 440 -17.42 -26.52 -3.55
N ASP A 441 -16.69 -27.45 -2.94
CA ASP A 441 -15.27 -27.61 -3.23
C ASP A 441 -15.06 -28.28 -4.58
N VAL A 442 -14.04 -27.82 -5.30
CA VAL A 442 -13.66 -28.44 -6.57
C VAL A 442 -12.18 -28.79 -6.52
N ALA A 443 -11.34 -27.81 -6.24
CA ALA A 443 -9.91 -28.03 -6.21
C ALA A 443 -9.52 -28.82 -4.96
N PRO A 444 -8.43 -29.59 -5.02
CA PRO A 444 -7.97 -30.27 -3.81
C PRO A 444 -7.63 -29.31 -2.68
N VAL A 445 -7.23 -28.08 -3.00
CA VAL A 445 -6.97 -27.09 -1.95
C VAL A 445 -8.25 -26.80 -1.17
N GLU A 446 -9.37 -26.68 -1.87
CA GLU A 446 -10.63 -26.42 -1.21
C GLU A 446 -11.04 -27.60 -0.32
N HIS A 447 -10.84 -28.83 -0.80
CA HIS A 447 -11.17 -29.98 0.01
C HIS A 447 -10.30 -30.06 1.25
N VAL A 448 -9.00 -29.77 1.10
CA VAL A 448 -8.10 -29.74 2.26
C VAL A 448 -8.56 -28.67 3.24
N GLY A 449 -8.93 -27.50 2.73
CA GLY A 449 -9.42 -26.45 3.61
C GLY A 449 -10.67 -26.85 4.36
N SER A 450 -11.61 -27.51 3.67
CA SER A 450 -12.83 -27.94 4.34
C SER A 450 -12.54 -28.99 5.40
N GLU A 451 -11.68 -29.97 5.09
CA GLU A 451 -11.32 -30.98 6.07
C GLU A 451 -10.70 -30.34 7.30
N ARG A 452 -9.77 -29.39 7.09
CA ARG A 452 -9.15 -28.71 8.22
C ARG A 452 -10.15 -27.88 9.00
N ARG A 453 -11.05 -27.19 8.30
CA ARG A 453 -12.09 -26.42 8.96
C ARG A 453 -12.95 -27.31 9.86
N LYS A 454 -13.23 -28.53 9.41
CA LYS A 454 -14.04 -29.41 10.26
C LYS A 454 -13.44 -29.51 11.65
N TYR A 455 -12.14 -29.86 11.73
CA TYR A 455 -11.48 -29.98 13.03
C TYR A 455 -11.45 -28.64 13.75
N PHE A 456 -11.01 -27.58 13.07
CA PHE A 456 -10.81 -26.30 13.74
C PHE A 456 -12.12 -25.77 14.33
N VAL A 457 -13.20 -25.80 13.54
CA VAL A 457 -14.47 -25.28 14.00
C VAL A 457 -15.07 -26.20 15.06
N ASN A 458 -15.01 -27.52 14.84
CA ASN A 458 -15.53 -28.43 15.86
C ASN A 458 -14.82 -28.22 17.20
N GLU A 459 -13.58 -27.74 17.17
CA GLU A 459 -12.91 -27.38 18.41
C GLU A 459 -13.40 -26.04 18.95
N ILE A 460 -13.40 -25.01 18.11
CA ILE A 460 -13.81 -23.68 18.58
C ILE A 460 -15.31 -23.64 18.82
N ASN A 461 -16.11 -24.20 17.90
CA ASN A 461 -17.55 -23.99 17.93
C ASN A 461 -18.15 -24.47 19.25
N TYR A 462 -17.67 -25.59 19.77
CA TYR A 462 -18.17 -26.14 21.02
C TYR A 462 -17.37 -25.62 22.22
N CYS A 463 -17.21 -24.30 22.32
CA CYS A 463 -16.52 -23.70 23.44
C CYS A 463 -17.29 -22.48 23.93
N LYS A 464 -17.21 -22.24 25.24
CA LYS A 464 -17.96 -21.14 25.84
C LYS A 464 -17.56 -19.80 25.24
N ALA A 465 -16.30 -19.65 24.83
CA ALA A 465 -15.86 -18.39 24.24
C ALA A 465 -16.64 -18.08 22.97
N SER A 466 -16.93 -19.10 22.16
CA SER A 466 -17.71 -18.87 20.95
C SER A 466 -19.11 -18.39 21.27
N THR A 467 -19.74 -18.99 22.30
CA THR A 467 -21.07 -18.54 22.70
C THR A 467 -21.04 -17.10 23.18
N VAL A 468 -20.03 -16.74 23.98
CA VAL A 468 -19.92 -15.37 24.45
C VAL A 468 -19.71 -14.42 23.28
N MET A 469 -18.85 -14.80 22.33
CA MET A 469 -18.61 -13.94 21.17
C MET A 469 -19.88 -13.73 20.37
N MET A 470 -20.66 -14.80 20.15
CA MET A 470 -21.89 -14.65 19.39
C MET A 470 -22.91 -13.81 20.15
N LYS A 471 -22.97 -13.96 21.47
CA LYS A 471 -23.85 -13.11 22.27
C LYS A 471 -23.47 -11.64 22.09
N TYR A 472 -22.17 -11.35 22.18
CA TYR A 472 -21.70 -9.97 22.00
C TYR A 472 -22.07 -9.46 20.61
N VAL A 473 -21.84 -10.27 19.58
CA VAL A 473 -22.09 -9.82 18.21
C VAL A 473 -23.56 -9.52 18.02
N LEU A 474 -24.43 -10.46 18.41
CA LEU A 474 -25.86 -10.27 18.20
C LEU A 474 -26.37 -9.09 19.02
N PHE A 475 -25.93 -8.95 20.26
CA PHE A 475 -26.40 -7.84 21.08
C PHE A 475 -25.94 -6.51 20.51
N HIS A 476 -24.70 -6.42 20.04
CA HIS A 476 -24.24 -5.16 19.48
C HIS A 476 -24.95 -4.83 18.17
N THR A 477 -25.24 -5.85 17.37
CA THR A 477 -26.04 -5.62 16.16
C THR A 477 -27.40 -5.05 16.52
N SER A 478 -28.10 -5.70 17.45
CA SER A 478 -29.42 -5.22 17.84
C SER A 478 -29.34 -3.84 18.47
N LEU A 479 -28.30 -3.58 19.25
CA LEU A 479 -28.16 -2.29 19.91
C LEU A 479 -27.92 -1.17 18.91
N LEU A 480 -27.06 -1.42 17.91
CA LEU A 480 -26.85 -0.41 16.87
C LEU A 480 -28.15 -0.17 16.09
N ASN A 481 -28.86 -1.25 15.75
CA ASN A 481 -30.12 -1.09 15.02
C ASN A 481 -31.11 -0.26 15.82
N GLU A 482 -31.24 -0.54 17.12
CA GLU A 482 -32.18 0.22 17.94
C GLU A 482 -31.73 1.65 18.14
N SER A 483 -30.42 1.87 18.31
CA SER A 483 -29.92 3.23 18.49
C SER A 483 -30.20 4.09 17.28
N ASN A 484 -30.00 3.56 16.08
CA ASN A 484 -30.29 4.35 14.89
C ASN A 484 -31.79 4.44 14.63
N ALA A 485 -32.55 3.37 14.90
CA ALA A 485 -33.98 3.40 14.66
C ALA A 485 -34.74 4.23 15.69
N SER A 486 -34.30 4.19 16.95
CA SER A 486 -34.96 4.91 18.04
C SER A 486 -33.92 5.74 18.77
N MET A 487 -33.71 6.98 18.31
CA MET A 487 -32.76 7.86 18.97
C MET A 487 -33.34 8.49 20.23
N GLY A 488 -34.66 8.75 20.25
CA GLY A 488 -35.28 9.44 21.35
C GLY A 488 -36.28 8.61 22.10
N LYS A 489 -35.99 7.32 22.30
CA LYS A 489 -36.89 6.42 22.99
C LYS A 489 -36.08 5.41 23.78
N TYR A 490 -36.60 5.05 24.96
CA TYR A 490 -36.00 4.01 25.78
C TYR A 490 -36.52 2.66 25.29
N LYS A 491 -35.62 1.84 24.77
CA LYS A 491 -35.97 0.55 24.19
C LYS A 491 -35.45 -0.59 25.05
N VAL A 492 -36.22 -1.66 25.12
CA VAL A 492 -35.80 -2.89 25.76
C VAL A 492 -35.24 -3.80 24.69
N ILE A 493 -33.95 -4.14 24.81
CA ILE A 493 -33.25 -4.96 23.85
C ILE A 493 -32.83 -6.25 24.56
N PRO A 494 -33.57 -7.34 24.37
CA PRO A 494 -33.20 -8.58 25.06
C PRO A 494 -31.83 -9.07 24.63
N ILE A 495 -31.08 -9.61 25.59
CA ILE A 495 -29.80 -10.23 25.32
C ILE A 495 -30.09 -11.66 24.89
N THR A 496 -29.96 -11.94 23.59
CA THR A 496 -30.42 -13.20 23.04
C THR A 496 -29.30 -13.86 22.24
N ASN A 497 -29.42 -15.18 22.09
CA ASN A 497 -28.47 -15.96 21.31
C ASN A 497 -29.18 -17.19 20.80
N ARG A 498 -28.62 -17.78 19.75
CA ARG A 498 -29.10 -19.04 19.18
C ARG A 498 -28.05 -20.10 19.43
N VAL A 499 -28.42 -21.17 20.13
CA VAL A 499 -27.50 -22.24 20.49
C VAL A 499 -27.99 -23.54 19.87
N VAL A 500 -27.06 -24.45 19.62
CA VAL A 500 -27.38 -25.77 19.10
C VAL A 500 -26.51 -26.79 19.82
N ASN A 501 -27.13 -27.86 20.32
CA ASN A 501 -26.41 -28.87 21.07
C ASN A 501 -25.95 -30.00 20.15
N GLU A 502 -25.36 -31.03 20.74
CA GLU A 502 -24.83 -32.14 19.95
C GLU A 502 -25.93 -32.86 19.18
N LYS A 503 -27.17 -32.79 19.67
CA LYS A 503 -28.29 -33.49 19.05
C LYS A 503 -28.90 -32.73 17.89
N GLY A 504 -28.40 -31.53 17.59
CA GLY A 504 -28.98 -30.71 16.54
C GLY A 504 -30.16 -29.87 16.99
N GLU A 505 -30.58 -30.00 18.25
CA GLU A 505 -31.68 -29.20 18.75
C GLU A 505 -31.28 -27.73 18.85
N SER A 506 -32.18 -26.85 18.43
CA SER A 506 -31.93 -25.41 18.43
C SER A 506 -32.67 -24.76 19.58
N PHE A 507 -31.96 -23.97 20.38
CA PHE A 507 -32.51 -23.27 21.52
C PHE A 507 -32.28 -21.78 21.40
N ASP A 508 -33.25 -21.00 21.87
CA ASP A 508 -33.10 -19.57 22.06
C ASP A 508 -32.65 -19.34 23.50
N MET A 509 -31.49 -18.72 23.66
CA MET A 509 -30.91 -18.45 24.96
C MET A 509 -31.14 -16.98 25.29
N LEU A 510 -31.82 -16.71 26.39
CA LEU A 510 -32.05 -15.35 26.88
C LEU A 510 -31.16 -15.14 28.09
N TYR A 511 -30.10 -14.34 27.92
CA TYR A 511 -29.18 -14.05 29.01
C TYR A 511 -29.57 -12.83 29.81
N GLY A 512 -30.61 -12.11 29.41
CA GLY A 512 -31.07 -10.96 30.14
C GLY A 512 -31.73 -9.96 29.21
N LEU A 513 -31.93 -8.76 29.74
CA LEU A 513 -32.55 -7.67 29.01
C LEU A 513 -31.64 -6.44 29.08
N ALA A 514 -31.85 -5.52 28.15
CA ALA A 514 -31.08 -4.29 28.09
C ALA A 514 -31.99 -3.11 27.80
N VAL A 515 -31.76 -2.02 28.50
CA VAL A 515 -32.49 -0.77 28.30
C VAL A 515 -31.58 0.18 27.55
N LYS A 516 -31.97 0.53 26.33
CA LYS A 516 -31.23 1.43 25.46
C LYS A 516 -31.81 2.82 25.65
N GLY A 517 -31.09 3.67 26.38
CA GLY A 517 -31.56 5.00 26.68
C GLY A 517 -31.54 5.93 25.47
N GLN A 518 -31.48 7.24 25.72
CA GLN A 518 -31.37 8.17 24.61
C GLN A 518 -30.08 7.90 23.84
N SER A 519 -30.20 7.84 22.51
CA SER A 519 -29.09 7.42 21.65
C SER A 519 -28.95 8.39 20.47
N HIS A 520 -29.00 9.69 20.75
CA HIS A 520 -28.72 10.70 19.74
C HIS A 520 -27.21 10.73 19.50
N LEU A 521 -26.71 9.65 18.90
CA LEU A 521 -25.27 9.43 18.74
C LEU A 521 -24.80 10.08 17.44
N ARG A 522 -24.76 11.41 17.46
CA ARG A 522 -24.23 12.14 16.31
C ARG A 522 -22.75 11.84 16.12
N GLY A 523 -21.98 11.87 17.20
CA GLY A 523 -20.57 11.59 17.10
C GLY A 523 -20.26 10.11 17.16
N ASP A 524 -19.07 9.75 16.68
CA ASP A 524 -18.66 8.35 16.68
C ASP A 524 -18.37 7.87 18.10
N THR A 525 -17.81 8.74 18.94
CA THR A 525 -17.50 8.40 20.33
C THR A 525 -18.60 8.83 21.30
N ASP A 526 -19.71 9.39 20.81
CA ASP A 526 -20.82 9.74 21.69
C ASP A 526 -21.35 8.49 22.38
N VAL A 527 -21.74 8.64 23.64
CA VAL A 527 -22.06 7.52 24.50
C VAL A 527 -23.56 7.39 24.64
N VAL A 528 -24.06 6.17 24.46
CA VAL A 528 -25.44 5.80 24.80
C VAL A 528 -25.37 4.87 26.00
N THR A 529 -26.19 5.15 27.00
CA THR A 529 -26.22 4.35 28.21
C THR A 529 -27.12 3.14 28.03
N VAL A 530 -26.58 1.96 28.30
CA VAL A 530 -27.32 0.71 28.23
C VAL A 530 -27.38 0.13 29.64
N VAL A 531 -28.59 -0.08 30.14
CA VAL A 531 -28.79 -0.66 31.46
C VAL A 531 -29.04 -2.15 31.28
N THR A 532 -28.08 -2.97 31.67
CA THR A 532 -28.12 -4.41 31.42
C THR A 532 -28.56 -5.12 32.69
N PHE A 533 -29.63 -5.92 32.57
CA PHE A 533 -30.10 -6.80 33.63
C PHE A 533 -29.87 -8.22 33.12
N GLU A 534 -28.78 -8.85 33.55
CA GLU A 534 -28.35 -10.13 33.03
C GLU A 534 -28.58 -11.22 34.06
N PHE A 535 -29.13 -12.34 33.62
CA PHE A 535 -29.26 -13.50 34.49
C PHE A 535 -27.90 -14.13 34.73
N SER A 536 -27.74 -14.73 35.90
CA SER A 536 -26.52 -15.46 36.21
C SER A 536 -26.82 -16.46 37.31
N SER A 537 -25.91 -17.42 37.47
CA SER A 537 -25.98 -18.36 38.59
C SER A 537 -24.90 -18.11 39.62
N THR A 538 -23.85 -17.36 39.28
CA THR A 538 -22.77 -17.09 40.21
C THR A 538 -23.28 -16.22 41.38
N ASP A 539 -22.89 -16.60 42.59
CA ASP A 539 -23.20 -15.80 43.76
C ASP A 539 -22.15 -14.70 43.90
N PRO A 540 -22.53 -13.43 43.84
CA PRO A 540 -21.50 -12.37 43.90
C PRO A 540 -20.65 -12.43 45.16
N ARG A 541 -21.24 -12.80 46.30
CA ARG A 541 -20.49 -12.81 47.55
C ARG A 541 -19.26 -13.70 47.46
N VAL A 542 -19.26 -14.67 46.55
CA VAL A 542 -18.09 -15.54 46.40
C VAL A 542 -16.87 -14.70 46.06
N ASP A 543 -17.00 -13.76 45.11
CA ASP A 543 -15.91 -12.85 44.76
C ASP A 543 -16.47 -11.43 44.74
N SER A 544 -16.57 -10.83 45.93
CA SER A 544 -17.17 -9.50 46.02
C SER A 544 -16.37 -8.47 45.25
N GLY A 545 -15.04 -8.56 45.32
CA GLY A 545 -14.19 -7.64 44.59
C GLY A 545 -14.42 -7.68 43.10
N LYS A 546 -15.00 -8.77 42.59
CA LYS A 546 -15.27 -8.87 41.16
C LYS A 546 -16.48 -8.05 40.74
N TRP A 547 -17.38 -7.71 41.67
CA TRP A 547 -18.66 -7.11 41.28
C TRP A 547 -18.95 -5.80 41.99
N PRO A 548 -18.02 -4.84 42.01
CA PRO A 548 -18.35 -3.52 42.54
C PRO A 548 -19.19 -2.68 41.60
N LYS A 549 -19.26 -3.04 40.32
CA LYS A 549 -20.04 -2.29 39.34
C LYS A 549 -21.45 -2.83 39.16
N TYR A 550 -21.80 -3.95 39.81
CA TYR A 550 -23.04 -4.66 39.54
C TYR A 550 -23.93 -4.65 40.77
N THR A 551 -25.20 -4.30 40.57
CA THR A 551 -26.23 -4.46 41.57
C THR A 551 -26.93 -5.79 41.31
N VAL A 552 -26.79 -6.72 42.26
CA VAL A 552 -27.19 -8.11 42.07
C VAL A 552 -28.36 -8.41 43.01
N PHE A 553 -29.46 -8.89 42.44
CA PHE A 553 -30.61 -9.40 43.16
C PHE A 553 -30.66 -10.92 43.04
N ARG A 554 -31.54 -11.52 43.84
CA ARG A 554 -31.80 -12.96 43.78
C ARG A 554 -33.27 -13.14 43.42
N ILE A 555 -33.53 -13.63 42.22
CA ILE A 555 -34.87 -13.62 41.65
C ILE A 555 -35.52 -15.00 41.59
N GLY A 556 -34.78 -16.07 41.84
CA GLY A 556 -35.41 -17.38 41.82
C GLY A 556 -34.38 -18.49 41.74
N SER A 557 -34.81 -19.62 41.17
CA SER A 557 -33.95 -20.79 41.07
C SER A 557 -34.31 -21.56 39.81
N LEU A 558 -33.37 -22.38 39.36
CA LEU A 558 -33.55 -23.23 38.19
C LEU A 558 -33.01 -24.63 38.49
N PHE A 559 -33.55 -25.61 37.78
CA PHE A 559 -33.17 -27.02 37.93
C PHE A 559 -32.58 -27.50 36.60
N VAL A 560 -31.27 -27.31 36.43
CA VAL A 560 -30.59 -27.98 35.32
C VAL A 560 -30.75 -29.48 35.44
N SER A 561 -30.84 -29.97 36.68
CA SER A 561 -31.17 -31.35 37.00
C SER A 561 -31.90 -31.33 38.34
N GLY A 562 -31.98 -32.47 39.00
CA GLY A 562 -32.51 -32.51 40.36
C GLY A 562 -31.87 -31.45 41.25
N ARG A 563 -30.66 -31.02 40.89
CA ARG A 563 -29.97 -29.98 41.64
C ARG A 563 -30.71 -28.65 41.52
N GLU A 564 -30.52 -27.80 42.53
CA GLU A 564 -31.12 -26.46 42.56
C GLU A 564 -30.01 -25.42 42.44
N LYS A 565 -30.13 -24.55 41.44
CA LYS A 565 -29.17 -23.47 41.22
C LYS A 565 -29.89 -22.14 41.40
N SER A 566 -29.39 -21.31 42.33
CA SER A 566 -29.93 -19.98 42.51
C SER A 566 -29.67 -19.13 41.27
N VAL A 567 -30.59 -18.20 41.01
CA VAL A 567 -30.48 -17.29 39.87
C VAL A 567 -30.45 -15.87 40.41
N TYR A 568 -29.46 -15.10 39.96
CA TYR A 568 -29.29 -13.72 40.34
C TYR A 568 -29.43 -12.84 39.11
N LEU A 569 -29.84 -11.59 39.34
CA LEU A 569 -30.05 -10.62 38.27
C LEU A 569 -29.03 -9.51 38.46
N TYR A 570 -27.93 -9.58 37.70
CA TYR A 570 -26.89 -8.56 37.75
C TYR A 570 -27.36 -7.34 36.97
N CYS A 571 -27.55 -6.23 37.67
CA CYS A 571 -28.01 -4.98 37.08
C CYS A 571 -26.85 -4.00 37.05
N ARG A 572 -26.52 -3.50 35.85
CA ARG A 572 -25.41 -2.58 35.71
C ARG A 572 -25.75 -1.51 34.68
N VAL A 573 -25.44 -0.26 35.01
CA VAL A 573 -25.67 0.87 34.10
C VAL A 573 -24.39 1.04 33.29
N ASN A 574 -24.26 0.25 32.23
CA ASN A 574 -23.10 0.33 31.37
C ASN A 574 -23.34 1.35 30.26
N GLY A 575 -22.36 1.52 29.37
CA GLY A 575 -22.52 2.43 28.26
C GLY A 575 -21.64 2.01 27.10
N THR A 576 -21.97 2.51 25.92
CA THR A 576 -21.20 2.18 24.73
C THR A 576 -21.46 3.21 23.65
N ASN A 577 -20.52 3.30 22.71
CA ASN A 577 -20.60 4.23 21.59
C ASN A 577 -20.72 3.47 20.29
N LYS A 578 -20.91 4.21 19.19
CA LYS A 578 -21.14 3.58 17.89
C LYS A 578 -19.94 2.75 17.45
N ILE A 579 -18.72 3.23 17.72
CA ILE A 579 -17.54 2.47 17.34
C ILE A 579 -17.53 1.12 18.04
N GLN A 580 -17.83 1.12 19.34
CA GLN A 580 -17.87 -0.13 20.08
C GLN A 580 -18.95 -1.06 19.54
N MET A 581 -20.13 -0.52 19.20
CA MET A 581 -21.18 -1.34 18.61
C MET A 581 -20.72 -1.98 17.31
N LYS A 582 -20.11 -1.17 16.43
CA LYS A 582 -19.65 -1.70 15.15
C LYS A 582 -18.62 -2.79 15.33
N TRP A 583 -17.64 -2.57 16.22
CA TRP A 583 -16.61 -3.58 16.42
C TRP A 583 -17.16 -4.81 17.13
N GLY A 584 -18.25 -4.65 17.89
CA GLY A 584 -18.94 -5.81 18.41
C GLY A 584 -19.62 -6.61 17.32
N MET A 585 -20.21 -5.92 16.34
CA MET A 585 -20.79 -6.61 15.20
C MET A 585 -19.75 -7.36 14.38
N GLU A 586 -18.47 -7.03 14.56
CA GLU A 586 -17.38 -7.65 13.81
C GLU A 586 -16.47 -8.49 14.69
N ALA A 587 -16.93 -8.88 15.88
CA ALA A 587 -16.12 -9.70 16.77
C ALA A 587 -15.87 -11.09 16.21
N ARG A 588 -16.61 -11.51 15.18
CA ARG A 588 -16.38 -12.82 14.58
C ARG A 588 -14.94 -12.98 14.11
N ARG A 589 -14.26 -11.88 13.79
CA ARG A 589 -12.88 -11.95 13.35
C ARG A 589 -11.99 -12.63 14.38
N CYS A 590 -12.41 -12.66 15.65
CA CYS A 590 -11.61 -13.34 16.67
C CYS A 590 -11.36 -14.79 16.27
N LEU A 591 -12.26 -15.37 15.48
CA LEU A 591 -12.02 -16.71 14.96
C LEU A 591 -10.78 -16.74 14.07
N LEU A 592 -10.74 -15.86 13.07
CA LEU A 592 -9.68 -15.94 12.08
C LEU A 592 -8.31 -15.85 12.72
N GLN A 593 -8.08 -14.81 13.52
CA GLN A 593 -6.78 -14.66 14.17
C GLN A 593 -6.44 -15.89 14.99
N SER A 594 -7.44 -16.55 15.58
CA SER A 594 -7.17 -17.78 16.32
C SER A 594 -6.88 -18.94 15.37
N MET A 595 -7.66 -19.06 14.30
CA MET A 595 -7.46 -20.17 13.39
C MET A 595 -6.14 -20.05 12.65
N GLN A 596 -5.89 -18.89 12.04
CA GLN A 596 -4.71 -18.73 11.20
C GLN A 596 -3.45 -19.12 11.96
N GLN A 597 -3.27 -18.53 13.15
CA GLN A 597 -2.09 -18.84 13.95
C GLN A 597 -1.92 -20.34 14.13
N MET A 598 -3.00 -21.04 14.44
CA MET A 598 -2.90 -22.48 14.58
C MET A 598 -2.82 -23.17 13.23
N GLU A 599 -3.59 -22.69 12.25
CA GLU A 599 -3.57 -23.34 10.94
C GLU A 599 -2.18 -23.32 10.34
N ALA A 600 -1.51 -22.17 10.43
CA ALA A 600 -0.12 -22.09 9.97
C ALA A 600 0.70 -23.21 10.57
N ILE A 601 0.57 -23.43 11.88
CA ILE A 601 1.31 -24.50 12.54
C ILE A 601 1.04 -25.82 11.83
N VAL A 602 -0.24 -26.12 11.61
CA VAL A 602 -0.59 -27.36 10.91
C VAL A 602 0.13 -27.39 9.57
N GLU A 603 0.04 -26.30 8.81
CA GLU A 603 0.71 -26.23 7.51
C GLU A 603 2.19 -26.55 7.68
N GLN A 604 2.83 -25.94 8.67
CA GLN A 604 4.24 -26.22 8.91
C GLN A 604 4.45 -27.72 9.06
N GLU A 605 3.67 -28.36 9.93
CA GLU A 605 3.81 -29.79 10.13
C GLU A 605 3.64 -30.54 8.81
N SER A 606 2.66 -30.12 8.00
CA SER A 606 2.46 -30.78 6.71
C SER A 606 3.74 -30.74 5.90
N SER A 607 4.40 -29.58 5.83
CA SER A 607 5.61 -29.47 5.03
C SER A 607 6.70 -30.38 5.54
N ILE A 608 6.66 -30.76 6.82
CA ILE A 608 7.66 -31.66 7.37
C ILE A 608 7.29 -33.12 7.17
N GLN A 609 6.03 -33.42 6.88
CA GLN A 609 5.58 -34.80 6.77
C GLN A 609 5.12 -35.20 5.37
N GLY A 610 4.96 -34.24 4.46
CA GLY A 610 4.57 -34.54 3.10
C GLY A 610 3.10 -34.76 2.87
N TYR A 611 2.26 -34.59 3.89
CA TYR A 611 0.83 -34.81 3.75
C TYR A 611 0.10 -33.96 4.77
N ASP A 612 -1.20 -33.78 4.56
CA ASP A 612 -2.01 -32.98 5.47
C ASP A 612 -1.94 -33.56 6.87
N MET A 613 -1.58 -32.71 7.83
CA MET A 613 -1.30 -33.13 9.20
C MET A 613 -2.36 -32.64 10.18
N THR A 614 -3.53 -32.23 9.69
CA THR A 614 -4.56 -31.71 10.59
C THR A 614 -5.05 -32.79 11.54
N LYS A 615 -5.41 -33.96 11.00
CA LYS A 615 -5.87 -35.05 11.86
C LYS A 615 -4.77 -35.47 12.82
N ALA A 616 -3.53 -35.55 12.33
CA ALA A 616 -2.41 -35.91 13.20
C ALA A 616 -2.22 -34.87 14.30
N CYS A 617 -2.27 -33.58 13.94
CA CYS A 617 -2.08 -32.54 14.93
C CYS A 617 -3.17 -32.56 15.99
N PHE A 618 -4.43 -32.74 15.57
CA PHE A 618 -5.54 -32.73 16.53
C PHE A 618 -5.63 -34.06 17.28
N LYS A 619 -5.82 -35.16 16.55
CA LYS A 619 -6.07 -36.46 17.16
C LYS A 619 -4.85 -37.37 17.15
N GLY A 620 -4.00 -37.27 16.13
CA GLY A 620 -2.84 -38.14 16.03
C GLY A 620 -3.15 -39.39 15.24
N ASP A 621 -2.41 -39.62 14.16
CA ASP A 621 -2.62 -40.78 13.30
C ASP A 621 -1.62 -41.88 13.67
N ARG A 622 -1.61 -42.96 12.88
CA ARG A 622 -0.76 -44.09 13.19
C ARG A 622 0.72 -43.74 13.12
N VAL A 623 1.08 -42.67 12.41
CA VAL A 623 2.48 -42.30 12.23
C VAL A 623 2.89 -41.11 13.07
N ASN A 624 1.95 -40.27 13.52
CA ASN A 624 2.25 -39.08 14.28
C ASN A 624 1.38 -39.02 15.53
N SER A 625 2.00 -38.77 16.68
CA SER A 625 1.26 -38.57 17.91
C SER A 625 0.65 -37.16 17.91
N PRO A 626 -0.45 -36.96 18.64
CA PRO A 626 -1.12 -35.66 18.61
C PRO A 626 -0.20 -34.55 19.13
N LYS A 627 -0.34 -33.36 18.53
CA LYS A 627 0.44 -32.21 18.96
C LYS A 627 0.01 -31.77 20.35
N THR A 628 0.99 -31.56 21.23
CA THR A 628 0.75 -31.10 22.60
C THR A 628 1.48 -29.79 22.80
N PHE A 629 0.78 -28.80 23.36
CA PHE A 629 1.35 -27.48 23.61
C PHE A 629 1.39 -27.21 25.11
N SER A 630 2.33 -26.36 25.52
CA SER A 630 2.34 -25.88 26.90
C SER A 630 1.14 -24.98 27.09
N ILE A 631 0.12 -25.48 27.79
CA ILE A 631 -1.18 -24.81 27.81
C ILE A 631 -1.33 -23.97 29.07
N GLY A 632 -0.78 -24.44 30.18
CA GLY A 632 -0.94 -23.73 31.43
C GLY A 632 -0.15 -24.38 32.54
N THR A 633 -0.52 -24.03 33.76
CA THR A 633 0.12 -24.55 34.96
C THR A 633 -0.92 -25.11 35.91
N GLN A 634 -0.54 -26.16 36.63
CA GLN A 634 -1.37 -26.76 37.67
C GLN A 634 -0.49 -27.06 38.86
N GLU A 635 -0.62 -26.26 39.92
CA GLU A 635 0.23 -26.38 41.11
C GLU A 635 1.69 -26.12 40.77
N GLY A 636 1.94 -25.07 39.98
CA GLY A 636 3.28 -24.65 39.68
C GLY A 636 4.05 -25.53 38.73
N LYS A 637 3.38 -26.48 38.07
CA LYS A 637 4.02 -27.37 37.11
C LYS A 637 3.42 -27.16 35.73
N LEU A 638 4.28 -27.07 34.73
CA LEU A 638 3.82 -26.85 33.36
C LEU A 638 2.91 -27.99 32.93
N VAL A 639 1.78 -27.63 32.33
CA VAL A 639 0.78 -28.62 31.89
C VAL A 639 0.68 -28.56 30.37
N LYS A 640 0.38 -29.72 29.79
CA LYS A 640 0.31 -29.88 28.35
C LYS A 640 -1.15 -30.07 27.92
N GLY A 641 -1.57 -29.30 26.93
CA GLY A 641 -2.90 -29.41 26.37
C GLY A 641 -2.87 -29.83 24.93
N SER A 642 -4.00 -30.33 24.43
CA SER A 642 -4.08 -30.78 23.05
C SER A 642 -3.98 -29.60 22.09
N PHE A 643 -3.93 -29.92 20.80
CA PHE A 643 -3.92 -28.87 19.78
C PHE A 643 -5.21 -28.06 19.82
N GLY A 644 -6.34 -28.73 19.96
CA GLY A 644 -7.61 -28.02 20.03
C GLY A 644 -7.71 -27.14 21.26
N LYS A 645 -7.14 -27.59 22.38
CA LYS A 645 -7.12 -26.76 23.58
C LYS A 645 -6.32 -25.48 23.33
N ALA A 646 -5.17 -25.60 22.67
CA ALA A 646 -4.39 -24.41 22.34
C ALA A 646 -5.16 -23.48 21.40
N LEU A 647 -5.86 -24.06 20.43
CA LEU A 647 -6.68 -23.25 19.53
C LEU A 647 -7.75 -22.48 20.31
N ARG A 648 -8.41 -23.16 21.27
CA ARG A 648 -9.42 -22.49 22.06
C ARG A 648 -8.81 -21.41 22.95
N VAL A 649 -7.60 -21.66 23.46
CA VAL A 649 -6.94 -20.65 24.28
C VAL A 649 -6.64 -19.40 23.45
N ILE A 650 -6.15 -19.59 22.23
CA ILE A 650 -5.86 -18.43 21.38
C ILE A 650 -7.15 -17.71 21.01
N PHE A 651 -8.21 -18.46 20.73
CA PHE A 651 -9.49 -17.83 20.42
C PHE A 651 -10.00 -17.02 21.60
N THR A 652 -9.87 -17.57 22.81
CA THR A 652 -10.26 -16.83 24.01
C THR A 652 -9.41 -15.58 24.16
N LYS A 653 -8.11 -15.68 23.87
CA LYS A 653 -7.23 -14.52 23.97
C LYS A 653 -7.69 -13.41 23.02
N CYS A 654 -8.03 -13.77 21.78
CA CYS A 654 -8.51 -12.76 20.84
C CYS A 654 -9.86 -12.19 21.26
N LEU A 655 -10.75 -13.04 21.78
CA LEU A 655 -12.04 -12.55 22.23
C LEU A 655 -11.88 -11.57 23.39
N MET A 656 -10.95 -11.86 24.30
CA MET A 656 -10.67 -10.93 25.39
C MET A 656 -9.99 -9.66 24.87
N HIS A 657 -9.15 -9.78 23.84
CA HIS A 657 -8.60 -8.60 23.20
C HIS A 657 -9.73 -7.67 22.76
N TYR A 658 -10.78 -8.24 22.17
CA TYR A 658 -11.92 -7.42 21.79
C TYR A 658 -12.65 -6.90 23.02
N VAL A 659 -12.98 -7.78 23.96
CA VAL A 659 -13.84 -7.39 25.08
C VAL A 659 -13.16 -6.35 25.96
N PHE A 660 -11.88 -6.57 26.28
CA PHE A 660 -11.13 -5.68 27.13
C PHE A 660 -10.13 -4.82 26.34
N GLY A 661 -10.47 -4.49 25.10
CA GLY A 661 -9.57 -3.74 24.25
C GLY A 661 -9.75 -2.24 24.34
N ASN A 662 -8.74 -1.56 24.89
CA ASN A 662 -8.71 -0.11 24.91
C ASN A 662 -7.25 0.33 24.79
N ALA A 663 -7.00 1.63 24.96
CA ALA A 663 -5.66 2.16 24.78
C ALA A 663 -4.66 1.46 25.70
N GLN A 664 -5.09 1.09 26.90
CA GLN A 664 -4.21 0.39 27.82
C GLN A 664 -3.74 -0.93 27.22
N LEU A 665 -4.67 -1.71 26.66
CA LEU A 665 -4.30 -2.99 26.07
C LEU A 665 -3.43 -2.79 24.84
N GLU A 666 -3.71 -1.78 24.02
CA GLU A 666 -2.90 -1.54 22.84
C GLU A 666 -1.46 -1.21 23.23
N GLY A 667 -1.28 -0.27 24.16
CA GLY A 667 0.05 0.09 24.59
C GLY A 667 0.78 -1.08 25.24
N PHE A 668 0.07 -1.84 26.08
CA PHE A 668 0.70 -3.00 26.70
C PHE A 668 1.11 -4.01 25.65
N SER A 669 0.26 -4.26 24.65
CA SER A 669 0.61 -5.20 23.60
C SER A 669 1.86 -4.76 22.87
N ALA A 670 1.93 -3.48 22.50
CA ALA A 670 3.08 -3.00 21.75
C ALA A 670 4.36 -3.14 22.57
N GLU A 671 4.36 -2.63 23.81
CA GLU A 671 5.57 -2.64 24.60
C GLU A 671 5.98 -4.06 25.01
N SER A 672 5.00 -4.87 25.42
CA SER A 672 5.30 -6.25 25.77
C SER A 672 5.72 -7.06 24.56
N ARG A 673 5.32 -6.66 23.35
CA ARG A 673 5.87 -7.31 22.16
C ARG A 673 7.33 -6.92 21.96
N ARG A 674 7.65 -5.64 22.17
CA ARG A 674 9.04 -5.23 22.15
C ARG A 674 9.86 -6.06 23.12
N LEU A 675 9.29 -6.37 24.29
CA LEU A 675 10.00 -7.20 25.27
C LEU A 675 10.01 -8.68 24.89
N LEU A 676 8.94 -9.17 24.28
CA LEU A 676 8.87 -10.56 23.85
C LEU A 676 9.94 -10.86 22.81
N LEU A 677 10.20 -9.91 21.92
CA LEU A 677 11.26 -10.10 20.93
C LEU A 677 12.62 -10.26 21.60
N LEU A 678 12.88 -9.46 22.64
CA LEU A 678 14.12 -9.63 23.39
C LEU A 678 14.18 -10.99 24.08
N ILE A 679 13.06 -11.42 24.67
CA ILE A 679 13.05 -12.74 25.31
C ILE A 679 13.33 -13.83 24.29
N GLN A 680 12.74 -13.72 23.10
CA GLN A 680 13.01 -14.72 22.06
C GLN A 680 14.48 -14.70 21.65
N ALA A 681 15.06 -13.51 21.48
CA ALA A 681 16.48 -13.42 21.17
C ALA A 681 17.31 -14.10 22.26
N LEU A 682 16.88 -13.98 23.51
CA LEU A 682 17.56 -14.70 24.59
C LEU A 682 17.41 -16.21 24.41
N LYS A 683 16.21 -16.67 24.04
CA LYS A 683 16.00 -18.11 23.90
C LYS A 683 16.76 -18.67 22.71
N ASP A 684 17.05 -17.85 21.72
CA ASP A 684 17.78 -18.29 20.54
C ASP A 684 19.30 -18.14 20.69
N ARG A 685 19.77 -17.76 21.87
CA ARG A 685 21.19 -17.56 22.11
C ARG A 685 21.77 -16.53 21.15
N LYS A 686 20.98 -15.50 20.85
CA LYS A 686 21.41 -14.41 19.98
C LYS A 686 22.14 -13.32 20.74
N GLY A 687 22.32 -13.46 22.05
CA GLY A 687 23.08 -12.50 22.82
C GLY A 687 22.54 -11.10 22.70
N PRO A 688 21.25 -10.92 22.96
CA PRO A 688 20.65 -9.59 22.79
C PRO A 688 21.29 -8.57 23.72
N TRP A 689 21.44 -7.35 23.22
CA TRP A 689 21.94 -6.22 23.98
C TRP A 689 20.86 -5.16 24.09
N VAL A 690 20.72 -4.61 25.30
CA VAL A 690 19.74 -3.56 25.56
C VAL A 690 20.49 -2.27 25.84
N PHE A 691 19.82 -1.16 25.59
CA PHE A 691 20.38 0.18 25.78
C PHE A 691 19.77 0.88 26.98
N ASP A 692 18.46 0.82 27.14
CA ASP A 692 17.76 1.32 28.33
C ASP A 692 16.63 0.35 28.62
N LEU A 693 16.93 -0.68 29.43
CA LEU A 693 15.93 -1.70 29.72
C LEU A 693 14.86 -1.16 30.66
N GLU A 694 15.25 -0.35 31.64
CA GLU A 694 14.27 0.21 32.57
C GLU A 694 13.29 1.13 31.87
N GLY A 695 13.74 1.84 30.83
CA GLY A 695 12.82 2.67 30.06
C GLY A 695 11.77 1.84 29.35
N MET A 696 12.20 0.74 28.73
CA MET A 696 11.24 -0.16 28.08
C MET A 696 10.28 -0.75 29.10
N TYR A 697 10.79 -1.12 30.28
CA TYR A 697 9.92 -1.67 31.32
C TYR A 697 8.91 -0.62 31.78
N SER A 698 9.33 0.63 31.93
CA SER A 698 8.40 1.68 32.32
C SER A 698 7.34 1.90 31.23
N GLY A 699 7.76 1.84 29.97
CA GLY A 699 6.80 1.93 28.88
C GLY A 699 5.76 0.82 28.94
N ILE A 700 6.21 -0.40 29.25
CA ILE A 700 5.28 -1.52 29.41
C ILE A 700 4.34 -1.25 30.58
N GLU A 701 4.90 -0.81 31.71
CA GLU A 701 4.15 -0.76 32.96
C GLU A 701 3.18 0.40 33.03
N GLU A 702 3.43 1.49 32.30
CA GLU A 702 2.49 2.61 32.33
C GLU A 702 1.16 2.25 31.70
N CYS A 703 1.09 1.14 30.97
CA CYS A 703 -0.14 0.68 30.35
C CYS A 703 -0.92 -0.28 31.22
N ILE A 704 -0.47 -0.55 32.44
CA ILE A 704 -1.14 -1.49 33.33
C ILE A 704 -1.78 -0.70 34.46
N SER A 705 -3.02 -0.25 34.25
CA SER A 705 -3.72 0.50 35.30
C SER A 705 -4.97 -0.21 35.82
N ASN A 706 -5.97 -0.43 34.97
CA ASN A 706 -7.20 -1.06 35.43
C ASN A 706 -7.83 -2.00 34.40
N ASN A 707 -7.19 -2.26 33.28
CA ASN A 707 -7.73 -3.20 32.32
C ASN A 707 -7.52 -4.61 32.84
N PRO A 708 -8.58 -5.37 33.15
CA PRO A 708 -8.36 -6.70 33.73
C PRO A 708 -7.50 -7.59 32.85
N TRP A 709 -7.71 -7.53 31.54
CA TRP A 709 -6.93 -8.36 30.63
C TRP A 709 -5.46 -7.96 30.65
N VAL A 710 -5.17 -6.66 30.72
CA VAL A 710 -3.77 -6.23 30.74
C VAL A 710 -3.09 -6.68 32.03
N ILE A 711 -3.79 -6.56 33.17
CA ILE A 711 -3.19 -6.98 34.44
C ILE A 711 -2.95 -8.49 34.43
N GLN A 712 -3.93 -9.26 33.97
CA GLN A 712 -3.73 -10.70 33.92
C GLN A 712 -2.66 -11.07 32.89
N SER A 713 -2.53 -10.29 31.82
CA SER A 713 -1.47 -10.53 30.84
C SER A 713 -0.11 -10.27 31.46
N ALA A 714 0.02 -9.23 32.29
CA ALA A 714 1.26 -9.01 33.00
C ALA A 714 1.58 -10.16 33.93
N TYR A 715 0.57 -10.66 34.65
CA TYR A 715 0.78 -11.80 35.54
C TYR A 715 1.24 -13.02 34.75
N TRP A 716 0.56 -13.31 33.64
CA TRP A 716 0.93 -14.46 32.81
C TRP A 716 2.31 -14.27 32.20
N PHE A 717 2.64 -13.04 31.82
CA PHE A 717 3.97 -12.76 31.29
C PHE A 717 5.04 -13.04 32.33
N ASN A 718 4.79 -12.63 33.57
CA ASN A 718 5.76 -12.91 34.63
C ASN A 718 5.91 -14.41 34.87
N GLU A 719 4.79 -15.15 34.87
CA GLU A 719 4.86 -16.59 35.06
C GLU A 719 5.63 -17.26 33.93
N TRP A 720 5.31 -16.90 32.69
CA TRP A 720 5.99 -17.48 31.54
C TRP A 720 7.46 -17.09 31.53
N LEU A 721 7.78 -15.87 31.95
CA LEU A 721 9.18 -15.45 32.03
C LEU A 721 9.93 -16.27 33.07
N GLY A 722 9.30 -16.56 34.20
CA GLY A 722 9.92 -17.44 35.17
C GLY A 722 10.19 -18.83 34.61
N PHE A 723 9.22 -19.37 33.88
CA PHE A 723 9.42 -20.68 33.27
C PHE A 723 10.54 -20.64 32.23
N GLU A 724 10.61 -19.56 31.46
CA GLU A 724 11.68 -19.42 30.47
C GLU A 724 13.03 -19.25 31.15
N LYS A 725 13.07 -18.60 32.31
CA LYS A 725 14.30 -18.51 33.07
C LYS A 725 14.75 -19.89 33.55
N GLU A 726 13.80 -20.70 34.00
CA GLU A 726 14.13 -22.08 34.36
C GLU A 726 14.67 -22.84 33.16
N GLY A 727 14.04 -22.67 32.00
CA GLY A 727 14.52 -23.32 30.79
C GLY A 727 15.92 -22.88 30.43
N SER A 728 16.21 -21.58 30.58
CA SER A 728 17.56 -21.09 30.33
C SER A 728 18.56 -21.71 31.31
N LYS A 729 18.20 -21.77 32.59
CA LYS A 729 19.03 -22.47 33.55
C LYS A 729 19.35 -23.88 33.07
N VAL A 730 18.35 -24.55 32.50
CA VAL A 730 18.60 -25.86 31.88
C VAL A 730 19.57 -25.73 30.71
N LEU A 731 19.47 -24.62 29.97
CA LEU A 731 20.30 -24.45 28.78
C LEU A 731 21.75 -24.13 29.12
N GLU A 732 22.00 -23.55 30.29
CA GLU A 732 23.34 -23.03 30.58
C GLU A 732 24.40 -24.11 30.50
N SER A 733 24.10 -25.31 30.98
CA SER A 733 25.07 -26.40 31.05
C SER A 733 25.30 -26.96 29.64
N VAL A 734 25.98 -26.16 28.83
CA VAL A 734 26.33 -26.58 27.47
C VAL A 734 27.71 -26.02 27.10
N GLY B 9 -6.39 -27.78 39.97
CA GLY B 9 -6.88 -26.57 39.26
C GLY B 9 -5.89 -26.00 38.28
N MET B 10 -5.88 -26.54 37.06
CA MET B 10 -4.96 -26.07 36.04
C MET B 10 -5.36 -24.68 35.56
N ASN B 11 -4.36 -23.80 35.45
CA ASN B 11 -4.57 -22.41 35.04
C ASN B 11 -3.97 -22.20 33.66
N ILE B 12 -4.80 -21.76 32.72
CA ILE B 12 -4.35 -21.56 31.35
C ILE B 12 -3.55 -20.27 31.26
N ASN B 13 -2.34 -20.37 30.73
CA ASN B 13 -1.48 -19.20 30.49
C ASN B 13 -1.20 -19.11 29.00
N PRO B 14 -1.82 -18.17 28.27
CA PRO B 14 -1.60 -18.13 26.81
C PRO B 14 -0.15 -17.94 26.41
N TYR B 15 0.65 -17.22 27.23
CA TYR B 15 2.03 -17.00 26.88
C TYR B 15 2.82 -18.30 26.78
N PHE B 16 2.32 -19.38 27.38
CA PHE B 16 3.01 -20.67 27.25
C PHE B 16 3.00 -21.17 25.81
N LEU B 17 2.14 -20.63 24.96
CA LEU B 17 2.23 -20.94 23.54
C LEU B 17 3.63 -20.61 23.01
N PHE B 18 4.27 -19.58 23.56
CA PHE B 18 5.60 -19.20 23.13
C PHE B 18 6.66 -20.21 23.54
N ILE B 19 6.35 -21.08 24.50
CA ILE B 19 7.27 -22.15 24.84
C ILE B 19 7.47 -23.08 23.65
N ASP B 20 6.47 -23.18 22.77
CA ASP B 20 6.52 -24.04 21.61
C ASP B 20 6.79 -23.27 20.32
N VAL B 21 6.00 -22.25 20.04
CA VAL B 21 6.11 -21.47 18.80
C VAL B 21 6.90 -20.21 19.10
N PRO B 22 7.95 -19.89 18.32
CA PRO B 22 8.70 -18.66 18.58
C PRO B 22 7.83 -17.43 18.41
N ILE B 23 8.30 -16.32 18.98
CA ILE B 23 7.49 -15.10 19.03
C ILE B 23 7.13 -14.64 17.63
N GLN B 24 8.11 -14.62 16.71
CA GLN B 24 7.83 -14.13 15.37
C GLN B 24 6.81 -15.02 14.66
N ALA B 25 6.94 -16.34 14.81
CA ALA B 25 5.96 -17.25 14.23
C ALA B 25 4.58 -17.09 14.85
N ALA B 26 4.49 -16.50 16.04
CA ALA B 26 3.22 -16.25 16.71
C ALA B 26 3.03 -14.76 16.98
N ILE B 27 3.66 -13.91 16.17
CA ILE B 27 3.59 -12.47 16.41
C ILE B 27 2.17 -11.96 16.20
N SER B 28 1.39 -12.62 15.36
CA SER B 28 0.02 -12.19 15.13
C SER B 28 -0.79 -12.18 16.42
N THR B 29 -0.50 -13.09 17.34
CA THR B 29 -1.21 -13.13 18.61
C THR B 29 -0.92 -11.93 19.48
N THR B 30 0.12 -11.16 19.18
CA THR B 30 0.51 -10.00 19.98
C THR B 30 -0.11 -8.70 19.48
N PHE B 31 -1.02 -8.77 18.51
CA PHE B 31 -1.66 -7.58 17.95
C PHE B 31 -3.16 -7.62 18.27
N PRO B 32 -3.62 -6.92 19.30
CA PRO B 32 -5.05 -6.95 19.66
C PRO B 32 -5.90 -6.11 18.71
N TYR B 33 -5.88 -6.47 17.43
CA TYR B 33 -6.58 -5.71 16.40
C TYR B 33 -8.01 -6.16 16.19
N THR B 34 -8.50 -7.10 17.00
CA THR B 34 -9.93 -7.39 17.05
C THR B 34 -10.68 -6.45 17.99
N GLY B 35 -9.96 -5.63 18.75
CA GLY B 35 -10.57 -4.67 19.65
C GLY B 35 -10.72 -3.30 19.01
N VAL B 36 -11.50 -2.46 19.68
CA VAL B 36 -11.75 -1.11 19.18
C VAL B 36 -10.46 -0.29 19.26
N PRO B 37 -10.03 0.36 18.17
CA PRO B 37 -8.84 1.21 18.27
C PRO B 37 -9.12 2.40 19.15
N PRO B 38 -8.13 2.88 19.90
CA PRO B 38 -8.34 4.07 20.74
C PRO B 38 -8.77 5.27 19.91
N TYR B 39 -9.69 6.04 20.47
CA TYR B 39 -10.19 7.27 19.86
C TYR B 39 -9.99 8.43 20.81
N SER B 40 -9.52 9.55 20.27
CA SER B 40 -9.38 10.76 21.06
C SER B 40 -10.74 11.42 21.24
N HIS B 41 -10.89 12.16 22.35
CA HIS B 41 -12.13 12.84 22.66
C HIS B 41 -11.84 14.32 22.91
N GLY B 42 -12.86 15.14 22.65
CA GLY B 42 -12.77 16.55 22.99
C GLY B 42 -11.67 17.27 22.24
N THR B 43 -11.06 18.23 22.93
CA THR B 43 -10.08 19.11 22.31
C THR B 43 -8.74 18.41 22.14
N GLY B 44 -8.00 18.83 21.12
CA GLY B 44 -6.63 18.43 20.91
C GLY B 44 -5.62 19.49 21.29
N THR B 45 -6.02 20.52 22.02
CA THR B 45 -5.10 21.61 22.34
C THR B 45 -4.02 21.14 23.32
N GLY B 46 -4.37 20.25 24.25
CA GLY B 46 -3.37 19.78 25.19
C GLY B 46 -2.20 19.11 24.51
N TYR B 47 -2.49 18.24 23.54
CA TYR B 47 -1.43 17.52 22.84
C TYR B 47 -0.62 18.46 21.96
N THR B 48 -1.28 19.44 21.34
CA THR B 48 -0.56 20.42 20.54
C THR B 48 0.42 21.22 21.41
N ILE B 49 -0.04 21.66 22.58
CA ILE B 49 0.84 22.40 23.47
C ILE B 49 1.96 21.50 23.97
N ASP B 50 1.66 20.21 24.21
CA ASP B 50 2.70 19.28 24.63
C ASP B 50 3.78 19.16 23.56
N THR B 51 3.39 19.04 22.29
CA THR B 51 4.38 18.90 21.23
C THR B 51 5.17 20.19 21.06
N VAL B 52 4.51 21.35 21.20
CA VAL B 52 5.22 22.62 21.11
C VAL B 52 6.28 22.72 22.21
N ILE B 53 5.88 22.38 23.44
CA ILE B 53 6.80 22.46 24.57
C ILE B 53 7.95 21.48 24.39
N ARG B 54 7.66 20.26 23.93
CA ARG B 54 8.72 19.29 23.72
C ARG B 54 9.70 19.77 22.65
N THR B 55 9.19 20.32 21.56
CA THR B 55 10.07 20.82 20.52
C THR B 55 10.98 21.92 21.07
N HIS B 56 10.40 22.88 21.77
CA HIS B 56 11.21 24.00 22.25
C HIS B 56 12.18 23.57 23.35
N GLU B 57 11.81 22.60 24.19
CA GLU B 57 12.74 22.13 25.20
C GLU B 57 13.89 21.34 24.58
N TYR B 58 13.62 20.60 23.51
CA TYR B 58 14.69 19.95 22.77
C TYR B 58 15.53 20.93 21.98
N SER B 59 15.03 22.14 21.74
CA SER B 59 15.78 23.16 21.01
C SER B 59 16.06 24.40 21.85
N ASN B 60 15.86 24.35 23.17
CA ASN B 60 15.96 25.57 23.96
C ASN B 60 17.40 26.05 24.09
N LYS B 61 18.38 25.14 24.08
CA LYS B 61 19.78 25.56 24.19
C LYS B 61 20.28 26.27 22.94
N GLY B 62 19.50 26.26 21.86
CA GLY B 62 19.88 26.94 20.64
C GLY B 62 19.73 28.45 20.77
N LYS B 63 19.83 29.11 19.62
CA LYS B 63 19.75 30.56 19.56
C LYS B 63 18.29 31.00 19.49
N GLN B 64 17.85 31.78 20.47
CA GLN B 64 16.49 32.29 20.49
C GLN B 64 16.49 33.74 20.05
N TYR B 65 15.59 34.08 19.13
CA TYR B 65 15.47 35.45 18.63
C TYR B 65 14.00 35.71 18.31
N ILE B 66 13.74 36.87 17.71
CA ILE B 66 12.39 37.27 17.34
C ILE B 66 12.37 37.51 15.83
N SER B 67 11.41 36.87 15.15
CA SER B 67 11.28 37.07 13.71
C SER B 67 10.80 38.49 13.43
N ASP B 68 11.52 39.19 12.55
CA ASP B 68 11.11 40.53 12.15
C ASP B 68 10.00 40.50 11.11
N VAL B 69 9.69 39.34 10.55
CA VAL B 69 8.60 39.21 9.58
C VAL B 69 7.26 39.04 10.28
N THR B 70 7.20 38.13 11.26
CA THR B 70 5.96 37.84 11.97
C THR B 70 5.98 38.28 13.42
N GLY B 71 7.14 38.62 13.98
CA GLY B 71 7.22 38.97 15.38
C GLY B 71 7.23 37.79 16.33
N CYS B 72 7.29 36.58 15.80
CA CYS B 72 7.21 35.37 16.61
C CYS B 72 8.57 35.05 17.23
N THR B 73 8.53 34.27 18.30
CA THR B 73 9.74 33.82 18.99
C THR B 73 10.30 32.61 18.25
N MET B 74 11.43 32.81 17.57
CA MET B 74 12.08 31.77 16.80
C MET B 74 13.19 31.14 17.62
N VAL B 75 13.35 29.82 17.47
CA VAL B 75 14.42 29.06 18.12
C VAL B 75 15.18 28.32 17.04
N ASP B 76 16.51 28.39 17.11
CA ASP B 76 17.40 27.78 16.12
C ASP B 76 18.38 26.87 16.83
N PRO B 77 18.11 25.56 16.91
CA PRO B 77 19.07 24.65 17.54
C PRO B 77 20.22 24.23 16.64
N THR B 78 20.12 24.41 15.33
CA THR B 78 21.17 23.98 14.43
C THR B 78 22.47 24.69 14.73
N ASN B 79 23.58 23.98 14.63
CA ASN B 79 24.92 24.46 14.96
C ASN B 79 25.06 24.81 16.43
N GLY B 80 24.06 24.48 17.24
CA GLY B 80 24.11 24.77 18.66
C GLY B 80 25.05 23.84 19.39
N PRO B 81 25.14 24.02 20.70
CA PRO B 81 26.04 23.18 21.49
C PRO B 81 25.67 21.71 21.36
N LEU B 82 26.68 20.87 21.28
CA LEU B 82 26.43 19.44 21.19
C LEU B 82 25.76 18.96 22.48
N PRO B 83 24.79 18.05 22.41
CA PRO B 83 24.12 17.59 23.63
C PRO B 83 25.12 16.93 24.58
N GLU B 84 24.92 17.18 25.87
CA GLU B 84 25.75 16.60 26.92
C GLU B 84 25.10 15.41 27.60
N ASP B 85 23.97 14.94 27.08
CA ASP B 85 23.27 13.78 27.64
C ASP B 85 22.46 13.12 26.53
N ASN B 86 21.61 12.18 26.91
CA ASN B 86 20.89 11.35 25.95
C ASN B 86 19.45 11.80 25.72
N GLU B 87 19.06 12.96 26.26
CA GLU B 87 17.72 13.45 26.03
C GLU B 87 17.55 13.82 24.56
N PRO B 88 16.32 13.80 24.04
CA PRO B 88 16.10 14.17 22.64
C PRO B 88 16.72 15.53 22.33
N SER B 89 17.58 15.54 21.31
CA SER B 89 18.37 16.71 20.94
C SER B 89 18.05 17.12 19.52
N ALA B 90 17.86 18.42 19.32
CA ALA B 90 17.64 18.99 17.99
C ALA B 90 18.85 19.78 17.50
N TYR B 91 19.99 19.67 18.18
CA TYR B 91 21.16 20.49 17.86
C TYR B 91 22.00 19.78 16.79
N ALA B 92 21.41 19.72 15.61
CA ALA B 92 22.12 19.15 14.46
C ALA B 92 23.26 20.07 14.04
N GLN B 93 24.36 19.46 13.59
CA GLN B 93 25.53 20.20 13.14
C GLN B 93 25.51 20.26 11.62
N LEU B 94 25.57 21.48 11.08
CA LEU B 94 25.52 21.65 9.63
C LEU B 94 26.71 20.96 8.96
N ASP B 95 27.89 21.07 9.56
CA ASP B 95 29.06 20.43 8.98
C ASP B 95 28.89 18.91 8.90
N CYS B 96 28.34 18.31 9.96
CA CYS B 96 28.14 16.87 9.95
C CYS B 96 27.12 16.45 8.90
N VAL B 97 26.02 17.19 8.77
CA VAL B 97 25.02 16.88 7.76
C VAL B 97 25.60 17.01 6.36
N LEU B 98 26.38 18.06 6.14
CA LEU B 98 26.98 18.25 4.81
C LEU B 98 27.99 17.15 4.52
N GLU B 99 28.76 16.72 5.53
CA GLU B 99 29.69 15.62 5.34
C GLU B 99 28.95 14.33 5.01
N ALA B 100 27.84 14.07 5.70
CA ALA B 100 27.05 12.88 5.38
C ALA B 100 26.50 12.94 3.97
N LEU B 101 26.03 14.12 3.54
CA LEU B 101 25.53 14.25 2.18
C LEU B 101 26.64 14.07 1.14
N ASP B 102 27.82 14.60 1.43
CA ASP B 102 28.96 14.40 0.53
C ASP B 102 29.33 12.92 0.45
N ARG B 103 29.31 12.23 1.59
CA ARG B 103 29.60 10.79 1.57
C ARG B 103 28.56 10.04 0.74
N MET B 104 27.29 10.40 0.89
CA MET B 104 26.25 9.73 0.10
C MET B 104 26.41 10.03 -1.38
N ASP B 105 26.78 11.27 -1.72
CA ASP B 105 27.01 11.61 -3.13
C ASP B 105 28.18 10.83 -3.70
N GLU B 106 29.25 10.67 -2.91
CA GLU B 106 30.37 9.84 -3.35
C GLU B 106 29.91 8.39 -3.55
N GLU B 107 29.09 7.89 -2.64
CA GLU B 107 28.53 6.55 -2.79
C GLU B 107 27.66 6.44 -4.03
N HIS B 108 26.93 7.50 -4.37
CA HIS B 108 25.99 7.51 -5.48
C HIS B 108 26.32 8.69 -6.39
N PRO B 109 27.37 8.57 -7.20
CA PRO B 109 27.75 9.69 -8.08
C PRO B 109 26.63 10.02 -9.07
N GLY B 110 26.26 11.29 -9.10
CA GLY B 110 25.21 11.75 -9.99
C GLY B 110 23.79 11.55 -9.48
N LEU B 111 23.63 10.95 -8.29
CA LEU B 111 22.29 10.72 -7.77
C LEU B 111 21.58 12.04 -7.49
N PHE B 112 22.26 12.98 -6.84
CA PHE B 112 21.64 14.27 -6.55
C PHE B 112 21.28 15.01 -7.83
N GLN B 113 22.18 14.98 -8.82
CA GLN B 113 21.92 15.69 -10.07
C GLN B 113 20.71 15.11 -10.78
N ALA B 114 20.64 13.78 -10.86
CA ALA B 114 19.51 13.14 -11.53
C ALA B 114 18.21 13.41 -10.79
N ALA B 115 18.24 13.34 -9.46
CA ALA B 115 17.04 13.62 -8.68
C ALA B 115 16.57 15.04 -8.88
N SER B 116 17.50 16.00 -8.88
CA SER B 116 17.15 17.39 -9.10
C SER B 116 16.59 17.61 -10.50
N GLN B 117 17.19 16.98 -11.51
CA GLN B 117 16.67 17.10 -12.86
C GLN B 117 15.25 16.56 -12.95
N ASN B 118 15.01 15.39 -12.38
CA ASN B 118 13.68 14.80 -12.42
C ASN B 118 12.66 15.68 -11.70
N ALA B 119 13.02 16.17 -10.52
CA ALA B 119 12.10 17.02 -9.76
C ALA B 119 11.80 18.30 -10.52
N MET B 120 12.82 18.91 -11.13
CA MET B 120 12.61 20.14 -11.87
C MET B 120 11.72 19.90 -13.09
N GLU B 121 11.94 18.81 -13.81
CA GLU B 121 11.09 18.51 -14.96
C GLU B 121 9.66 18.26 -14.53
N THR B 122 9.46 17.51 -13.45
CA THR B 122 8.11 17.26 -12.95
C THR B 122 7.44 18.57 -12.55
N LEU B 123 8.19 19.45 -11.89
CA LEU B 123 7.64 20.75 -11.50
C LEU B 123 7.26 21.57 -12.73
N MET B 124 8.10 21.54 -13.77
CA MET B 124 7.79 22.29 -14.98
C MET B 124 6.55 21.74 -15.67
N VAL B 125 6.33 20.42 -15.58
CA VAL B 125 5.14 19.82 -16.20
C VAL B 125 4.02 19.59 -15.21
N THR B 126 4.15 20.09 -13.97
CA THR B 126 3.11 19.92 -12.97
C THR B 126 2.14 21.10 -13.01
N THR B 127 0.86 20.80 -12.86
CA THR B 127 -0.20 21.79 -12.92
C THR B 127 -0.71 22.11 -11.51
N VAL B 128 -1.48 23.19 -11.42
CA VAL B 128 -2.03 23.61 -10.14
C VAL B 128 -3.01 22.56 -9.62
N ASP B 129 -3.61 21.77 -10.51
CA ASP B 129 -4.54 20.74 -10.09
C ASP B 129 -3.89 19.76 -9.12
N LYS B 130 -2.56 19.62 -9.18
CA LYS B 130 -1.86 18.73 -8.27
C LYS B 130 -2.08 19.10 -6.81
N LEU B 131 -2.46 20.36 -6.54
CA LEU B 131 -2.69 20.78 -5.16
C LEU B 131 -4.04 20.33 -4.63
N THR B 132 -4.90 19.74 -5.47
CA THR B 132 -6.18 19.23 -5.01
C THR B 132 -6.07 17.84 -4.41
N GLN B 133 -4.87 17.25 -4.39
CA GLN B 133 -4.67 15.90 -3.87
C GLN B 133 -4.32 15.96 -2.39
N GLY B 134 -5.30 16.38 -1.60
CA GLY B 134 -5.16 16.42 -0.16
C GLY B 134 -6.49 16.19 0.50
N ARG B 135 -6.44 15.68 1.74
CA ARG B 135 -7.67 15.36 2.44
C ARG B 135 -8.28 16.60 3.10
N GLN B 136 -7.54 17.21 4.02
CA GLN B 136 -8.01 18.41 4.71
C GLN B 136 -6.85 19.39 4.82
N THR B 137 -7.02 20.56 4.22
CA THR B 137 -6.02 21.62 4.19
C THR B 137 -6.51 22.80 5.00
N PHE B 138 -5.59 23.46 5.68
CA PHE B 138 -5.92 24.67 6.44
C PHE B 138 -6.25 25.77 5.46
N ASP B 139 -7.54 26.08 5.33
CA ASP B 139 -7.99 27.19 4.51
C ASP B 139 -7.82 28.47 5.33
N TRP B 140 -6.93 29.34 4.86
CA TRP B 140 -6.63 30.58 5.57
C TRP B 140 -7.74 31.62 5.40
N THR B 141 -8.45 31.57 4.26
CA THR B 141 -9.53 32.52 4.04
C THR B 141 -10.61 32.36 5.09
N VAL B 142 -10.94 31.12 5.45
CA VAL B 142 -11.89 30.85 6.54
C VAL B 142 -11.18 30.43 7.82
N CYS B 143 -9.87 30.26 7.81
CA CYS B 143 -9.12 29.85 9.00
C CYS B 143 -9.70 28.58 9.59
N ARG B 144 -9.96 27.60 8.73
CA ARG B 144 -10.55 26.34 9.17
C ARG B 144 -9.90 25.21 8.38
N ASN B 145 -10.50 24.03 8.42
CA ASN B 145 -10.08 22.90 7.60
C ASN B 145 -11.09 22.71 6.48
N GLN B 146 -10.61 22.72 5.25
CA GLN B 146 -11.44 22.53 4.07
C GLN B 146 -10.82 21.47 3.18
N PRO B 147 -11.61 20.77 2.38
CA PRO B 147 -11.01 19.81 1.45
C PRO B 147 -10.02 20.51 0.54
N ALA B 148 -8.94 19.79 0.20
CA ALA B 148 -7.83 20.40 -0.51
C ALA B 148 -8.29 21.15 -1.75
N ALA B 149 -9.25 20.58 -2.48
CA ALA B 149 -9.79 21.28 -3.65
C ALA B 149 -10.47 22.58 -3.24
N THR B 150 -11.24 22.54 -2.15
CA THR B 150 -11.93 23.74 -1.69
C THR B 150 -10.92 24.82 -1.28
N ALA B 151 -9.90 24.42 -0.53
CA ALA B 151 -8.88 25.39 -0.10
C ALA B 151 -8.16 25.98 -1.29
N LEU B 152 -7.80 25.14 -2.27
CA LEU B 152 -7.12 25.63 -3.46
C LEU B 152 -7.99 26.61 -4.24
N ASN B 153 -9.27 26.28 -4.41
CA ASN B 153 -10.16 27.17 -5.15
C ASN B 153 -10.33 28.50 -4.43
N THR B 154 -10.51 28.46 -3.11
CA THR B 154 -10.66 29.69 -2.35
C THR B 154 -9.39 30.53 -2.42
N THR B 155 -8.23 29.89 -2.34
CA THR B 155 -6.96 30.62 -2.46
C THR B 155 -6.84 31.26 -3.83
N ILE B 156 -7.22 30.54 -4.88
CA ILE B 156 -7.13 31.08 -6.24
C ILE B 156 -8.06 32.28 -6.39
N THR B 157 -9.28 32.18 -5.87
CA THR B 157 -10.20 33.30 -5.97
C THR B 157 -9.68 34.50 -5.19
N SER B 158 -9.16 34.28 -3.99
CA SER B 158 -8.61 35.38 -3.21
C SER B 158 -7.44 36.04 -3.93
N PHE B 159 -6.57 35.22 -4.53
CA PHE B 159 -5.46 35.77 -5.31
C PHE B 159 -5.97 36.58 -6.48
N ARG B 160 -7.03 36.12 -7.14
CA ARG B 160 -7.64 36.92 -8.20
C ARG B 160 -8.10 38.27 -7.66
N LEU B 161 -8.68 38.29 -6.46
CA LEU B 161 -9.06 39.56 -5.86
C LEU B 161 -7.85 40.47 -5.67
N ASN B 162 -6.67 39.88 -5.47
CA ASN B 162 -5.47 40.64 -5.18
C ASN B 162 -4.57 40.81 -6.41
N ASP B 163 -5.11 40.63 -7.61
CA ASP B 163 -4.33 40.76 -8.84
C ASP B 163 -3.15 39.79 -8.83
N LEU B 164 -3.45 38.52 -8.54
CA LEU B 164 -2.46 37.44 -8.54
C LEU B 164 -3.04 36.32 -9.39
N ASN B 165 -2.80 36.39 -10.70
CA ASN B 165 -3.44 35.51 -11.67
C ASN B 165 -2.49 34.44 -12.20
N GLY B 166 -1.42 34.12 -11.46
CA GLY B 166 -0.52 33.07 -11.89
C GLY B 166 -1.20 31.73 -12.02
N ALA B 167 -2.17 31.44 -11.16
CA ALA B 167 -2.91 30.18 -11.27
C ALA B 167 -3.52 30.00 -12.65
N ASP B 168 -3.90 31.10 -13.30
CA ASP B 168 -4.52 31.00 -14.62
C ASP B 168 -3.55 30.47 -15.68
N LYS B 169 -2.24 30.55 -15.43
CA LYS B 169 -1.27 30.00 -16.38
C LYS B 169 -1.36 28.50 -16.49
N GLY B 170 -1.95 27.82 -15.49
CA GLY B 170 -2.12 26.39 -15.52
C GLY B 170 -0.97 25.59 -14.95
N GLY B 171 0.13 26.24 -14.60
CA GLY B 171 1.28 25.54 -14.06
C GLY B 171 1.46 25.75 -12.57
N LEU B 172 2.19 24.84 -11.92
CA LEU B 172 2.42 24.99 -10.49
C LEU B 172 3.44 26.08 -10.20
N ILE B 173 4.41 26.28 -11.09
CA ILE B 173 5.43 27.31 -10.89
C ILE B 173 4.81 28.71 -10.81
N PRO B 174 3.98 29.14 -11.76
CA PRO B 174 3.36 30.47 -11.62
C PRO B 174 2.48 30.60 -10.39
N PHE B 175 1.75 29.53 -10.02
CA PHE B 175 0.91 29.62 -8.84
C PHE B 175 1.75 29.76 -7.57
N CYS B 176 2.87 29.05 -7.49
CA CYS B 176 3.76 29.21 -6.35
C CYS B 176 4.43 30.58 -6.35
N GLN B 177 4.72 31.12 -7.54
CA GLN B 177 5.19 32.50 -7.62
C GLN B 177 4.15 33.46 -7.03
N ASP B 178 2.87 33.23 -7.36
CA ASP B 178 1.80 34.02 -6.76
C ASP B 178 1.76 33.83 -5.25
N ILE B 179 1.98 32.60 -4.78
CA ILE B 179 1.98 32.33 -3.35
C ILE B 179 3.03 33.18 -2.65
N ILE B 180 4.25 33.20 -3.20
CA ILE B 180 5.32 33.94 -2.53
C ILE B 180 5.16 35.45 -2.75
N ASP B 181 4.44 35.85 -3.81
CA ASP B 181 4.19 37.28 -4.01
C ASP B 181 3.11 37.79 -3.06
N SER B 182 2.13 36.94 -2.72
CA SER B 182 1.06 37.37 -1.83
C SER B 182 1.61 37.75 -0.46
N LEU B 183 2.73 37.17 -0.06
CA LEU B 183 3.36 37.56 1.20
C LEU B 183 3.79 39.02 1.16
N ASP B 184 4.12 39.54 -0.02
CA ASP B 184 4.54 40.92 -0.16
C ASP B 184 3.39 41.90 -0.27
N ARG B 185 2.16 41.44 -0.50
CA ARG B 185 1.04 42.34 -0.62
C ARG B 185 0.83 43.07 0.71
N PRO B 186 0.67 44.40 0.70
CA PRO B 186 0.45 45.10 1.97
C PRO B 186 -0.79 44.63 2.71
N GLU B 187 -1.82 44.21 1.98
CA GLU B 187 -3.03 43.67 2.58
C GLU B 187 -3.65 42.68 1.61
N MET B 188 -4.31 41.66 2.15
CA MET B 188 -4.95 40.63 1.36
C MET B 188 -6.45 40.66 1.59
N THR B 189 -7.20 40.78 0.50
CA THR B 189 -8.66 40.73 0.52
C THR B 189 -9.11 39.40 -0.08
N PHE B 190 -10.01 38.71 0.61
CA PHE B 190 -10.39 37.35 0.26
C PHE B 190 -11.86 37.14 0.53
N PHE B 191 -12.37 35.99 0.09
CA PHE B 191 -13.72 35.56 0.41
C PHE B 191 -13.67 34.68 1.66
N SER B 192 -14.29 35.14 2.73
CA SER B 192 -14.41 34.38 3.96
C SER B 192 -15.84 33.87 4.10
N VAL B 193 -16.06 33.06 5.12
CA VAL B 193 -17.38 32.52 5.44
C VAL B 193 -17.69 32.87 6.88
N LYS B 194 -18.80 33.57 7.10
CA LYS B 194 -19.28 33.91 8.44
C LYS B 194 -20.63 33.26 8.64
N ASN B 195 -21.20 33.45 9.83
CA ASN B 195 -22.50 32.85 10.14
C ASN B 195 -23.33 33.80 10.99
N ILE B 196 -24.62 33.83 10.71
CA ILE B 196 -25.59 34.57 11.50
C ILE B 196 -26.22 33.63 12.51
N LYS B 197 -26.26 34.07 13.77
CA LYS B 197 -26.80 33.28 14.87
C LYS B 197 -28.22 33.74 15.16
N LYS B 198 -29.19 32.85 14.97
CA LYS B 198 -30.59 33.14 15.23
C LYS B 198 -31.07 32.30 16.40
N LYS B 199 -31.71 32.94 17.37
CA LYS B 199 -32.22 32.26 18.54
C LYS B 199 -33.69 31.90 18.32
N LEU B 200 -33.99 30.60 18.38
CA LEU B 200 -35.35 30.11 18.17
C LEU B 200 -35.84 29.37 19.40
N PHE B 208 -33.86 27.20 24.21
CA PHE B 208 -33.69 27.89 22.94
C PHE B 208 -32.54 27.30 22.15
N LEU B 209 -32.56 27.48 20.83
CA LEU B 209 -31.54 26.97 19.94
C LEU B 209 -30.89 28.12 19.18
N ILE B 210 -29.57 28.10 19.12
CA ILE B 210 -28.81 29.12 18.39
C ILE B 210 -28.44 28.49 17.05
N LYS B 211 -29.32 28.67 16.07
CA LYS B 211 -29.05 28.19 14.72
C LYS B 211 -28.02 29.08 14.05
N ARG B 212 -27.02 28.47 13.42
CA ARG B 212 -25.95 29.21 12.76
C ARG B 212 -26.09 29.02 11.26
N ILE B 213 -26.57 30.07 10.58
CA ILE B 213 -26.74 30.03 9.13
C ILE B 213 -25.50 30.67 8.51
N PRO B 214 -24.66 29.91 7.80
CA PRO B 214 -23.47 30.50 7.20
C PRO B 214 -23.73 31.14 5.85
N MET B 215 -23.00 32.23 5.61
CA MET B 215 -23.00 32.90 4.32
C MET B 215 -21.57 33.33 3.99
N LYS B 216 -21.28 33.42 2.71
CA LYS B 216 -19.95 33.77 2.22
C LYS B 216 -19.90 35.26 1.97
N VAL B 217 -18.94 35.94 2.60
CA VAL B 217 -18.76 37.38 2.50
C VAL B 217 -17.31 37.65 2.11
N LYS B 218 -16.95 38.94 2.05
CA LYS B 218 -15.60 39.36 1.76
C LYS B 218 -14.95 39.97 3.00
N ASP B 219 -13.71 39.56 3.26
CA ASP B 219 -12.95 40.05 4.40
C ASP B 219 -11.58 40.51 3.92
N LYS B 220 -10.88 41.23 4.79
CA LYS B 220 -9.56 41.77 4.46
C LYS B 220 -8.67 41.71 5.69
N ILE B 221 -7.41 41.33 5.49
CA ILE B 221 -6.43 41.24 6.57
C ILE B 221 -5.15 41.93 6.13
N THR B 222 -4.30 42.23 7.11
CA THR B 222 -3.05 42.94 6.85
C THR B 222 -2.01 41.99 6.28
N LYS B 223 -0.80 42.53 6.07
CA LYS B 223 0.29 41.72 5.52
C LYS B 223 0.77 40.70 6.54
N VAL B 224 1.02 41.13 7.77
CA VAL B 224 1.58 40.23 8.78
C VAL B 224 0.57 39.16 9.16
N GLU B 225 -0.71 39.53 9.27
CA GLU B 225 -1.73 38.54 9.57
C GLU B 225 -1.81 37.49 8.47
N TYR B 226 -1.75 37.91 7.21
CA TYR B 226 -1.77 36.94 6.12
C TYR B 226 -0.53 36.06 6.15
N ILE B 227 0.63 36.63 6.47
CA ILE B 227 1.86 35.84 6.55
C ILE B 227 1.71 34.77 7.62
N LYS B 228 1.19 35.16 8.79
CA LYS B 228 1.00 34.17 9.86
C LYS B 228 0.01 33.09 9.44
N ARG B 229 -1.08 33.48 8.79
CA ARG B 229 -2.05 32.49 8.34
C ARG B 229 -1.44 31.53 7.33
N ALA B 230 -0.66 32.05 6.39
CA ALA B 230 -0.02 31.20 5.39
C ALA B 230 0.97 30.24 6.06
N LEU B 231 1.69 30.72 7.06
CA LEU B 231 2.62 29.89 7.81
C LEU B 231 1.93 29.08 8.92
N SER B 232 0.62 29.25 9.09
CA SER B 232 -0.08 28.57 10.17
C SER B 232 -0.34 27.11 9.82
N LEU B 233 -0.19 26.24 10.82
CA LEU B 233 -0.55 24.84 10.72
C LEU B 233 -1.67 24.55 11.71
N ASN B 234 -2.78 24.01 11.21
CA ASN B 234 -3.94 23.74 12.03
C ASN B 234 -3.83 22.36 12.64
N THR B 235 -4.01 22.28 13.96
CA THR B 235 -3.79 21.04 14.69
C THR B 235 -5.10 20.42 15.13
N MET B 236 -5.12 19.09 15.17
CA MET B 236 -6.26 18.32 15.64
C MET B 236 -5.73 17.03 16.25
N THR B 237 -6.64 16.15 16.64
CA THR B 237 -6.29 14.89 17.28
C THR B 237 -6.48 13.73 16.31
N LYS B 238 -5.51 12.83 16.28
CA LYS B 238 -5.61 11.63 15.46
C LYS B 238 -6.52 10.61 16.13
N ASP B 239 -7.37 9.97 15.33
CA ASP B 239 -8.32 8.99 15.82
C ASP B 239 -8.00 7.61 15.24
N ALA B 240 -8.35 6.57 16.00
CA ALA B 240 -8.19 5.17 15.62
C ALA B 240 -6.74 4.73 15.57
N GLU B 241 -5.82 5.50 16.14
CA GLU B 241 -4.44 5.07 16.22
C GLU B 241 -4.31 3.86 17.14
N ARG B 242 -3.51 2.88 16.70
CA ARG B 242 -3.33 1.64 17.43
C ARG B 242 -1.89 1.54 17.94
N GLY B 243 -1.73 0.77 19.01
CA GLY B 243 -0.43 0.47 19.56
C GLY B 243 0.14 1.50 20.49
N LYS B 244 -0.61 2.57 20.81
CA LYS B 244 -0.10 3.63 21.67
C LYS B 244 -1.09 3.87 22.81
N LEU B 245 -0.55 3.92 24.04
CA LEU B 245 -1.40 4.18 25.20
C LEU B 245 -2.02 5.56 25.14
N LYS B 246 -1.22 6.58 24.79
CA LYS B 246 -1.64 7.96 24.85
C LYS B 246 -1.88 8.52 23.46
N ARG B 247 -2.86 9.41 23.36
CA ARG B 247 -3.21 10.01 22.08
C ARG B 247 -2.16 11.05 21.68
N ARG B 248 -2.09 11.30 20.38
CA ARG B 248 -1.17 12.28 19.81
C ARG B 248 -1.94 13.32 19.02
N ALA B 249 -1.23 14.38 18.63
CA ALA B 249 -1.77 15.44 17.80
C ALA B 249 -1.19 15.36 16.39
N ILE B 250 -1.97 15.83 15.43
CA ILE B 250 -1.56 15.89 14.03
C ILE B 250 -1.86 17.30 13.53
N ALA B 251 -1.20 17.67 12.44
CA ALA B 251 -1.29 19.01 11.90
C ALA B 251 -1.49 18.97 10.39
N THR B 252 -2.16 20.00 9.87
CA THR B 252 -2.40 20.17 8.45
C THR B 252 -1.95 21.56 8.04
N ALA B 253 -1.35 21.66 6.86
CA ALA B 253 -0.82 22.92 6.36
C ALA B 253 -1.81 23.56 5.41
N GLY B 254 -1.43 24.69 4.83
CA GLY B 254 -2.22 25.36 3.83
C GLY B 254 -1.71 25.10 2.42
N ILE B 255 -2.34 25.76 1.45
CA ILE B 255 -1.92 25.63 0.06
C ILE B 255 -0.51 26.19 -0.13
N GLN B 256 -0.23 27.35 0.49
CA GLN B 256 1.05 28.00 0.28
C GLN B 256 2.22 27.10 0.64
N ILE B 257 2.03 26.20 1.59
CA ILE B 257 3.11 25.31 2.02
C ILE B 257 3.13 24.04 1.19
N ARG B 258 1.97 23.41 1.00
CA ARG B 258 1.90 22.18 0.23
C ARG B 258 2.44 22.37 -1.18
N GLY B 259 2.27 23.57 -1.75
CA GLY B 259 2.75 23.80 -3.10
C GLY B 259 4.22 23.48 -3.28
N PHE B 260 5.04 23.91 -2.33
CA PHE B 260 6.48 23.65 -2.39
C PHE B 260 6.86 22.33 -1.73
N VAL B 261 6.06 21.88 -0.75
CA VAL B 261 6.30 20.59 -0.13
C VAL B 261 6.20 19.49 -1.18
N LEU B 262 5.32 19.65 -2.17
CA LEU B 262 5.23 18.68 -3.25
C LEU B 262 6.58 18.50 -3.93
N VAL B 263 7.20 19.61 -4.33
CA VAL B 263 8.47 19.54 -5.07
C VAL B 263 9.57 18.97 -4.18
N VAL B 264 9.64 19.43 -2.93
CA VAL B 264 10.69 18.92 -2.04
C VAL B 264 10.53 17.42 -1.83
N GLU B 265 9.29 16.96 -1.61
CA GLU B 265 9.05 15.54 -1.42
C GLU B 265 9.37 14.75 -2.67
N ASN B 266 9.08 15.32 -3.85
CA ASN B 266 9.39 14.63 -5.10
C ASN B 266 10.90 14.47 -5.26
N LEU B 267 11.66 15.51 -4.96
CA LEU B 267 13.11 15.42 -5.03
C LEU B 267 13.63 14.36 -4.06
N ALA B 268 13.14 14.39 -2.82
CA ALA B 268 13.59 13.41 -1.84
C ALA B 268 13.20 12.00 -2.24
N LYS B 269 12.04 11.85 -2.87
CA LYS B 269 11.61 10.53 -3.35
C LYS B 269 12.51 10.03 -4.47
N ASN B 270 12.89 10.92 -5.40
CA ASN B 270 13.84 10.54 -6.44
C ASN B 270 15.15 10.07 -5.82
N ILE B 271 15.60 10.75 -4.76
CA ILE B 271 16.82 10.33 -4.08
C ILE B 271 16.61 8.96 -3.43
N CYS B 272 15.48 8.78 -2.74
CA CYS B 272 15.25 7.56 -1.98
C CYS B 272 15.17 6.34 -2.88
N GLU B 273 14.52 6.48 -4.05
CA GLU B 273 14.34 5.33 -4.92
C GLU B 273 15.65 4.71 -5.35
N ASN B 274 16.75 5.45 -5.28
CA ASN B 274 18.06 4.96 -5.71
C ASN B 274 19.01 4.73 -4.54
N LEU B 275 18.48 4.57 -3.33
CA LEU B 275 19.27 4.25 -2.15
C LEU B 275 18.94 2.84 -1.69
N GLU B 276 19.96 1.99 -1.59
CA GLU B 276 19.74 0.59 -1.25
C GLU B 276 19.30 0.38 0.19
N GLN B 277 19.47 1.38 1.06
CA GLN B 277 19.14 1.25 2.47
C GLN B 277 17.85 1.97 2.84
N SER B 278 17.07 2.40 1.86
CA SER B 278 15.84 3.13 2.10
C SER B 278 14.65 2.19 1.97
N GLY B 279 13.76 2.23 2.96
CA GLY B 279 12.52 1.49 2.90
C GLY B 279 11.39 2.20 2.18
N LEU B 280 11.66 3.37 1.62
CA LEU B 280 10.70 4.15 0.88
C LEU B 280 11.28 4.51 -0.49
N PRO B 281 10.42 4.73 -1.50
CA PRO B 281 8.96 4.64 -1.45
C PRO B 281 8.43 3.23 -1.65
N VAL B 282 9.31 2.23 -1.62
CA VAL B 282 8.87 0.86 -1.81
C VAL B 282 7.94 0.45 -0.67
N GLY B 283 7.06 -0.50 -0.96
CA GLY B 283 6.10 -0.97 0.03
C GLY B 283 5.58 -2.34 -0.35
N GLY B 284 4.93 -2.97 0.62
CA GLY B 284 4.31 -4.27 0.38
C GLY B 284 5.33 -5.31 -0.04
N ASN B 285 5.00 -6.06 -1.11
CA ASN B 285 5.87 -7.13 -1.56
C ASN B 285 7.17 -6.59 -2.14
N GLU B 286 7.13 -5.45 -2.83
CA GLU B 286 8.35 -4.84 -3.33
C GLU B 286 9.30 -4.51 -2.19
N LYS B 287 8.75 -3.92 -1.11
CA LYS B 287 9.57 -3.61 0.05
C LYS B 287 10.09 -4.89 0.71
N LYS B 288 9.24 -5.92 0.79
CA LYS B 288 9.71 -7.18 1.37
C LYS B 288 10.86 -7.76 0.57
N ALA B 289 10.77 -7.73 -0.75
CA ALA B 289 11.86 -8.24 -1.59
C ALA B 289 13.12 -7.43 -1.38
N LYS B 290 13.00 -6.10 -1.35
CA LYS B 290 14.18 -5.25 -1.19
C LYS B 290 14.84 -5.51 0.16
N LEU B 291 14.04 -5.59 1.23
CA LEU B 291 14.60 -5.81 2.56
C LEU B 291 15.22 -7.20 2.67
N SER B 292 14.58 -8.22 2.10
CA SER B 292 15.15 -9.56 2.14
C SER B 292 16.48 -9.61 1.40
N ASN B 293 16.54 -8.98 0.22
CA ASN B 293 17.80 -8.96 -0.52
C ASN B 293 18.88 -8.22 0.25
N ALA B 294 18.54 -7.08 0.86
CA ALA B 294 19.52 -6.33 1.63
C ALA B 294 20.02 -7.15 2.82
N VAL B 295 19.13 -7.83 3.52
CA VAL B 295 19.52 -8.63 4.67
C VAL B 295 20.41 -9.79 4.22
N ALA B 296 20.07 -10.42 3.10
CA ALA B 296 20.90 -11.50 2.59
C ALA B 296 22.29 -10.99 2.22
N LYS B 297 22.36 -9.83 1.58
CA LYS B 297 23.66 -9.28 1.22
C LYS B 297 24.48 -8.96 2.46
N MET B 298 23.85 -8.36 3.47
CA MET B 298 24.59 -8.03 4.69
C MET B 298 24.99 -9.27 5.46
N LEU B 299 24.25 -10.37 5.31
CA LEU B 299 24.65 -11.63 5.92
C LEU B 299 25.82 -12.24 5.17
N SER B 300 25.84 -12.13 3.84
CA SER B 300 26.93 -12.69 3.04
C SER B 300 28.19 -11.83 3.10
N ASN B 301 28.08 -10.57 3.50
CA ASN B 301 29.23 -9.68 3.57
C ASN B 301 29.89 -9.70 4.94
N CYS B 302 29.42 -10.51 5.87
CA CYS B 302 30.01 -10.57 7.20
C CYS B 302 31.44 -11.09 7.09
N PRO B 303 32.44 -10.38 7.63
CA PRO B 303 33.81 -10.88 7.57
C PRO B 303 33.91 -12.24 8.24
N PRO B 304 34.75 -13.14 7.71
CA PRO B 304 34.84 -14.49 8.31
C PRO B 304 35.22 -14.41 9.78
N GLY B 305 34.58 -15.27 10.58
CA GLY B 305 34.83 -15.31 12.00
C GLY B 305 34.36 -14.10 12.77
N GLY B 306 33.87 -13.06 12.09
CA GLY B 306 33.39 -11.88 12.77
C GLY B 306 31.98 -12.03 13.29
N ILE B 307 31.56 -11.03 14.06
CA ILE B 307 30.22 -10.99 14.65
C ILE B 307 29.41 -9.93 13.93
N SER B 308 28.24 -10.32 13.43
CA SER B 308 27.28 -9.41 12.84
C SER B 308 26.10 -9.26 13.79
N MET B 309 25.73 -8.02 14.10
CA MET B 309 24.66 -7.74 15.04
C MET B 309 23.67 -6.78 14.41
N THR B 310 22.39 -7.11 14.53
CA THR B 310 21.31 -6.26 14.03
C THR B 310 20.68 -5.50 15.19
N VAL B 311 20.55 -4.20 15.02
CA VAL B 311 19.88 -3.32 15.97
C VAL B 311 18.52 -2.97 15.39
N THR B 312 17.45 -3.45 16.02
CA THR B 312 16.11 -2.99 15.74
C THR B 312 15.92 -1.67 16.49
N GLY B 313 15.93 -0.56 15.77
CA GLY B 313 15.95 0.74 16.41
C GLY B 313 14.85 1.65 15.92
N ASP B 314 14.26 2.37 16.87
CA ASP B 314 13.29 3.41 16.59
C ASP B 314 13.88 4.74 17.06
N ASN B 315 13.53 5.81 16.36
CA ASN B 315 14.03 7.14 16.67
C ASN B 315 12.96 7.89 17.46
N THR B 316 13.32 8.38 18.63
CA THR B 316 12.37 9.07 19.49
C THR B 316 12.27 10.53 19.08
N LYS B 317 11.06 11.08 19.19
CA LYS B 317 10.81 12.49 18.91
C LYS B 317 11.37 12.88 17.55
N TRP B 318 11.04 12.08 16.54
CA TRP B 318 11.59 12.28 15.20
C TRP B 318 11.21 13.66 14.66
N ASN B 319 9.93 13.98 14.67
CA ASN B 319 9.49 15.27 14.12
C ASN B 319 9.89 16.43 15.02
N GLU B 320 9.89 16.22 16.34
CA GLU B 320 10.24 17.30 17.26
C GLU B 320 11.69 17.74 17.06
N CYS B 321 12.59 16.79 16.87
CA CYS B 321 14.01 17.11 16.81
C CYS B 321 14.50 17.46 15.41
N LEU B 322 13.84 16.95 14.37
CA LEU B 322 14.21 17.34 13.01
C LEU B 322 13.99 18.83 12.84
N ASN B 323 14.97 19.52 12.25
CA ASN B 323 14.91 20.96 12.12
C ASN B 323 14.76 21.34 10.66
N PRO B 324 13.79 22.19 10.31
CA PRO B 324 13.63 22.58 8.91
C PRO B 324 14.84 23.32 8.34
N ARG B 325 15.68 23.91 9.19
CA ARG B 325 16.91 24.54 8.69
C ARG B 325 17.87 23.47 8.16
N ILE B 326 17.94 22.32 8.84
CA ILE B 326 18.76 21.23 8.33
C ILE B 326 18.23 20.75 6.99
N PHE B 327 16.91 20.68 6.84
CA PHE B 327 16.34 20.29 5.55
C PHE B 327 16.59 21.35 4.49
N LEU B 328 16.62 22.63 4.87
CA LEU B 328 17.03 23.67 3.93
C LEU B 328 18.45 23.45 3.46
N ALA B 329 19.35 23.13 4.38
CA ALA B 329 20.73 22.83 4.01
C ALA B 329 20.79 21.62 3.09
N MET B 330 20.01 20.58 3.39
CA MET B 330 19.97 19.40 2.53
C MET B 330 19.48 19.76 1.13
N THR B 331 18.44 20.59 1.05
CA THR B 331 17.92 21.01 -0.24
C THR B 331 18.98 21.76 -1.03
N GLU B 332 19.69 22.69 -0.38
CA GLU B 332 20.73 23.43 -1.09
C GLU B 332 21.85 22.52 -1.54
N ARG B 333 22.26 21.58 -0.70
CA ARG B 333 23.34 20.66 -1.07
C ARG B 333 22.93 19.77 -2.23
N ILE B 334 21.69 19.28 -2.21
CA ILE B 334 21.24 18.37 -3.25
C ILE B 334 21.12 19.09 -4.59
N THR B 335 20.50 20.27 -4.58
CA THR B 335 20.29 21.04 -5.81
C THR B 335 21.44 21.98 -6.08
N ARG B 336 22.67 21.45 -6.08
CA ARG B 336 23.85 22.28 -6.28
C ARG B 336 24.04 22.67 -7.74
N ASP B 337 23.72 21.77 -8.67
CA ASP B 337 23.92 21.99 -10.09
C ASP B 337 22.67 22.48 -10.80
N SER B 338 21.58 22.71 -10.08
CA SER B 338 20.32 23.10 -10.69
C SER B 338 20.30 24.62 -10.95
N PRO B 339 19.47 25.07 -11.89
CA PRO B 339 19.33 26.52 -12.10
C PRO B 339 18.80 27.20 -10.85
N ILE B 340 19.20 28.45 -10.66
CA ILE B 340 18.96 29.13 -9.40
C ILE B 340 17.46 29.21 -9.10
N TRP B 341 16.62 29.30 -10.13
CA TRP B 341 15.19 29.36 -9.89
C TRP B 341 14.70 28.08 -9.20
N PHE B 342 15.18 26.92 -9.64
CA PHE B 342 14.77 25.67 -9.02
C PHE B 342 15.33 25.55 -7.61
N ARG B 343 16.55 26.05 -7.39
CA ARG B 343 17.10 26.03 -6.04
C ARG B 343 16.26 26.87 -5.09
N ASP B 344 15.86 28.07 -5.53
CA ASP B 344 14.99 28.90 -4.70
C ASP B 344 13.66 28.22 -4.46
N PHE B 345 13.09 27.61 -5.52
CA PHE B 345 11.80 26.94 -5.38
C PHE B 345 11.87 25.84 -4.35
N CYS B 346 12.94 25.03 -4.38
CA CYS B 346 13.08 23.95 -3.41
C CYS B 346 13.38 24.49 -2.02
N SER B 347 14.05 25.63 -1.93
CA SER B 347 14.34 26.20 -0.62
C SER B 347 13.12 26.83 0.03
N ILE B 348 12.11 27.19 -0.75
CA ILE B 348 10.94 27.86 -0.17
C ILE B 348 10.32 27.00 0.94
N ALA B 349 10.09 25.71 0.66
CA ALA B 349 9.36 24.88 1.61
C ALA B 349 10.05 24.77 2.96
N PRO B 350 11.34 24.43 3.05
CA PRO B 350 12.01 24.47 4.36
C PRO B 350 11.96 25.85 5.00
N VAL B 351 12.01 26.92 4.21
CA VAL B 351 11.90 28.26 4.77
C VAL B 351 10.53 28.47 5.38
N LEU B 352 9.48 28.04 4.69
CA LEU B 352 8.13 28.18 5.22
C LEU B 352 7.97 27.37 6.51
N PHE B 353 8.54 26.16 6.54
CA PHE B 353 8.42 25.33 7.73
C PHE B 353 9.28 25.83 8.88
N SER B 354 10.34 26.59 8.58
CA SER B 354 11.16 27.13 9.66
C SER B 354 10.47 28.29 10.37
N ASN B 355 9.54 28.95 9.70
CA ASN B 355 8.73 30.01 10.29
C ASN B 355 7.30 29.55 10.54
N LYS B 356 7.08 28.23 10.64
CA LYS B 356 5.73 27.71 10.77
C LYS B 356 5.12 28.11 12.10
N ILE B 357 3.84 28.43 12.08
CA ILE B 357 3.06 28.74 13.27
C ILE B 357 2.03 27.63 13.46
N ALA B 358 1.83 27.22 14.70
CA ALA B 358 0.93 26.13 15.03
C ALA B 358 -0.33 26.71 15.66
N ARG B 359 -1.48 26.42 15.06
CA ARG B 359 -2.76 26.79 15.65
C ARG B 359 -3.10 25.78 16.74
N LEU B 360 -3.28 26.26 17.96
CA LEU B 360 -3.37 25.37 19.11
C LEU B 360 -4.66 24.57 19.16
N GLY B 361 -5.63 24.87 18.31
CA GLY B 361 -6.81 24.02 18.20
C GLY B 361 -8.08 24.62 18.75
N LYS B 362 -8.86 23.80 19.44
CA LYS B 362 -10.19 24.19 19.91
C LYS B 362 -10.17 24.78 21.32
N GLY B 363 -9.02 24.85 21.97
CA GLY B 363 -8.96 25.39 23.31
C GLY B 363 -9.31 24.34 24.35
N PHE B 364 -9.64 24.82 25.54
CA PHE B 364 -9.91 23.96 26.69
C PHE B 364 -11.32 24.20 27.22
N MET B 365 -11.93 23.15 27.76
CA MET B 365 -13.26 23.24 28.32
C MET B 365 -13.17 23.37 29.84
N ILE B 366 -13.80 24.42 30.37
CA ILE B 366 -13.84 24.67 31.81
C ILE B 366 -15.26 24.41 32.29
N THR B 367 -15.38 23.66 33.39
CA THR B 367 -16.67 23.21 33.87
C THR B 367 -16.83 23.52 35.35
N SER B 368 -18.08 23.77 35.73
CA SER B 368 -18.49 23.82 37.13
C SER B 368 -19.33 22.58 37.42
N LYS B 369 -18.83 21.75 38.33
CA LYS B 369 -19.48 20.47 38.63
C LYS B 369 -20.77 20.68 39.42
N THR B 370 -20.73 21.53 40.45
CA THR B 370 -21.91 21.75 41.27
C THR B 370 -23.01 22.45 40.48
N LYS B 371 -22.65 23.41 39.64
CA LYS B 371 -23.62 24.11 38.81
C LYS B 371 -23.91 23.38 37.50
N ARG B 372 -23.17 22.31 37.20
CA ARG B 372 -23.43 21.49 36.01
C ARG B 372 -23.35 22.34 34.75
N LEU B 373 -22.26 23.09 34.61
CA LEU B 373 -22.08 23.97 33.46
C LEU B 373 -20.72 23.72 32.81
N LYS B 374 -20.64 23.99 31.52
CA LYS B 374 -19.38 23.86 30.78
C LYS B 374 -19.29 25.00 29.77
N ALA B 375 -18.05 25.41 29.49
CA ALA B 375 -17.80 26.46 28.51
C ALA B 375 -16.49 26.15 27.80
N GLN B 376 -16.40 26.60 26.55
CA GLN B 376 -15.22 26.37 25.70
C GLN B 376 -14.42 27.66 25.65
N ILE B 377 -13.24 27.64 26.27
CA ILE B 377 -12.29 28.75 26.20
C ILE B 377 -11.42 28.52 24.95
N PRO B 378 -11.51 29.37 23.93
CA PRO B 378 -10.71 29.16 22.72
C PRO B 378 -9.26 29.50 22.95
N CYS B 379 -8.43 29.07 22.00
CA CYS B 379 -6.99 29.32 22.10
C CYS B 379 -6.65 30.80 22.21
N PRO B 380 -7.28 31.71 21.47
CA PRO B 380 -6.98 33.14 21.68
C PRO B 380 -7.21 33.59 23.11
N ASP B 381 -8.19 33.01 23.81
CA ASP B 381 -8.50 33.36 25.18
C ASP B 381 -7.90 32.38 26.18
N LEU B 382 -6.84 31.66 25.79
CA LEU B 382 -6.28 30.64 26.68
C LEU B 382 -5.74 31.25 27.96
N PHE B 383 -5.07 32.40 27.86
CA PHE B 383 -4.53 33.10 29.01
C PHE B 383 -5.45 34.18 29.55
N SER B 384 -6.68 34.26 29.05
CA SER B 384 -7.63 35.25 29.53
C SER B 384 -8.18 34.93 30.91
N ILE B 385 -7.88 33.76 31.46
CA ILE B 385 -8.36 33.39 32.79
C ILE B 385 -7.14 33.02 33.65
N PRO B 386 -7.21 33.18 34.97
CA PRO B 386 -6.07 32.81 35.81
C PRO B 386 -5.70 31.35 35.61
N LEU B 387 -4.39 31.07 35.61
CA LEU B 387 -3.92 29.72 35.36
C LEU B 387 -4.28 28.75 36.47
N GLU B 388 -4.68 29.25 37.65
CA GLU B 388 -5.11 28.36 38.71
C GLU B 388 -6.45 27.69 38.41
N ARG B 389 -7.16 28.14 37.39
CA ARG B 389 -8.42 27.51 36.99
C ARG B 389 -8.22 26.36 36.02
N TYR B 390 -7.00 26.14 35.53
CA TYR B 390 -6.66 24.97 34.75
C TYR B 390 -6.10 23.89 35.67
N ASN B 391 -6.25 22.64 35.24
CA ASN B 391 -5.68 21.54 36.02
C ASN B 391 -4.16 21.63 36.01
N GLU B 392 -3.53 20.80 36.83
CA GLU B 392 -2.08 20.90 37.05
C GLU B 392 -1.32 20.73 35.73
N GLU B 393 -1.63 19.69 34.98
CA GLU B 393 -0.91 19.43 33.73
C GLU B 393 -1.13 20.58 32.74
N THR B 394 -2.38 21.00 32.57
CA THR B 394 -2.65 22.11 31.67
C THR B 394 -2.03 23.41 32.18
N ARG B 395 -2.02 23.61 33.50
CA ARG B 395 -1.41 24.80 34.06
C ARG B 395 0.08 24.86 33.71
N ALA B 396 0.79 23.75 33.92
CA ALA B 396 2.20 23.71 33.58
C ALA B 396 2.42 23.88 32.08
N LYS B 397 1.58 23.25 31.27
CA LYS B 397 1.73 23.38 29.82
C LYS B 397 1.55 24.84 29.39
N LEU B 398 0.56 25.53 29.93
CA LEU B 398 0.35 26.93 29.59
C LEU B 398 1.50 27.80 30.08
N LYS B 399 2.01 27.52 31.28
CA LYS B 399 3.14 28.30 31.79
C LYS B 399 4.35 28.14 30.87
N LYS B 400 4.61 26.93 30.39
CA LYS B 400 5.75 26.72 29.50
C LYS B 400 5.48 27.26 28.10
N LEU B 401 4.21 27.29 27.68
CA LEU B 401 3.86 27.79 26.36
C LEU B 401 3.85 29.31 26.27
N LYS B 402 3.65 29.99 27.39
CA LYS B 402 3.50 31.45 27.37
C LYS B 402 4.58 32.17 26.56
N PRO B 403 5.88 31.88 26.73
CA PRO B 403 6.88 32.63 25.96
C PRO B 403 6.70 32.51 24.45
N PHE B 404 6.30 31.34 23.96
CA PHE B 404 6.10 31.12 22.54
C PHE B 404 4.66 31.36 22.11
N PHE B 405 3.76 31.65 23.03
CA PHE B 405 2.36 31.87 22.69
C PHE B 405 2.20 33.20 21.95
N ASN B 406 1.38 33.17 20.90
CA ASN B 406 1.04 34.37 20.14
C ASN B 406 -0.34 34.84 20.54
N GLU B 407 -0.48 36.16 20.73
CA GLU B 407 -1.71 36.71 21.29
C GLU B 407 -2.93 36.31 20.48
N GLU B 408 -2.78 36.14 19.16
CA GLU B 408 -3.93 35.78 18.33
C GLU B 408 -4.42 34.36 18.59
N GLY B 409 -3.67 33.56 19.35
CA GLY B 409 -4.12 32.22 19.70
C GLY B 409 -3.33 31.12 19.02
N THR B 410 -2.08 31.41 18.67
CA THR B 410 -1.22 30.45 18.01
C THR B 410 0.12 30.39 18.74
N ALA B 411 0.96 29.43 18.35
CA ALA B 411 2.26 29.22 18.98
C ALA B 411 3.35 29.26 17.91
N SER B 412 4.47 29.88 18.24
CA SER B 412 5.63 29.89 17.37
C SER B 412 6.37 28.57 17.52
N LEU B 413 6.45 27.80 16.43
CA LEU B 413 7.02 26.46 16.45
C LEU B 413 8.10 26.34 15.38
N SER B 414 9.03 27.29 15.38
CA SER B 414 10.12 27.28 14.39
C SER B 414 10.87 25.95 14.35
N PRO B 415 11.29 25.37 15.47
CA PRO B 415 11.95 24.06 15.40
C PRO B 415 10.93 22.95 15.20
N GLY B 416 11.45 21.77 14.86
CA GLY B 416 10.63 20.61 14.69
C GLY B 416 9.99 20.53 13.32
N MET B 417 9.33 19.39 13.07
CA MET B 417 8.68 19.09 11.80
C MET B 417 7.28 18.55 12.08
N MET B 418 6.57 19.23 12.98
CA MET B 418 5.33 18.70 13.56
C MET B 418 4.53 17.87 12.57
N MET B 419 4.28 18.42 11.38
CA MET B 419 3.50 17.68 10.39
C MET B 419 4.27 16.49 9.85
N GLY B 420 5.59 16.63 9.73
CA GLY B 420 6.39 15.55 9.16
C GLY B 420 6.07 15.28 7.71
N MET B 421 5.86 16.33 6.91
CA MET B 421 5.58 16.18 5.49
C MET B 421 6.83 15.88 4.68
N PHE B 422 8.00 15.82 5.31
CA PHE B 422 9.27 15.54 4.65
C PHE B 422 9.71 14.11 4.86
N ASN B 423 8.76 13.17 4.82
CA ASN B 423 9.06 11.77 5.07
C ASN B 423 10.23 11.31 4.20
N MET B 424 10.18 11.65 2.90
CA MET B 424 11.26 11.26 2.00
C MET B 424 12.57 11.94 2.36
N LEU B 425 12.53 13.24 2.67
CA LEU B 425 13.76 13.96 3.00
C LEU B 425 14.33 13.47 4.32
N SER B 426 13.47 13.16 5.29
CA SER B 426 13.93 12.58 6.54
C SER B 426 14.54 11.20 6.31
N THR B 427 13.96 10.42 5.39
CA THR B 427 14.56 9.15 5.01
C THR B 427 15.94 9.35 4.41
N VAL B 428 16.09 10.38 3.58
CA VAL B 428 17.39 10.69 3.00
C VAL B 428 18.39 11.02 4.10
N LEU B 429 17.97 11.82 5.08
CA LEU B 429 18.85 12.17 6.19
C LEU B 429 19.26 10.92 6.96
N GLY B 430 18.30 10.04 7.25
CA GLY B 430 18.64 8.81 7.96
C GLY B 430 19.59 7.92 7.19
N VAL B 431 19.38 7.81 5.87
CA VAL B 431 20.28 7.01 5.05
C VAL B 431 21.67 7.61 5.02
N ALA B 432 21.75 8.94 4.91
CA ALA B 432 23.05 9.60 4.96
C ALA B 432 23.74 9.32 6.29
N ALA B 433 22.96 9.26 7.37
CA ALA B 433 23.54 8.82 8.65
C ALA B 433 24.06 7.39 8.54
N LEU B 434 23.30 6.51 7.88
CA LEU B 434 23.74 5.14 7.67
C LEU B 434 24.94 5.06 6.72
N GLY B 435 25.15 6.07 5.89
CA GLY B 435 26.21 6.01 4.89
C GLY B 435 27.60 6.13 5.43
N ILE B 436 27.76 6.65 6.65
CA ILE B 436 29.09 6.84 7.21
C ILE B 436 29.79 5.50 7.37
N LYS B 437 29.12 4.54 8.01
CA LYS B 437 29.55 3.14 8.07
C LYS B 437 30.77 2.93 8.95
N ASN B 438 31.40 4.01 9.44
CA ASN B 438 32.59 3.85 10.27
C ASN B 438 33.09 5.20 10.78
N ILE B 439 33.78 5.18 11.92
CA ILE B 439 34.39 6.38 12.48
C ILE B 439 35.77 6.02 12.99
N GLY B 440 36.78 6.82 12.62
CA GLY B 440 38.12 6.61 13.11
C GLY B 440 38.78 5.34 12.62
N ASN B 441 38.30 4.77 11.52
CA ASN B 441 38.88 3.54 10.97
C ASN B 441 38.87 2.42 12.01
N LYS B 442 37.84 2.41 12.85
CA LYS B 442 37.70 1.36 13.85
C LYS B 442 37.28 0.05 13.18
N GLU B 443 37.32 -1.02 13.96
CA GLU B 443 37.09 -2.37 13.43
C GLU B 443 35.60 -2.72 13.43
N TYR B 444 34.79 -1.85 12.86
CA TYR B 444 33.37 -2.12 12.68
C TYR B 444 32.90 -1.45 11.40
N LEU B 445 31.85 -2.02 10.80
CA LEU B 445 31.22 -1.44 9.63
C LEU B 445 29.72 -1.60 9.78
N TRP B 446 28.97 -0.51 9.72
CA TRP B 446 27.53 -0.56 9.85
C TRP B 446 26.86 -0.19 8.53
N ASP B 447 25.80 -0.93 8.22
CA ASP B 447 24.91 -0.62 7.10
C ASP B 447 23.49 -0.93 7.57
N GLY B 448 22.54 -0.11 7.16
CA GLY B 448 21.20 -0.19 7.74
C GLY B 448 20.10 -0.14 6.69
N LEU B 449 18.89 -0.28 7.20
CA LEU B 449 17.66 -0.05 6.45
C LEU B 449 16.92 1.08 7.13
N GLN B 450 16.51 2.09 6.36
CA GLN B 450 16.01 3.35 6.90
C GLN B 450 14.69 3.69 6.24
N SER B 451 13.59 3.52 6.99
CA SER B 451 12.33 4.14 6.61
C SER B 451 12.35 5.57 7.13
N SER B 452 11.20 6.26 7.10
CA SER B 452 11.15 7.65 7.51
C SER B 452 11.89 7.87 8.83
N ASP B 453 11.53 7.12 9.86
CA ASP B 453 12.22 7.21 11.14
C ASP B 453 12.66 5.84 11.67
N ASP B 454 11.87 4.80 11.47
CA ASP B 454 12.25 3.47 11.94
C ASP B 454 13.48 2.99 11.17
N PHE B 455 14.34 2.24 11.86
CA PHE B 455 15.55 1.76 11.22
C PHE B 455 15.97 0.42 11.78
N ALA B 456 16.75 -0.29 10.96
CA ALA B 456 17.37 -1.55 11.35
C ALA B 456 18.84 -1.48 10.95
N LEU B 457 19.71 -1.34 11.93
CA LEU B 457 21.15 -1.25 11.71
C LEU B 457 21.76 -2.64 11.69
N PHE B 458 22.87 -2.79 10.98
CA PHE B 458 23.60 -4.06 10.90
C PHE B 458 25.08 -3.72 11.02
N VAL B 459 25.69 -4.09 12.14
CA VAL B 459 27.08 -3.77 12.43
C VAL B 459 27.88 -5.07 12.40
N ASN B 460 28.88 -5.12 11.53
CA ASN B 460 29.80 -6.24 11.42
C ASN B 460 31.13 -5.84 12.01
N ALA B 461 31.66 -6.68 12.90
CA ALA B 461 32.94 -6.41 13.54
C ALA B 461 33.61 -7.74 13.84
N LYS B 462 34.64 -7.72 14.70
CA LYS B 462 35.36 -8.92 15.07
C LYS B 462 34.80 -9.59 16.32
N ASP B 463 34.10 -8.83 17.17
CA ASP B 463 33.52 -9.39 18.39
C ASP B 463 32.36 -8.50 18.83
N GLU B 464 31.66 -8.96 19.86
CA GLU B 464 30.51 -8.20 20.36
C GLU B 464 30.93 -6.83 20.87
N GLU B 465 32.08 -6.75 21.53
CA GLU B 465 32.53 -5.48 22.08
C GLU B 465 32.69 -4.42 20.98
N THR B 466 33.31 -4.81 19.86
CA THR B 466 33.48 -3.86 18.76
C THR B 466 32.15 -3.55 18.09
N CYS B 467 31.23 -4.50 18.02
CA CYS B 467 29.90 -4.22 17.49
C CYS B 467 29.19 -3.16 18.34
N MET B 468 29.27 -3.29 19.66
CA MET B 468 28.66 -2.29 20.52
C MET B 468 29.38 -0.95 20.42
N GLU B 469 30.70 -0.96 20.24
CA GLU B 469 31.41 0.29 19.97
C GLU B 469 30.86 0.96 18.72
N GLY B 470 30.67 0.18 17.66
CA GLY B 470 30.12 0.74 16.43
C GLY B 470 28.70 1.26 16.61
N ILE B 471 27.89 0.54 17.38
CA ILE B 471 26.53 1.00 17.63
C ILE B 471 26.54 2.31 18.40
N ASN B 472 27.43 2.42 19.39
CA ASN B 472 27.54 3.67 20.14
C ASN B 472 27.99 4.81 19.24
N ASP B 473 28.95 4.54 18.34
CA ASP B 473 29.40 5.57 17.41
C ASP B 473 28.25 5.98 16.49
N PHE B 474 27.45 5.02 16.03
CA PHE B 474 26.29 5.36 15.20
C PHE B 474 25.30 6.21 15.97
N TYR B 475 25.06 5.88 17.24
CA TYR B 475 24.17 6.68 18.07
C TYR B 475 24.67 8.12 18.15
N ARG B 476 25.96 8.29 18.47
CA ARG B 476 26.51 9.64 18.59
C ARG B 476 26.45 10.39 17.27
N THR B 477 26.76 9.70 16.17
CA THR B 477 26.70 10.34 14.85
C THR B 477 25.29 10.79 14.53
N CYS B 478 24.29 9.95 14.82
CA CYS B 478 22.90 10.36 14.62
C CYS B 478 22.57 11.58 15.47
N LYS B 479 23.06 11.61 16.71
CA LYS B 479 22.88 12.80 17.53
C LYS B 479 23.47 14.03 16.84
N LEU B 480 24.60 13.86 16.16
CA LEU B 480 25.19 14.97 15.42
C LEU B 480 24.29 15.43 14.28
N LEU B 481 23.53 14.52 13.68
CA LEU B 481 22.65 14.85 12.56
C LEU B 481 21.25 15.24 13.03
N GLY B 482 21.03 15.35 14.34
CA GLY B 482 19.72 15.65 14.88
C GLY B 482 18.82 14.44 15.04
N ILE B 483 19.31 13.24 14.78
CA ILE B 483 18.52 12.02 14.91
C ILE B 483 18.77 11.43 16.29
N ASN B 484 17.69 11.12 17.00
CA ASN B 484 17.75 10.63 18.37
C ASN B 484 17.25 9.18 18.39
N MET B 485 18.19 8.23 18.32
CA MET B 485 17.84 6.84 18.45
C MET B 485 17.24 6.58 19.83
N SER B 486 16.13 5.85 19.86
CA SER B 486 15.39 5.61 21.10
C SER B 486 16.02 4.42 21.82
N LYS B 487 16.71 4.69 22.93
CA LYS B 487 17.31 3.62 23.70
C LYS B 487 16.26 2.74 24.35
N LYS B 488 15.14 3.34 24.76
CA LYS B 488 14.07 2.56 25.40
C LYS B 488 13.49 1.54 24.43
N LYS B 489 13.24 1.94 23.18
CA LYS B 489 12.57 1.10 22.22
C LYS B 489 13.53 0.33 21.31
N SER B 490 14.79 0.73 21.23
CA SER B 490 15.76 0.07 20.38
C SER B 490 16.45 -1.05 21.15
N TYR B 491 16.75 -2.14 20.46
CA TYR B 491 17.51 -3.23 21.05
C TYR B 491 18.36 -3.88 19.97
N CYS B 492 19.30 -4.72 20.40
CA CYS B 492 20.27 -5.33 19.50
C CYS B 492 20.39 -6.81 19.79
N ASN B 493 20.59 -7.59 18.74
CA ASN B 493 20.84 -9.02 18.86
C ASN B 493 21.76 -9.44 17.73
N GLU B 494 22.07 -10.73 17.67
CA GLU B 494 22.85 -11.23 16.55
C GLU B 494 22.04 -11.20 15.27
N THR B 495 22.71 -10.94 14.15
CA THR B 495 22.02 -10.84 12.88
C THR B 495 21.25 -12.13 12.58
N GLY B 496 20.03 -11.97 12.10
CA GLY B 496 19.17 -13.10 11.82
C GLY B 496 17.74 -12.85 12.26
N MET B 497 17.59 -12.04 13.32
CA MET B 497 16.28 -11.66 13.81
C MET B 497 16.26 -10.15 14.05
N PHE B 498 15.18 -9.50 13.63
CA PHE B 498 15.00 -8.08 13.87
C PHE B 498 13.57 -7.70 13.48
N GLU B 499 13.27 -6.40 13.59
CA GLU B 499 11.97 -5.88 13.22
C GLU B 499 12.15 -4.51 12.59
N PHE B 500 11.44 -4.28 11.49
CA PHE B 500 11.57 -3.03 10.73
C PHE B 500 10.20 -2.65 10.18
N THR B 501 9.67 -1.51 10.64
CA THR B 501 8.36 -1.03 10.22
C THR B 501 7.28 -2.08 10.48
N SER B 502 7.37 -2.69 11.66
CA SER B 502 6.46 -3.74 12.11
C SER B 502 6.56 -5.01 11.28
N MET B 503 7.56 -5.11 10.41
CA MET B 503 7.85 -6.34 9.68
C MET B 503 8.88 -7.11 10.48
N PHE B 504 8.49 -8.29 10.95
CA PHE B 504 9.32 -9.09 11.85
C PHE B 504 10.10 -10.10 11.02
N TYR B 505 11.42 -9.94 10.96
CA TYR B 505 12.30 -10.81 10.21
C TYR B 505 12.91 -11.82 11.17
N ARG B 506 12.67 -13.10 10.91
CA ARG B 506 13.30 -14.20 11.65
C ARG B 506 13.75 -15.21 10.60
N ASP B 507 14.96 -15.03 10.08
CA ASP B 507 15.45 -15.81 8.95
C ASP B 507 14.47 -15.71 7.79
N GLY B 508 13.88 -14.54 7.62
CA GLY B 508 12.83 -14.31 6.65
C GLY B 508 11.63 -13.62 7.28
N PHE B 509 11.03 -12.69 6.55
CA PHE B 509 9.91 -11.91 7.09
C PHE B 509 8.72 -12.84 7.33
N VAL B 510 8.38 -13.05 8.60
CA VAL B 510 7.23 -13.89 8.92
C VAL B 510 5.95 -13.17 8.52
N SER B 511 4.86 -13.94 8.46
CA SER B 511 3.55 -13.40 8.10
C SER B 511 2.85 -12.94 9.36
N ASN B 512 2.50 -11.67 9.40
CA ASN B 512 1.74 -11.08 10.52
C ASN B 512 0.31 -10.89 10.05
N PHE B 513 -0.55 -11.85 10.37
CA PHE B 513 -1.91 -11.86 9.87
C PHE B 513 -2.82 -10.87 10.58
N ALA B 514 -2.44 -10.40 11.77
CA ALA B 514 -3.33 -9.53 12.55
C ALA B 514 -3.39 -8.12 12.00
N MET B 515 -2.32 -7.63 11.37
CA MET B 515 -2.30 -6.24 10.92
C MET B 515 -3.38 -5.97 9.89
N GLU B 516 -3.57 -6.87 8.93
CA GLU B 516 -4.61 -6.72 7.93
C GLU B 516 -5.97 -7.22 8.40
N LEU B 517 -6.06 -7.72 9.63
CA LEU B 517 -7.34 -8.20 10.15
C LEU B 517 -8.42 -7.12 10.16
N PRO B 518 -8.14 -5.87 10.55
CA PRO B 518 -9.22 -4.87 10.62
C PRO B 518 -9.92 -4.61 9.30
N SER B 519 -9.29 -4.92 8.17
CA SER B 519 -9.86 -4.64 6.86
C SER B 519 -10.74 -5.78 6.33
N PHE B 520 -10.90 -6.86 7.10
CA PHE B 520 -11.63 -8.01 6.61
C PHE B 520 -13.14 -7.78 6.56
N GLY B 521 -13.65 -6.79 7.29
CA GLY B 521 -15.08 -6.57 7.37
C GLY B 521 -15.66 -5.90 6.14
N VAL B 522 -16.97 -5.68 6.21
CA VAL B 522 -17.67 -5.03 5.11
C VAL B 522 -17.09 -3.63 4.92
N ALA B 523 -16.55 -3.36 3.74
CA ALA B 523 -15.89 -2.09 3.47
C ALA B 523 -16.87 -0.91 3.51
N GLY B 524 -18.17 -1.17 3.46
CA GLY B 524 -19.16 -0.12 3.59
C GLY B 524 -19.20 0.88 2.45
N VAL B 525 -19.13 0.42 1.21
CA VAL B 525 -19.34 1.26 0.04
C VAL B 525 -20.70 0.97 -0.60
N ASN B 526 -20.98 -0.29 -0.90
CA ASN B 526 -22.31 -0.76 -1.27
C ASN B 526 -22.25 -2.28 -1.33
N GLU B 527 -23.40 -2.90 -1.62
CA GLU B 527 -23.51 -4.35 -1.50
C GLU B 527 -22.56 -5.07 -2.44
N SER B 528 -22.62 -4.75 -3.74
CA SER B 528 -21.76 -5.43 -4.70
C SER B 528 -20.30 -5.03 -4.50
N ALA B 529 -20.05 -3.74 -4.30
CA ALA B 529 -18.68 -3.28 -4.07
C ALA B 529 -18.09 -3.93 -2.83
N ASP B 530 -18.87 -3.99 -1.76
CA ASP B 530 -18.38 -4.61 -0.53
C ASP B 530 -18.15 -6.11 -0.71
N MET B 531 -19.03 -6.78 -1.44
CA MET B 531 -18.81 -8.19 -1.73
C MET B 531 -17.47 -8.39 -2.43
N ALA B 532 -17.24 -7.62 -3.49
CA ALA B 532 -15.99 -7.74 -4.23
C ALA B 532 -14.80 -7.42 -3.35
N ILE B 533 -14.91 -6.36 -2.54
CA ILE B 533 -13.80 -5.95 -1.69
C ILE B 533 -13.46 -7.04 -0.69
N GLY B 534 -14.47 -7.62 -0.05
CA GLY B 534 -14.20 -8.68 0.91
C GLY B 534 -13.58 -9.90 0.28
N MET B 535 -14.11 -10.33 -0.86
CA MET B 535 -13.55 -11.50 -1.52
C MET B 535 -12.10 -11.24 -1.94
N THR B 536 -11.82 -10.07 -2.49
CA THR B 536 -10.46 -9.75 -2.92
C THR B 536 -9.52 -9.61 -1.74
N ILE B 537 -10.00 -9.07 -0.61
CA ILE B 537 -9.17 -8.97 0.58
C ILE B 537 -8.80 -10.37 1.07
N ILE B 538 -9.76 -11.29 1.08
CA ILE B 538 -9.47 -12.67 1.46
C ILE B 538 -8.44 -13.26 0.51
N LYS B 539 -8.62 -13.04 -0.79
CA LYS B 539 -7.68 -13.57 -1.78
C LYS B 539 -6.27 -13.03 -1.54
N ASN B 540 -6.14 -11.73 -1.33
CA ASN B 540 -4.82 -11.14 -1.18
C ASN B 540 -4.16 -11.57 0.13
N ASN B 541 -4.95 -11.68 1.20
CA ASN B 541 -4.40 -12.18 2.46
C ASN B 541 -3.92 -13.62 2.31
N MET B 542 -4.65 -14.42 1.53
CA MET B 542 -4.17 -15.78 1.23
C MET B 542 -2.85 -15.71 0.45
N ILE B 543 -2.76 -14.78 -0.51
CA ILE B 543 -1.58 -14.70 -1.35
C ILE B 543 -0.35 -14.33 -0.53
N ASN B 544 -0.44 -13.28 0.28
CA ASN B 544 0.76 -12.68 0.87
C ASN B 544 0.57 -12.29 2.33
N ASN B 545 -0.22 -13.07 3.09
CA ASN B 545 -0.30 -12.86 4.52
C ASN B 545 -0.37 -14.17 5.30
N GLY B 546 -0.10 -15.30 4.66
CA GLY B 546 -0.03 -16.57 5.37
C GLY B 546 -1.35 -17.18 5.74
N MET B 547 -2.47 -16.65 5.23
CA MET B 547 -3.78 -17.21 5.54
C MET B 547 -3.97 -18.50 4.74
N GLY B 548 -4.16 -19.61 5.44
CA GLY B 548 -4.31 -20.90 4.80
C GLY B 548 -5.70 -21.08 4.22
N PRO B 549 -5.85 -22.16 3.44
CA PRO B 549 -7.16 -22.41 2.82
C PRO B 549 -8.29 -22.55 3.82
N ALA B 550 -8.05 -23.19 4.96
CA ALA B 550 -9.09 -23.34 5.98
C ALA B 550 -9.47 -21.98 6.55
N THR B 551 -8.48 -21.18 6.93
CA THR B 551 -8.77 -19.84 7.42
C THR B 551 -9.38 -18.97 6.34
N ALA B 552 -8.99 -19.18 5.07
CA ALA B 552 -9.60 -18.42 3.99
C ALA B 552 -11.08 -18.74 3.85
N GLN B 553 -11.45 -20.02 3.92
CA GLN B 553 -12.86 -20.39 3.84
C GLN B 553 -13.62 -19.89 5.06
N THR B 554 -13.02 -19.96 6.25
CA THR B 554 -13.67 -19.39 7.42
C THR B 554 -13.85 -17.89 7.28
N ALA B 555 -12.87 -17.21 6.67
CA ALA B 555 -13.01 -15.78 6.42
C ALA B 555 -14.14 -15.50 5.45
N ILE B 556 -14.29 -16.34 4.43
CA ILE B 556 -15.43 -16.19 3.52
C ILE B 556 -16.74 -16.31 4.29
N GLN B 557 -16.82 -17.33 5.15
CA GLN B 557 -18.04 -17.53 5.94
C GLN B 557 -18.33 -16.33 6.82
N LEU B 558 -17.31 -15.82 7.51
CA LEU B 558 -17.50 -14.71 8.42
C LEU B 558 -17.86 -13.43 7.67
N PHE B 559 -17.24 -13.21 6.51
CA PHE B 559 -17.59 -12.05 5.72
C PHE B 559 -19.03 -12.14 5.25
N ILE B 560 -19.48 -13.32 4.84
CA ILE B 560 -20.87 -13.45 4.40
C ILE B 560 -21.81 -13.21 5.58
N ALA B 561 -21.46 -13.70 6.76
CA ALA B 561 -22.29 -13.46 7.94
C ALA B 561 -22.39 -11.96 8.23
N ASP B 562 -21.26 -11.27 8.26
CA ASP B 562 -21.26 -9.84 8.53
C ASP B 562 -22.00 -9.08 7.43
N TYR B 563 -21.84 -9.52 6.18
CA TYR B 563 -22.53 -8.89 5.05
C TYR B 563 -24.03 -9.02 5.18
N ARG B 564 -24.51 -10.22 5.54
CA ARG B 564 -25.95 -10.45 5.67
C ARG B 564 -26.52 -9.68 6.86
N TYR B 565 -25.75 -9.57 7.95
CA TYR B 565 -26.23 -8.82 9.11
C TYR B 565 -26.09 -7.31 8.92
N THR B 566 -25.27 -6.87 7.97
CA THR B 566 -25.12 -5.45 7.67
C THR B 566 -26.19 -4.97 6.70
N TYR B 567 -26.40 -5.72 5.61
CA TYR B 567 -27.37 -5.34 4.59
C TYR B 567 -28.70 -6.07 4.76
N LYS B 568 -28.89 -6.79 5.86
CA LYS B 568 -30.16 -7.45 6.15
C LYS B 568 -30.60 -8.31 4.97
N CYS B 569 -29.65 -9.04 4.40
CA CYS B 569 -29.90 -9.87 3.22
C CYS B 569 -29.63 -11.33 3.55
N HIS B 570 -30.12 -11.80 4.68
CA HIS B 570 -29.93 -13.18 5.07
C HIS B 570 -30.50 -14.12 4.01
N ARG B 571 -30.18 -15.40 4.16
CA ARG B 571 -30.59 -16.38 3.16
C ARG B 571 -32.11 -16.36 2.99
N GLY B 572 -32.55 -16.46 1.74
CA GLY B 572 -33.97 -16.32 1.46
C GLY B 572 -34.82 -17.33 2.19
N ASP B 573 -34.32 -18.55 2.35
CA ASP B 573 -35.03 -19.58 3.08
C ASP B 573 -34.91 -19.43 4.59
N SER B 574 -34.08 -18.51 5.06
CA SER B 574 -33.91 -18.32 6.49
C SER B 574 -35.17 -17.70 7.10
N LYS B 575 -35.26 -17.76 8.42
CA LYS B 575 -36.41 -17.27 9.15
C LYS B 575 -36.23 -15.85 9.68
N VAL B 576 -35.12 -15.19 9.34
CA VAL B 576 -34.92 -13.81 9.79
C VAL B 576 -36.02 -12.94 9.23
N GLU B 577 -36.41 -11.92 10.01
CA GLU B 577 -37.51 -11.04 9.64
C GLU B 577 -37.03 -9.60 9.59
N GLY B 578 -37.50 -8.89 8.58
CA GLY B 578 -37.15 -7.49 8.41
C GLY B 578 -37.88 -6.91 7.23
N LYS B 579 -37.76 -5.59 7.08
CA LYS B 579 -38.43 -4.91 5.97
C LYS B 579 -37.94 -5.44 4.63
N ARG B 580 -36.62 -5.64 4.49
CA ARG B 580 -36.08 -6.20 3.26
C ARG B 580 -36.32 -7.70 3.17
N MET B 581 -36.41 -8.38 4.32
CA MET B 581 -36.46 -9.84 4.30
C MET B 581 -37.78 -10.37 3.75
N LYS B 582 -38.88 -9.63 3.91
CA LYS B 582 -40.14 -10.08 3.33
C LYS B 582 -40.06 -10.13 1.81
N ILE B 583 -39.52 -9.08 1.20
CA ILE B 583 -39.37 -9.07 -0.25
C ILE B 583 -38.32 -10.09 -0.67
N ILE B 584 -37.29 -10.29 0.16
CA ILE B 584 -36.29 -11.32 -0.16
C ILE B 584 -36.94 -12.70 -0.20
N LYS B 585 -37.82 -12.99 0.77
CA LYS B 585 -38.51 -14.28 0.78
C LYS B 585 -39.45 -14.41 -0.40
N GLU B 586 -40.12 -13.31 -0.78
CA GLU B 586 -40.97 -13.35 -1.96
C GLU B 586 -40.16 -13.65 -3.22
N LEU B 587 -38.97 -13.04 -3.33
CA LEU B 587 -38.09 -13.34 -4.46
C LEU B 587 -37.62 -14.78 -4.42
N TRP B 588 -37.30 -15.29 -3.23
CA TRP B 588 -36.88 -16.67 -3.09
C TRP B 588 -37.96 -17.63 -3.56
N GLU B 589 -39.21 -17.35 -3.20
CA GLU B 589 -40.31 -18.19 -3.66
C GLU B 589 -40.52 -18.06 -5.17
N ASN B 590 -40.48 -16.83 -5.68
CA ASN B 590 -40.68 -16.61 -7.11
C ASN B 590 -39.56 -17.24 -7.93
N THR B 591 -38.32 -17.10 -7.47
CA THR B 591 -37.18 -17.54 -8.26
C THR B 591 -37.16 -19.05 -8.40
N LYS B 592 -36.87 -19.52 -9.61
CA LYS B 592 -36.68 -20.94 -9.87
C LYS B 592 -35.21 -21.35 -9.83
N GLY B 593 -34.32 -20.51 -10.36
CA GLY B 593 -32.89 -20.73 -10.23
C GLY B 593 -32.33 -20.05 -9.00
N ARG B 594 -32.68 -20.57 -7.82
CA ARG B 594 -32.30 -19.90 -6.58
C ARG B 594 -30.80 -19.79 -6.41
N ASP B 595 -30.04 -20.73 -6.98
CA ASP B 595 -28.58 -20.69 -6.84
C ASP B 595 -27.97 -19.48 -7.52
N GLY B 596 -28.70 -18.83 -8.42
CA GLY B 596 -28.20 -17.65 -9.11
C GLY B 596 -28.50 -16.34 -8.41
N LEU B 597 -29.32 -16.34 -7.38
CA LEU B 597 -29.62 -15.12 -6.65
C LEU B 597 -28.38 -14.62 -5.92
N LEU B 598 -28.19 -13.30 -5.92
CA LEU B 598 -27.07 -12.72 -5.21
C LEU B 598 -27.28 -12.82 -3.71
N VAL B 599 -26.16 -12.73 -2.97
CA VAL B 599 -26.24 -12.77 -1.51
C VAL B 599 -27.07 -11.59 -1.01
N ALA B 600 -26.95 -10.44 -1.66
CA ALA B 600 -27.74 -9.27 -1.26
C ALA B 600 -29.23 -9.52 -1.44
N ASP B 601 -29.60 -10.40 -2.37
CA ASP B 601 -30.99 -10.74 -2.62
C ASP B 601 -31.40 -12.03 -1.91
N GLY B 602 -30.70 -12.40 -0.83
CA GLY B 602 -31.03 -13.60 -0.10
C GLY B 602 -30.59 -14.89 -0.76
N GLY B 603 -29.79 -14.82 -1.80
CA GLY B 603 -29.34 -16.02 -2.48
C GLY B 603 -28.23 -16.70 -1.72
N PRO B 604 -27.94 -17.94 -2.12
CA PRO B 604 -26.89 -18.71 -1.45
C PRO B 604 -25.51 -18.16 -1.78
N ASN B 605 -24.56 -18.45 -0.89
CA ASN B 605 -23.17 -18.08 -1.08
C ASN B 605 -22.45 -19.23 -1.79
N ILE B 606 -22.08 -19.00 -3.05
CA ILE B 606 -21.35 -20.00 -3.84
C ILE B 606 -19.86 -19.69 -3.92
N TYR B 607 -19.39 -18.65 -3.24
CA TYR B 607 -17.98 -18.31 -3.27
C TYR B 607 -17.16 -19.36 -2.54
N ASN B 608 -16.00 -19.70 -3.12
CA ASN B 608 -15.01 -20.53 -2.46
C ASN B 608 -13.64 -19.98 -2.85
N LEU B 609 -12.58 -20.72 -2.50
CA LEU B 609 -11.23 -20.22 -2.73
C LEU B 609 -10.96 -20.01 -4.22
N ARG B 610 -11.40 -20.94 -5.07
CA ARG B 610 -11.01 -20.92 -6.47
C ARG B 610 -11.57 -19.70 -7.20
N ASN B 611 -12.73 -19.20 -6.77
CA ASN B 611 -13.44 -18.13 -7.49
C ASN B 611 -13.53 -16.85 -6.67
N LEU B 612 -12.58 -16.62 -5.76
CA LEU B 612 -12.57 -15.36 -5.01
C LEU B 612 -12.29 -14.16 -5.91
N HIS B 613 -11.71 -14.38 -7.09
CA HIS B 613 -11.32 -13.30 -7.98
C HIS B 613 -12.37 -12.97 -9.02
N ILE B 614 -13.52 -13.62 -8.99
CA ILE B 614 -14.60 -13.41 -9.95
C ILE B 614 -15.71 -12.66 -9.26
N PRO B 615 -16.24 -11.57 -9.83
CA PRO B 615 -17.33 -10.85 -9.18
C PRO B 615 -18.56 -11.73 -8.99
N GLU B 616 -19.42 -11.29 -8.08
CA GLU B 616 -20.58 -12.10 -7.69
C GLU B 616 -21.53 -12.30 -8.87
N ILE B 617 -21.87 -11.21 -9.58
CA ILE B 617 -22.81 -11.31 -10.68
C ILE B 617 -22.24 -12.19 -11.78
N VAL B 618 -20.95 -12.03 -12.08
CA VAL B 618 -20.31 -12.85 -13.10
C VAL B 618 -20.33 -14.32 -12.67
N LEU B 619 -20.06 -14.58 -11.40
CA LEU B 619 -20.09 -15.96 -10.91
C LEU B 619 -21.48 -16.56 -11.08
N LYS B 620 -22.53 -15.79 -10.77
CA LYS B 620 -23.89 -16.29 -10.80
C LYS B 620 -24.63 -15.92 -12.08
N TYR B 621 -23.93 -15.35 -13.07
CA TYR B 621 -24.61 -14.86 -14.27
C TYR B 621 -25.30 -16.00 -15.00
N ASN B 622 -24.65 -17.15 -15.12
CA ASN B 622 -25.22 -18.29 -15.83
C ASN B 622 -26.16 -19.12 -14.96
N LEU B 623 -26.29 -18.77 -13.68
CA LEU B 623 -27.26 -19.42 -12.79
C LEU B 623 -28.48 -18.57 -12.51
N MET B 624 -28.41 -17.26 -12.77
CA MET B 624 -29.55 -16.39 -12.56
C MET B 624 -30.69 -16.77 -13.49
N ASP B 625 -31.92 -16.60 -13.01
CA ASP B 625 -33.08 -16.70 -13.88
C ASP B 625 -33.07 -15.53 -14.86
N PRO B 626 -33.57 -15.73 -16.08
CA PRO B 626 -33.63 -14.59 -17.02
C PRO B 626 -34.42 -13.41 -16.46
N GLU B 627 -35.53 -13.67 -15.77
CA GLU B 627 -36.34 -12.58 -15.23
C GLU B 627 -35.59 -11.83 -14.14
N TYR B 628 -35.06 -12.56 -13.16
CA TYR B 628 -34.30 -11.91 -12.09
C TYR B 628 -33.04 -11.26 -12.63
N LYS B 629 -32.38 -11.91 -13.59
CA LYS B 629 -31.17 -11.32 -14.18
C LYS B 629 -31.49 -10.01 -14.87
N GLY B 630 -32.60 -9.96 -15.62
CA GLY B 630 -32.99 -8.71 -16.27
C GLY B 630 -33.38 -7.63 -15.30
N ARG B 631 -34.14 -7.99 -14.25
CA ARG B 631 -34.52 -7.00 -13.25
C ARG B 631 -33.29 -6.44 -12.54
N LEU B 632 -32.37 -7.32 -12.16
CA LEU B 632 -31.16 -6.89 -11.48
C LEU B 632 -30.30 -6.01 -12.38
N LEU B 633 -30.00 -6.49 -13.58
CA LEU B 633 -29.16 -5.76 -14.53
C LEU B 633 -30.00 -4.92 -15.48
N HIS B 634 -30.87 -4.10 -14.92
CA HIS B 634 -31.67 -3.19 -15.73
C HIS B 634 -30.81 -1.98 -16.10
N PRO B 635 -30.63 -1.68 -17.40
CA PRO B 635 -29.74 -0.57 -17.76
C PRO B 635 -30.20 0.77 -17.20
N GLN B 636 -31.48 0.91 -16.83
CA GLN B 636 -32.02 2.16 -16.33
C GLN B 636 -32.56 2.02 -14.91
N ASN B 637 -31.96 1.15 -14.11
CA ASN B 637 -32.41 1.01 -12.73
C ASN B 637 -32.15 2.30 -11.97
N PRO B 638 -33.08 2.72 -11.09
CA PRO B 638 -32.95 4.05 -10.47
C PRO B 638 -31.99 4.10 -9.29
N PHE B 639 -31.46 2.97 -8.84
CA PHE B 639 -30.63 2.96 -7.64
C PHE B 639 -29.18 3.34 -7.93
N VAL B 640 -28.78 3.40 -9.19
CA VAL B 640 -27.42 3.75 -9.58
C VAL B 640 -27.47 5.10 -10.30
N GLY B 641 -26.61 6.02 -9.88
CA GLY B 641 -26.59 7.34 -10.47
C GLY B 641 -26.32 7.31 -11.96
N HIS B 642 -27.18 7.97 -12.74
CA HIS B 642 -27.05 8.03 -14.18
C HIS B 642 -26.44 9.37 -14.60
N LEU B 643 -26.05 9.43 -15.87
CA LEU B 643 -25.43 10.62 -16.45
C LEU B 643 -26.38 11.21 -17.48
N SER B 644 -26.70 12.49 -17.33
CA SER B 644 -27.58 13.18 -18.27
C SER B 644 -27.32 14.68 -18.24
N LYS B 662 -34.87 8.62 -22.70
CA LYS B 662 -34.20 9.92 -22.59
C LYS B 662 -32.75 9.80 -23.07
N MET B 663 -32.01 10.90 -22.90
CA MET B 663 -30.59 10.90 -23.23
C MET B 663 -29.72 10.23 -22.18
N ASP B 664 -30.28 9.97 -20.99
CA ASP B 664 -29.51 9.38 -19.92
C ASP B 664 -28.89 8.05 -20.37
N TYR B 665 -27.61 7.89 -20.07
CA TYR B 665 -26.90 6.69 -20.50
C TYR B 665 -27.37 5.48 -19.71
N ASP B 666 -26.96 4.30 -20.18
CA ASP B 666 -27.31 3.04 -19.53
C ASP B 666 -26.30 2.75 -18.44
N ALA B 667 -26.78 2.62 -17.20
CA ALA B 667 -25.92 2.26 -16.09
C ALA B 667 -25.75 0.75 -16.09
N VAL B 668 -24.56 0.28 -16.48
CA VAL B 668 -24.36 -1.15 -16.69
C VAL B 668 -24.41 -1.91 -15.37
N SER B 669 -23.90 -1.31 -14.29
CA SER B 669 -23.89 -1.98 -13.01
C SER B 669 -25.32 -2.36 -12.60
N GLY B 670 -25.41 -3.29 -11.65
CA GLY B 670 -26.68 -3.79 -11.20
C GLY B 670 -27.36 -2.83 -10.23
N THR B 671 -28.49 -3.28 -9.70
CA THR B 671 -29.25 -2.47 -8.75
C THR B 671 -28.59 -2.38 -7.39
N HIS B 672 -27.67 -3.29 -7.07
CA HIS B 672 -26.99 -3.27 -5.79
C HIS B 672 -25.81 -2.31 -5.75
N SER B 673 -25.40 -1.77 -6.90
CA SER B 673 -24.31 -0.80 -6.92
C SER B 673 -24.86 0.59 -6.63
N TRP B 674 -25.62 0.71 -5.55
CA TRP B 674 -26.29 1.97 -5.23
C TRP B 674 -25.38 2.86 -4.39
N ARG B 675 -25.87 4.07 -4.13
CA ARG B 675 -25.13 5.08 -3.39
C ARG B 675 -26.01 5.65 -2.30
N THR B 676 -25.48 5.71 -1.09
CA THR B 676 -26.11 6.42 0.02
C THR B 676 -25.44 7.78 0.13
N LYS B 677 -26.24 8.84 0.03
CA LYS B 677 -25.68 10.18 0.07
C LYS B 677 -24.91 10.39 1.37
N ARG B 678 -23.69 10.90 1.25
CA ARG B 678 -22.83 11.13 2.40
C ARG B 678 -23.30 12.41 3.07
N ASN B 679 -24.32 12.27 3.92
CA ASN B 679 -25.00 13.42 4.51
C ASN B 679 -24.14 13.99 5.62
N ARG B 680 -23.51 15.14 5.35
CA ARG B 680 -22.71 15.84 6.36
C ARG B 680 -23.55 16.85 7.12
N SER B 681 -24.67 16.40 7.68
CA SER B 681 -25.53 17.27 8.45
C SER B 681 -24.85 17.70 9.74
N ILE B 682 -25.00 18.98 10.08
CA ILE B 682 -24.49 19.54 11.32
C ILE B 682 -25.68 20.13 12.08
N LEU B 683 -25.86 19.69 13.33
CA LEU B 683 -27.00 20.13 14.11
C LEU B 683 -26.95 21.63 14.33
N ASN B 684 -28.11 22.29 14.16
CA ASN B 684 -28.21 23.74 14.31
C ASN B 684 -27.26 24.46 13.37
N THR B 685 -27.21 23.99 12.11
CA THR B 685 -26.37 24.62 11.11
C THR B 685 -26.95 24.27 9.74
N ASP B 686 -27.47 25.28 9.04
CA ASP B 686 -28.11 25.09 7.73
C ASP B 686 -27.20 25.75 6.69
N GLN B 687 -26.31 24.95 6.09
CA GLN B 687 -25.28 25.46 5.19
C GLN B 687 -25.85 25.68 3.79
N ARG B 688 -26.93 26.45 3.72
CA ARG B 688 -27.59 26.66 2.44
C ARG B 688 -26.72 27.46 1.49
N ASN B 689 -26.00 28.47 1.99
CA ASN B 689 -25.14 29.25 1.11
C ASN B 689 -23.96 28.43 0.60
N MET B 690 -23.33 27.64 1.48
CA MET B 690 -22.23 26.79 1.04
C MET B 690 -22.73 25.75 0.04
N ILE B 691 -23.89 25.17 0.30
CA ILE B 691 -24.47 24.20 -0.64
C ILE B 691 -24.78 24.87 -1.96
N LEU B 692 -25.25 26.12 -1.92
CA LEU B 692 -25.55 26.84 -3.16
C LEU B 692 -24.29 27.09 -3.98
N GLU B 693 -23.20 27.50 -3.32
CA GLU B 693 -21.95 27.68 -4.04
C GLU B 693 -21.46 26.35 -4.64
N GLU B 694 -21.52 25.28 -3.85
CA GLU B 694 -21.10 23.98 -4.33
C GLU B 694 -21.95 23.53 -5.51
N GLN B 695 -23.26 23.78 -5.45
CA GLN B 695 -24.15 23.38 -6.54
C GLN B 695 -23.97 24.25 -7.77
N CYS B 696 -23.61 25.53 -7.59
CA CYS B 696 -23.26 26.36 -8.75
C CYS B 696 -22.05 25.79 -9.47
N TYR B 697 -21.00 25.47 -8.70
CA TYR B 697 -19.83 24.85 -9.31
C TYR B 697 -20.19 23.52 -9.96
N ALA B 698 -21.05 22.73 -9.30
CA ALA B 698 -21.44 21.43 -9.84
C ALA B 698 -22.21 21.59 -11.14
N LYS B 699 -23.11 22.58 -11.22
CA LYS B 699 -23.85 22.82 -12.46
C LYS B 699 -22.91 23.25 -13.58
N CYS B 700 -21.97 24.14 -13.28
CA CYS B 700 -21.01 24.55 -14.30
C CYS B 700 -20.21 23.36 -14.80
N CYS B 701 -19.73 22.52 -13.87
CA CYS B 701 -18.95 21.35 -14.26
C CYS B 701 -19.79 20.35 -15.05
N ASN B 702 -21.04 20.17 -14.66
CA ASN B 702 -21.90 19.23 -15.38
C ASN B 702 -22.16 19.71 -16.80
N LEU B 703 -22.41 21.01 -16.98
CA LEU B 703 -22.59 21.53 -18.33
C LEU B 703 -21.31 21.39 -19.14
N PHE B 704 -20.16 21.67 -18.53
CA PHE B 704 -18.90 21.52 -19.24
C PHE B 704 -18.67 20.07 -19.66
N GLU B 705 -18.96 19.12 -18.77
CA GLU B 705 -18.81 17.71 -19.12
C GLU B 705 -19.77 17.30 -20.22
N ALA B 706 -21.00 17.83 -20.19
CA ALA B 706 -21.93 17.57 -21.28
C ALA B 706 -21.37 18.09 -22.59
N CYS B 707 -20.74 19.27 -22.57
CA CYS B 707 -20.08 19.78 -23.77
C CYS B 707 -18.83 18.98 -24.11
N PHE B 708 -18.08 18.56 -23.09
CA PHE B 708 -16.84 17.81 -23.25
C PHE B 708 -16.97 16.49 -22.51
N ASN B 709 -17.39 15.44 -23.23
CA ASN B 709 -17.62 14.15 -22.59
C ASN B 709 -16.34 13.52 -22.08
N SER B 710 -15.18 13.92 -22.61
CA SER B 710 -13.90 13.36 -22.20
C SER B 710 -13.35 14.00 -20.93
N ALA B 711 -14.03 15.02 -20.40
CA ALA B 711 -13.53 15.70 -19.21
C ALA B 711 -13.44 14.75 -18.03
N SER B 712 -14.43 13.87 -17.88
CA SER B 712 -14.40 12.91 -16.77
C SER B 712 -13.21 11.98 -16.88
N TYR B 713 -12.90 11.51 -18.10
CA TYR B 713 -11.83 10.55 -18.27
C TYR B 713 -10.47 11.24 -18.31
N ARG B 714 -10.26 12.13 -19.27
CA ARG B 714 -9.01 12.85 -19.44
C ARG B 714 -9.20 14.29 -18.99
N LYS B 715 -8.29 14.80 -18.17
CA LYS B 715 -8.41 16.15 -17.67
C LYS B 715 -8.32 17.14 -18.83
N PRO B 716 -9.27 18.07 -18.97
CA PRO B 716 -9.19 19.05 -20.06
C PRO B 716 -8.20 20.16 -19.73
N VAL B 717 -7.25 20.39 -20.62
CA VAL B 717 -6.23 21.39 -20.44
C VAL B 717 -6.64 22.65 -21.20
N GLY B 718 -5.99 23.76 -20.87
CA GLY B 718 -6.26 25.02 -21.55
C GLY B 718 -6.20 26.22 -20.64
N GLN B 719 -5.59 27.31 -21.11
CA GLN B 719 -5.48 28.53 -20.34
C GLN B 719 -6.68 29.46 -20.56
N HIS B 720 -7.65 29.06 -21.37
CA HIS B 720 -8.80 29.88 -21.70
C HIS B 720 -9.98 29.55 -20.79
N SER B 721 -10.95 30.45 -20.78
CA SER B 721 -12.10 30.31 -19.90
C SER B 721 -12.92 29.09 -20.26
N MET B 722 -13.57 28.50 -19.25
CA MET B 722 -14.49 27.40 -19.50
C MET B 722 -15.61 27.85 -20.42
N LEU B 723 -16.09 29.07 -20.25
CA LEU B 723 -17.17 29.57 -21.10
C LEU B 723 -16.72 29.63 -22.56
N GLU B 724 -15.50 30.08 -22.82
CA GLU B 724 -15.00 30.14 -24.19
C GLU B 724 -14.94 28.76 -24.82
N ALA B 725 -14.39 27.79 -24.08
CA ALA B 725 -14.31 26.43 -24.61
C ALA B 725 -15.69 25.85 -24.87
N MET B 726 -16.61 26.04 -23.93
CA MET B 726 -17.96 25.51 -24.11
C MET B 726 -18.66 26.17 -25.30
N ALA B 727 -18.50 27.48 -25.45
CA ALA B 727 -19.13 28.18 -26.56
C ALA B 727 -18.58 27.71 -27.90
N HIS B 728 -17.26 27.56 -28.00
CA HIS B 728 -16.67 27.11 -29.26
C HIS B 728 -17.09 25.66 -29.57
N ARG B 729 -17.09 24.80 -28.54
CA ARG B 729 -17.51 23.42 -28.74
C ARG B 729 -18.96 23.35 -29.20
N LEU B 730 -19.84 24.14 -28.58
CA LEU B 730 -21.24 24.12 -28.96
C LEU B 730 -21.45 24.70 -30.36
N ARG B 731 -20.69 25.73 -30.71
CA ARG B 731 -20.79 26.29 -32.06
C ARG B 731 -20.38 25.26 -33.10
N MET B 732 -19.27 24.55 -32.86
CA MET B 732 -18.84 23.52 -33.80
C MET B 732 -19.86 22.40 -33.88
N ASP B 733 -20.40 21.98 -32.74
CA ASP B 733 -21.40 20.92 -32.74
C ASP B 733 -22.65 21.34 -33.51
N ALA B 734 -23.09 22.58 -33.32
CA ALA B 734 -24.26 23.07 -34.03
C ALA B 734 -24.00 23.15 -35.53
N ARG B 735 -22.82 23.63 -35.92
CA ARG B 735 -22.51 23.70 -37.34
C ARG B 735 -22.47 22.31 -37.96
N LEU B 736 -21.87 21.34 -37.27
CA LEU B 736 -21.84 19.98 -37.79
C LEU B 736 -23.24 19.40 -37.89
N ASP B 737 -24.08 19.64 -36.88
CA ASP B 737 -25.45 19.14 -36.93
C ASP B 737 -26.22 19.74 -38.09
N TYR B 738 -26.02 21.04 -38.35
CA TYR B 738 -26.71 21.68 -39.45
C TYR B 738 -26.23 21.12 -40.79
N GLU B 739 -24.92 21.02 -40.97
CA GLU B 739 -24.40 20.50 -42.24
C GLU B 739 -24.84 19.06 -42.47
N SER B 740 -24.74 18.22 -41.45
CA SER B 740 -25.14 16.83 -41.56
C SER B 740 -26.66 16.64 -41.63
N GLY B 741 -27.44 17.69 -41.39
CA GLY B 741 -28.88 17.60 -41.43
C GLY B 741 -29.53 17.13 -40.16
N ARG B 742 -28.77 16.88 -39.09
CA ARG B 742 -29.37 16.46 -37.84
C ARG B 742 -30.29 17.53 -37.28
N MET B 743 -29.86 18.79 -37.34
CA MET B 743 -30.61 19.91 -36.80
C MET B 743 -31.28 20.70 -37.92
N SER B 744 -32.51 21.12 -37.67
CA SER B 744 -33.26 21.89 -38.65
C SER B 744 -32.66 23.29 -38.80
N LYS B 745 -32.97 23.93 -39.93
CA LYS B 745 -32.43 25.25 -40.21
C LYS B 745 -32.89 26.27 -39.16
N ASP B 746 -34.17 26.23 -38.79
CA ASP B 746 -34.66 27.13 -37.75
C ASP B 746 -33.98 26.85 -36.41
N ASP B 747 -33.78 25.57 -36.09
CA ASP B 747 -33.07 25.23 -34.86
C ASP B 747 -31.63 25.73 -34.90
N PHE B 748 -30.98 25.63 -36.07
CA PHE B 748 -29.63 26.16 -36.20
C PHE B 748 -29.62 27.68 -36.01
N GLU B 749 -30.62 28.37 -36.54
CA GLU B 749 -30.72 29.81 -36.33
C GLU B 749 -30.87 30.14 -34.85
N LYS B 750 -31.73 29.38 -34.16
CA LYS B 750 -31.88 29.60 -32.72
C LYS B 750 -30.57 29.37 -31.98
N ALA B 751 -29.85 28.30 -32.34
CA ALA B 751 -28.58 28.00 -31.70
C ALA B 751 -27.58 29.12 -31.93
N MET B 752 -27.50 29.62 -33.18
CA MET B 752 -26.56 30.69 -33.48
C MET B 752 -26.93 31.97 -32.73
N ALA B 753 -28.23 32.28 -32.63
CA ALA B 753 -28.63 33.45 -31.87
C ALA B 753 -28.24 33.32 -30.40
N HIS B 754 -28.51 32.16 -29.81
CA HIS B 754 -28.15 31.94 -28.40
C HIS B 754 -26.65 32.07 -28.20
N LEU B 755 -25.86 31.46 -29.09
CA LEU B 755 -24.40 31.55 -28.96
C LEU B 755 -23.93 33.00 -29.12
N GLY B 756 -24.52 33.74 -30.06
CA GLY B 756 -24.15 35.13 -30.22
C GLY B 756 -24.42 35.94 -28.97
N GLU B 757 -25.60 35.75 -28.37
CA GLU B 757 -25.89 36.41 -27.09
C GLU B 757 -25.05 35.86 -25.95
N ILE B 758 -24.37 34.73 -26.15
CA ILE B 758 -23.50 34.15 -25.14
C ILE B 758 -22.08 34.66 -25.34
N MET C 10 -27.84 16.62 -28.59
CA MET C 10 -28.74 17.70 -28.10
C MET C 10 -28.00 19.03 -28.05
N THR C 11 -27.45 19.44 -29.19
CA THR C 11 -26.65 20.67 -29.23
C THR C 11 -27.50 21.89 -28.89
N LEU C 12 -28.71 21.96 -29.46
CA LEU C 12 -29.58 23.09 -29.18
C LEU C 12 -29.97 23.12 -27.70
N ALA C 13 -30.31 21.96 -27.13
CA ALA C 13 -30.67 21.91 -25.73
C ALA C 13 -29.49 22.31 -24.85
N LYS C 14 -28.28 21.85 -25.20
CA LYS C 14 -27.10 22.23 -24.44
C LYS C 14 -26.85 23.74 -24.52
N ILE C 15 -27.07 24.33 -25.69
CA ILE C 15 -26.91 25.78 -25.82
C ILE C 15 -27.93 26.51 -24.97
N GLU C 16 -29.18 26.04 -24.96
CA GLU C 16 -30.19 26.64 -24.10
C GLU C 16 -29.81 26.52 -22.64
N LEU C 17 -29.29 25.36 -22.24
CA LEU C 17 -28.84 25.18 -20.86
C LEU C 17 -27.69 26.13 -20.52
N LEU C 18 -26.78 26.33 -21.47
CA LEU C 18 -25.68 27.26 -21.24
C LEU C 18 -26.19 28.69 -21.06
N LYS C 19 -27.15 29.10 -21.89
CA LYS C 19 -27.73 30.43 -21.72
C LYS C 19 -28.43 30.55 -20.38
N GLN C 20 -29.18 29.52 -19.98
CA GLN C 20 -29.86 29.52 -18.69
C GLN C 20 -28.86 29.64 -17.55
N LEU C 21 -27.75 28.92 -17.64
CA LEU C 21 -26.73 28.99 -16.59
C LEU C 21 -26.08 30.37 -16.57
N LEU C 22 -25.81 30.94 -17.73
CA LEU C 22 -25.25 32.28 -17.79
C LEU C 22 -26.23 33.35 -17.29
N ARG C 23 -27.52 33.03 -17.25
CA ARG C 23 -28.47 33.95 -16.64
C ARG C 23 -28.22 34.11 -15.14
N ASP C 24 -27.42 33.25 -14.54
CA ASP C 24 -27.08 33.34 -13.12
C ASP C 24 -25.70 33.97 -12.98
N ASN C 25 -25.62 35.07 -12.21
CA ASN C 25 -24.39 35.84 -12.14
C ASN C 25 -23.25 35.02 -11.56
N GLU C 26 -23.51 34.24 -10.51
CA GLU C 26 -22.45 33.45 -9.90
C GLU C 26 -21.93 32.40 -10.88
N ALA C 27 -22.84 31.69 -11.55
CA ALA C 27 -22.41 30.72 -12.56
C ALA C 27 -21.71 31.42 -13.72
N LYS C 28 -22.19 32.61 -14.09
CA LYS C 28 -21.56 33.35 -15.17
C LYS C 28 -20.11 33.67 -14.83
N THR C 29 -19.85 34.18 -13.63
CA THR C 29 -18.47 34.50 -13.25
C THR C 29 -17.64 33.24 -13.07
N VAL C 30 -18.24 32.15 -12.59
CA VAL C 30 -17.51 30.90 -12.48
C VAL C 30 -17.05 30.43 -13.85
N LEU C 31 -17.93 30.49 -14.84
CA LEU C 31 -17.57 30.04 -16.18
C LEU C 31 -16.55 30.97 -16.83
N LYS C 32 -16.72 32.29 -16.64
CA LYS C 32 -15.82 33.24 -17.30
C LYS C 32 -14.43 33.19 -16.69
N GLN C 33 -14.33 33.26 -15.36
CA GLN C 33 -13.03 33.35 -14.70
C GLN C 33 -12.29 32.03 -14.73
N THR C 34 -12.98 30.92 -14.46
CA THR C 34 -12.32 29.63 -14.37
C THR C 34 -11.82 29.20 -15.75
N THR C 35 -10.56 28.79 -15.81
CA THR C 35 -9.98 28.31 -17.04
C THR C 35 -10.30 26.83 -17.24
N VAL C 36 -9.93 26.30 -18.40
CA VAL C 36 -10.19 24.89 -18.69
C VAL C 36 -9.36 24.00 -17.77
N ASP C 37 -8.11 24.38 -17.53
CA ASP C 37 -7.28 23.63 -16.59
C ASP C 37 -7.85 23.68 -15.18
N GLN C 38 -8.34 24.86 -14.77
CA GLN C 38 -8.88 25.02 -13.42
C GLN C 38 -10.23 24.33 -13.24
N TYR C 39 -10.87 23.89 -14.32
CA TYR C 39 -12.07 23.07 -14.18
C TYR C 39 -11.81 21.91 -13.24
N ASN C 40 -10.68 21.22 -13.43
CA ASN C 40 -10.35 20.07 -12.62
C ASN C 40 -10.35 20.41 -11.14
N ILE C 41 -10.12 21.67 -10.80
CA ILE C 41 -10.18 22.08 -9.40
C ILE C 41 -11.64 22.20 -8.95
N ILE C 42 -12.45 22.96 -9.70
CA ILE C 42 -13.82 23.20 -9.26
C ILE C 42 -14.66 21.94 -9.35
N ARG C 43 -14.26 20.97 -10.17
CA ARG C 43 -14.96 19.70 -10.20
C ARG C 43 -14.90 19.00 -8.85
N LYS C 44 -13.85 19.28 -8.06
CA LYS C 44 -13.67 18.67 -6.75
C LYS C 44 -14.12 19.57 -5.61
N PHE C 45 -14.76 20.71 -5.92
CA PHE C 45 -15.19 21.62 -4.88
C PHE C 45 -16.15 20.91 -3.93
N ASN C 46 -15.93 21.08 -2.63
CA ASN C 46 -16.73 20.41 -1.62
C ASN C 46 -16.64 21.22 -0.33
N THR C 47 -17.74 21.84 0.07
CA THR C 47 -17.72 22.68 1.26
C THR C 47 -17.64 21.86 2.54
N SER C 48 -18.30 20.71 2.58
CA SER C 48 -18.36 19.89 3.78
C SER C 48 -17.46 18.68 3.62
N ARG C 49 -16.60 18.46 4.61
CA ARG C 49 -15.64 17.36 4.56
C ARG C 49 -16.36 16.02 4.60
N ILE C 50 -15.84 15.06 3.83
CA ILE C 50 -16.43 13.74 3.77
C ILE C 50 -16.10 12.96 5.04
N GLU C 51 -17.04 12.15 5.49
CA GLU C 51 -16.82 11.33 6.67
C GLU C 51 -15.83 10.21 6.37
N LYS C 52 -15.23 9.66 7.44
CA LYS C 52 -14.04 8.83 7.31
C LYS C 52 -14.21 7.45 7.96
N ASN C 53 -15.43 7.00 8.21
CA ASN C 53 -15.69 5.65 8.72
C ASN C 53 -16.81 5.03 7.89
N PRO C 54 -16.55 4.72 6.62
CA PRO C 54 -17.61 4.21 5.75
C PRO C 54 -18.24 2.91 6.24
N SER C 55 -17.48 2.04 6.88
CA SER C 55 -18.07 0.80 7.40
C SER C 55 -19.08 1.10 8.50
N LEU C 56 -18.70 1.94 9.46
CA LEU C 56 -19.63 2.34 10.50
C LEU C 56 -20.82 3.08 9.92
N ARG C 57 -20.57 3.96 8.94
CA ARG C 57 -21.66 4.71 8.33
C ARG C 57 -22.63 3.79 7.60
N MET C 58 -22.12 2.74 6.95
CA MET C 58 -23.00 1.81 6.27
C MET C 58 -23.79 0.98 7.26
N LYS C 59 -23.15 0.51 8.33
CA LYS C 59 -23.89 -0.23 9.34
C LYS C 59 -24.94 0.64 10.02
N TRP C 60 -24.67 1.95 10.13
CA TRP C 60 -25.63 2.86 10.73
C TRP C 60 -26.79 3.15 9.76
N ALA C 61 -26.48 3.35 8.49
CA ALA C 61 -27.51 3.70 7.52
C ALA C 61 -28.42 2.52 7.22
N MET C 62 -27.86 1.31 7.11
CA MET C 62 -28.69 0.15 6.83
C MET C 62 -29.77 -0.04 7.88
N CYS C 63 -29.54 0.43 9.10
CA CYS C 63 -30.54 0.39 10.15
C CYS C 63 -31.37 1.68 10.18
N SER C 64 -31.87 2.08 9.02
CA SER C 64 -32.66 3.29 8.89
C SER C 64 -33.76 3.06 7.85
N ASN C 65 -34.56 4.09 7.60
CA ASN C 65 -35.70 3.95 6.70
C ASN C 65 -35.27 4.03 5.25
N PHE C 66 -34.72 5.17 4.83
CA PHE C 66 -34.41 5.45 3.42
C PHE C 66 -32.98 5.94 3.31
N PRO C 67 -32.00 5.05 3.37
CA PRO C 67 -30.60 5.47 3.19
C PRO C 67 -30.20 5.64 1.74
N LEU C 68 -30.84 4.89 0.84
CA LEU C 68 -30.49 4.93 -0.57
C LEU C 68 -31.14 6.13 -1.24
N ALA C 69 -30.50 6.60 -2.31
CA ALA C 69 -30.97 7.74 -3.09
C ALA C 69 -31.46 7.25 -4.45
N LEU C 70 -32.65 7.69 -4.83
CA LEU C 70 -33.24 7.32 -6.11
C LEU C 70 -32.81 8.29 -7.20
N THR C 71 -33.03 7.89 -8.44
CA THR C 71 -32.80 8.73 -9.62
C THR C 71 -34.15 9.14 -10.17
N LYS C 72 -34.40 10.45 -10.24
CA LYS C 72 -35.68 10.96 -10.69
C LYS C 72 -35.97 10.48 -12.10
N GLY C 73 -37.18 9.95 -12.31
CA GLY C 73 -37.56 9.45 -13.60
C GLY C 73 -38.70 8.46 -13.49
N ASP C 74 -39.05 7.89 -14.65
CA ASP C 74 -40.15 6.93 -14.69
C ASP C 74 -39.80 5.64 -13.97
N MET C 75 -38.55 5.18 -14.09
CA MET C 75 -38.15 3.94 -13.44
C MET C 75 -38.26 4.04 -11.92
N ALA C 76 -37.90 5.21 -11.37
CA ALA C 76 -38.10 5.42 -9.94
C ALA C 76 -39.57 5.45 -9.58
N ASN C 77 -40.43 5.87 -10.52
CA ASN C 77 -41.86 5.90 -10.25
C ASN C 77 -42.46 4.50 -10.22
N ARG C 78 -41.88 3.56 -10.95
CA ARG C 78 -42.41 2.19 -10.94
C ARG C 78 -42.35 1.60 -9.54
N ILE C 79 -41.43 2.07 -8.71
CA ILE C 79 -41.28 1.55 -7.35
C ILE C 79 -42.49 2.03 -6.54
N PRO C 80 -43.31 1.14 -6.00
CA PRO C 80 -44.46 1.60 -5.21
C PRO C 80 -44.01 2.31 -3.94
N LEU C 81 -44.83 3.26 -3.51
CA LEU C 81 -44.54 3.99 -2.28
C LEU C 81 -44.42 3.03 -1.10
N GLU C 82 -45.37 2.10 -0.98
CA GLU C 82 -45.33 1.07 0.05
C GLU C 82 -45.74 -0.26 -0.56
N TYR C 83 -45.06 -1.33 -0.14
CA TYR C 83 -45.33 -2.68 -0.62
C TYR C 83 -45.64 -3.56 0.57
N LYS C 84 -46.87 -4.03 0.67
CA LYS C 84 -47.31 -4.89 1.76
C LYS C 84 -46.97 -4.28 3.12
N GLY C 85 -47.22 -2.98 3.24
CA GLY C 85 -46.98 -2.27 4.49
C GLY C 85 -45.56 -1.82 4.70
N ILE C 86 -44.66 -2.08 3.75
CA ILE C 86 -43.26 -1.69 3.86
C ILE C 86 -43.03 -0.51 2.93
N GLN C 87 -42.76 0.65 3.52
CA GLN C 87 -42.56 1.88 2.75
C GLN C 87 -41.23 1.79 2.03
N LEU C 88 -41.29 1.54 0.72
CA LEU C 88 -40.07 1.38 -0.06
C LEU C 88 -39.35 2.70 -0.26
N LYS C 89 -40.08 3.76 -0.59
CA LYS C 89 -39.49 5.07 -0.87
C LYS C 89 -40.21 6.13 -0.06
N THR C 90 -39.48 7.23 0.17
CA THR C 90 -40.00 8.32 0.99
C THR C 90 -41.13 9.04 0.28
N ASN C 91 -41.97 9.70 1.07
CA ASN C 91 -43.10 10.44 0.51
C ASN C 91 -42.60 11.60 -0.35
N ALA C 92 -43.41 11.98 -1.32
CA ALA C 92 -43.07 13.01 -2.30
C ALA C 92 -43.76 14.34 -2.01
N GLU C 93 -43.95 14.70 -0.75
CA GLU C 93 -44.50 16.00 -0.39
C GLU C 93 -43.43 17.05 -0.10
N ASP C 94 -42.15 16.69 -0.25
CA ASP C 94 -41.04 17.61 -0.08
C ASP C 94 -40.22 17.69 -1.37
N ILE C 95 -40.91 17.76 -2.51
CA ILE C 95 -40.22 17.71 -3.80
C ILE C 95 -39.35 18.95 -3.99
N GLY C 96 -39.80 20.10 -3.50
CA GLY C 96 -39.12 21.34 -3.79
C GLY C 96 -37.67 21.39 -3.36
N THR C 97 -36.77 21.28 -4.33
CA THR C 97 -35.32 21.44 -4.10
C THR C 97 -34.85 20.61 -2.90
N LYS C 98 -35.38 19.39 -2.78
CA LYS C 98 -35.01 18.51 -1.67
C LYS C 98 -34.37 17.22 -2.13
N GLY C 99 -35.01 16.49 -3.04
CA GLY C 99 -34.54 15.18 -3.48
C GLY C 99 -35.44 14.06 -2.98
N GLN C 100 -35.08 12.84 -3.38
CA GLN C 100 -35.84 11.65 -3.05
C GLN C 100 -34.91 10.56 -2.51
N MET C 101 -35.48 9.68 -1.69
CA MET C 101 -34.74 8.61 -1.05
C MET C 101 -35.58 7.33 -1.08
N CYS C 102 -34.90 6.19 -0.93
CA CYS C 102 -35.58 4.91 -0.90
C CYS C 102 -34.82 3.97 0.03
N SER C 103 -35.50 2.88 0.40
CA SER C 103 -34.94 1.88 1.28
C SER C 103 -34.31 0.76 0.47
N ILE C 104 -33.50 -0.07 1.15
CA ILE C 104 -32.96 -1.27 0.51
C ILE C 104 -34.10 -2.20 0.09
N ALA C 105 -35.19 -2.18 0.85
CA ALA C 105 -36.37 -2.93 0.44
C ALA C 105 -36.84 -2.50 -0.95
N ALA C 106 -36.60 -1.24 -1.33
CA ALA C 106 -36.91 -0.82 -2.69
C ALA C 106 -36.03 -1.55 -3.71
N VAL C 107 -34.75 -1.72 -3.39
CA VAL C 107 -33.86 -2.48 -4.28
C VAL C 107 -34.34 -3.91 -4.41
N THR C 108 -34.72 -4.53 -3.29
CA THR C 108 -35.21 -5.91 -3.35
C THR C 108 -36.49 -5.99 -4.16
N TRP C 109 -37.39 -5.01 -3.98
CA TRP C 109 -38.63 -5.00 -4.77
C TRP C 109 -38.32 -4.88 -6.25
N TRP C 110 -37.36 -4.04 -6.61
CA TRP C 110 -36.99 -3.93 -8.03
C TRP C 110 -36.46 -5.26 -8.54
N ASN C 111 -35.60 -5.93 -7.76
CA ASN C 111 -35.07 -7.22 -8.19
C ASN C 111 -36.16 -8.28 -8.25
N THR C 112 -37.26 -8.11 -7.53
CA THR C 112 -38.33 -9.12 -7.49
C THR C 112 -39.37 -8.89 -8.58
N TYR C 113 -39.93 -7.68 -8.65
CA TYR C 113 -41.05 -7.38 -9.53
C TYR C 113 -40.78 -6.25 -10.51
N GLY C 114 -39.61 -5.64 -10.48
CA GLY C 114 -39.32 -4.52 -11.34
C GLY C 114 -39.27 -4.92 -12.81
N PRO C 115 -39.13 -3.93 -13.70
CA PRO C 115 -39.08 -4.25 -15.13
C PRO C 115 -37.85 -5.08 -15.48
N ILE C 116 -38.01 -5.93 -16.49
CA ILE C 116 -36.95 -6.83 -16.93
C ILE C 116 -36.17 -6.13 -18.04
N GLY C 117 -34.96 -5.69 -17.72
CA GLY C 117 -34.12 -4.96 -18.66
C GLY C 117 -33.28 -5.88 -19.53
N ASP C 118 -32.35 -5.26 -20.26
CA ASP C 118 -31.46 -5.97 -21.16
C ASP C 118 -30.09 -6.09 -20.51
N THR C 119 -29.51 -7.28 -20.58
CA THR C 119 -28.23 -7.58 -19.95
C THR C 119 -27.04 -7.45 -20.90
N GLU C 120 -27.27 -7.09 -22.17
CA GLU C 120 -26.17 -7.02 -23.12
C GLU C 120 -25.10 -6.04 -22.67
N GLY C 121 -25.51 -4.93 -22.05
CA GLY C 121 -24.53 -3.97 -21.57
C GLY C 121 -23.61 -4.55 -20.51
N PHE C 122 -24.18 -5.33 -19.59
CA PHE C 122 -23.35 -5.98 -18.57
C PHE C 122 -22.39 -6.97 -19.21
N GLU C 123 -22.85 -7.72 -20.21
CA GLU C 123 -21.96 -8.66 -20.88
C GLU C 123 -20.83 -7.94 -21.58
N ARG C 124 -21.12 -6.81 -22.22
CA ARG C 124 -20.09 -6.07 -22.94
C ARG C 124 -19.08 -5.44 -21.98
N VAL C 125 -19.57 -4.74 -20.95
CA VAL C 125 -18.67 -3.96 -20.10
C VAL C 125 -17.74 -4.88 -19.31
N TYR C 126 -18.29 -5.94 -18.73
CA TYR C 126 -17.52 -6.84 -17.88
C TYR C 126 -17.10 -8.11 -18.61
N GLU C 127 -16.79 -7.99 -19.90
CA GLU C 127 -16.31 -9.13 -20.66
C GLU C 127 -15.01 -9.67 -20.09
N SER C 128 -14.18 -8.80 -19.49
CA SER C 128 -12.94 -9.27 -18.89
C SER C 128 -13.20 -10.27 -17.78
N PHE C 129 -14.15 -9.94 -16.89
CA PHE C 129 -14.47 -10.85 -15.79
C PHE C 129 -15.15 -12.12 -16.31
N PHE C 130 -15.92 -12.03 -17.39
CA PHE C 130 -16.50 -13.23 -17.98
C PHE C 130 -15.42 -14.13 -18.56
N LEU C 131 -14.39 -13.54 -19.18
CA LEU C 131 -13.26 -14.34 -19.65
C LEU C 131 -12.52 -14.96 -18.48
N ARG C 132 -12.39 -14.22 -17.37
CA ARG C 132 -11.77 -14.78 -16.17
C ARG C 132 -12.56 -15.99 -15.67
N LYS C 133 -13.89 -15.87 -15.62
CA LYS C 133 -14.72 -16.99 -15.20
C LYS C 133 -14.59 -18.16 -16.17
N MET C 134 -14.53 -17.88 -17.47
CA MET C 134 -14.36 -18.95 -18.45
C MET C 134 -13.04 -19.67 -18.24
N ARG C 135 -11.96 -18.92 -17.98
CA ARG C 135 -10.68 -19.55 -17.70
C ARG C 135 -10.74 -20.42 -16.46
N LEU C 136 -11.42 -19.94 -15.42
CA LEU C 136 -11.56 -20.75 -14.21
C LEU C 136 -12.36 -22.02 -14.48
N ASP C 137 -13.48 -21.90 -15.20
CA ASP C 137 -14.37 -23.05 -15.40
C ASP C 137 -13.75 -24.10 -16.31
N ASN C 138 -13.14 -23.67 -17.42
CA ASN C 138 -12.50 -24.60 -18.34
C ASN C 138 -11.07 -24.89 -17.93
N ALA C 139 -10.90 -25.26 -16.66
CA ALA C 139 -9.60 -25.53 -16.08
C ALA C 139 -9.66 -26.84 -15.31
N THR C 140 -8.51 -27.50 -15.21
CA THR C 140 -8.38 -28.74 -14.47
C THR C 140 -7.40 -28.56 -13.33
N TRP C 141 -7.64 -29.28 -12.25
CA TRP C 141 -6.82 -29.21 -11.04
C TRP C 141 -6.07 -30.52 -10.87
N GLY C 142 -4.77 -30.41 -10.58
CA GLY C 142 -3.96 -31.59 -10.34
C GLY C 142 -4.09 -32.06 -8.91
N ARG C 143 -2.96 -32.30 -8.25
CA ARG C 143 -2.93 -32.75 -6.87
C ARG C 143 -2.20 -31.73 -6.01
N ILE C 144 -2.66 -31.59 -4.77
CA ILE C 144 -2.01 -30.70 -3.82
C ILE C 144 -0.87 -31.45 -3.16
N THR C 145 0.32 -30.85 -3.19
CA THR C 145 1.53 -31.42 -2.61
C THR C 145 1.91 -30.61 -1.38
N PHE C 146 2.12 -31.28 -0.26
CA PHE C 146 2.49 -30.63 0.98
C PHE C 146 4.01 -30.72 1.14
N GLY C 147 4.66 -29.57 1.20
CA GLY C 147 6.10 -29.51 1.30
C GLY C 147 6.58 -28.07 1.20
N PRO C 148 7.86 -27.85 1.47
CA PRO C 148 8.38 -26.48 1.44
C PRO C 148 8.23 -25.87 0.06
N VAL C 149 7.85 -24.59 0.05
CA VAL C 149 7.74 -23.80 -1.19
C VAL C 149 8.48 -22.51 -0.96
N GLU C 150 9.42 -22.19 -1.85
CA GLU C 150 10.18 -20.95 -1.78
C GLU C 150 9.57 -19.97 -2.78
N ARG C 151 8.84 -18.99 -2.28
CA ARG C 151 8.22 -17.98 -3.12
C ARG C 151 9.13 -16.77 -3.21
N VAL C 152 9.35 -16.30 -4.44
CA VAL C 152 10.13 -15.10 -4.71
C VAL C 152 9.17 -13.97 -5.06
N ARG C 153 9.39 -12.80 -4.50
CA ARG C 153 8.57 -11.63 -4.79
C ARG C 153 8.98 -11.07 -6.15
N LYS C 154 8.08 -11.13 -7.12
CA LYS C 154 8.34 -10.68 -8.47
C LYS C 154 7.21 -9.78 -8.95
N ARG C 155 7.54 -8.84 -9.83
CA ARG C 155 6.55 -7.97 -10.44
C ARG C 155 5.89 -8.71 -11.59
N VAL C 156 4.66 -9.17 -11.39
CA VAL C 156 3.96 -10.01 -12.34
C VAL C 156 2.67 -9.33 -12.76
N LEU C 157 2.19 -9.73 -13.94
CA LEU C 157 0.94 -9.21 -14.48
C LEU C 157 -0.24 -9.85 -13.75
N LEU C 158 -1.20 -9.02 -13.35
CA LEU C 158 -2.34 -9.51 -12.58
C LEU C 158 -3.28 -10.33 -13.44
N ASN C 159 -3.64 -9.82 -14.61
CA ASN C 159 -4.65 -10.46 -15.45
C ASN C 159 -4.15 -10.58 -16.88
N PRO C 160 -4.55 -11.63 -17.60
CA PRO C 160 -4.13 -11.78 -18.98
C PRO C 160 -4.67 -10.68 -19.87
N LEU C 161 -3.90 -10.34 -20.90
CA LEU C 161 -4.32 -9.38 -21.91
C LEU C 161 -3.92 -9.91 -23.28
N THR C 162 -4.67 -9.51 -24.30
CA THR C 162 -4.36 -9.87 -25.67
C THR C 162 -3.55 -8.80 -26.40
N LYS C 163 -3.68 -7.53 -26.01
CA LYS C 163 -2.85 -6.45 -26.53
C LYS C 163 -2.54 -5.51 -25.37
N GLU C 164 -1.37 -5.70 -24.78
CA GLU C 164 -0.91 -4.86 -23.68
C GLU C 164 -0.11 -3.68 -24.25
N MET C 165 -0.49 -2.48 -23.83
CA MET C 165 0.14 -1.25 -24.29
C MET C 165 0.49 -0.38 -23.08
N PRO C 166 1.49 0.50 -23.22
CA PRO C 166 1.82 1.39 -22.12
C PRO C 166 0.64 2.26 -21.76
N PRO C 167 0.55 2.70 -20.50
CA PRO C 167 -0.66 3.42 -20.07
C PRO C 167 -1.00 4.63 -20.92
N ASP C 168 -0.01 5.43 -21.34
CA ASP C 168 -0.31 6.61 -22.14
C ASP C 168 -0.82 6.22 -23.52
N GLU C 169 -0.22 5.19 -24.12
CA GLU C 169 -0.70 4.70 -25.41
C GLU C 169 -2.13 4.18 -25.30
N ALA C 170 -2.42 3.45 -24.23
CA ALA C 170 -3.78 2.95 -24.03
C ALA C 170 -4.75 4.10 -23.81
N SER C 171 -4.34 5.14 -23.08
CA SER C 171 -5.20 6.29 -22.87
C SER C 171 -5.51 6.99 -24.20
N ASN C 172 -4.49 7.14 -25.05
CA ASN C 172 -4.73 7.74 -26.37
C ASN C 172 -5.66 6.89 -27.20
N VAL C 173 -5.48 5.56 -27.17
CA VAL C 173 -6.37 4.67 -27.91
C VAL C 173 -7.80 4.80 -27.41
N ILE C 174 -7.98 4.88 -26.08
CA ILE C 174 -9.31 5.03 -25.51
C ILE C 174 -9.93 6.35 -25.93
N MET C 175 -9.14 7.43 -25.91
CA MET C 175 -9.66 8.73 -26.34
C MET C 175 -10.09 8.67 -27.80
N GLU C 176 -9.29 8.04 -28.66
CA GLU C 176 -9.66 7.92 -30.06
C GLU C 176 -10.93 7.11 -30.23
N ILE C 177 -11.07 6.01 -29.48
CA ILE C 177 -12.22 5.13 -29.65
C ILE C 177 -13.49 5.83 -29.17
N LEU C 178 -13.45 6.43 -27.98
CA LEU C 178 -14.65 6.95 -27.33
C LEU C 178 -14.84 8.45 -27.53
N PHE C 179 -13.78 9.21 -27.73
CA PHE C 179 -13.84 10.66 -27.87
C PHE C 179 -13.01 11.09 -29.07
N PRO C 180 -13.43 10.71 -30.28
CA PRO C 180 -12.64 11.08 -31.47
C PRO C 180 -12.48 12.58 -31.65
N LYS C 181 -13.48 13.38 -31.29
CA LYS C 181 -13.43 14.81 -31.56
C LYS C 181 -12.48 15.52 -30.60
N GLU C 182 -12.70 15.38 -29.30
CA GLU C 182 -11.82 16.02 -28.31
C GLU C 182 -10.69 15.09 -27.89
N ALA C 183 -9.95 14.58 -28.88
CA ALA C 183 -8.83 13.68 -28.62
C ALA C 183 -7.48 14.39 -28.61
N GLY C 184 -7.38 15.59 -29.18
CA GLY C 184 -6.14 16.33 -29.17
C GLY C 184 -5.31 16.11 -30.42
N ILE C 185 -3.99 16.08 -30.25
CA ILE C 185 -3.09 15.91 -31.38
C ILE C 185 -3.11 14.44 -31.81
N PRO C 186 -3.24 14.13 -33.10
CA PRO C 186 -3.05 12.75 -33.55
C PRO C 186 -1.63 12.28 -33.31
N ARG C 187 -1.45 11.31 -32.43
CA ARG C 187 -0.13 10.84 -32.01
C ARG C 187 0.23 9.57 -32.75
N GLU C 188 1.43 9.06 -32.47
CA GLU C 188 1.89 7.81 -33.09
C GLU C 188 0.94 6.67 -32.79
N SER C 189 0.40 6.64 -31.55
CA SER C 189 -0.53 5.60 -31.17
C SER C 189 -1.78 5.63 -32.05
N THR C 190 -2.28 6.83 -32.35
CA THR C 190 -3.47 6.94 -33.20
C THR C 190 -3.27 6.31 -34.56
N TRP C 191 -2.02 6.15 -35.00
CA TRP C 191 -1.74 5.53 -36.30
C TRP C 191 -1.42 4.05 -36.17
N ILE C 192 -0.51 3.69 -35.26
CA ILE C 192 -0.10 2.29 -35.15
C ILE C 192 -1.22 1.41 -34.61
N HIS C 193 -2.25 2.00 -34.00
CA HIS C 193 -3.41 1.26 -33.51
C HIS C 193 -4.68 1.70 -34.23
N ARG C 194 -4.54 2.16 -35.47
CA ARG C 194 -5.71 2.62 -36.23
C ARG C 194 -6.70 1.49 -36.42
N GLU C 195 -6.22 0.29 -36.76
CA GLU C 195 -7.12 -0.84 -37.00
C GLU C 195 -7.93 -1.17 -35.75
N LEU C 196 -7.26 -1.27 -34.60
CA LEU C 196 -7.96 -1.58 -33.36
C LEU C 196 -8.93 -0.46 -32.98
N ILE C 197 -8.51 0.79 -33.14
CA ILE C 197 -9.39 1.91 -32.82
C ILE C 197 -10.65 1.86 -33.66
N LYS C 198 -10.49 1.63 -34.97
CA LYS C 198 -11.65 1.58 -35.86
C LYS C 198 -12.55 0.38 -35.52
N GLU C 199 -11.95 -0.77 -35.23
CA GLU C 199 -12.73 -1.95 -34.88
C GLU C 199 -13.56 -1.69 -33.62
N LYS C 200 -12.93 -1.11 -32.60
CA LYS C 200 -13.66 -0.82 -31.37
C LYS C 200 -14.74 0.23 -31.59
N ARG C 201 -14.45 1.26 -32.40
CA ARG C 201 -15.45 2.28 -32.67
C ARG C 201 -16.68 1.67 -33.36
N GLU C 202 -16.44 0.82 -34.36
CA GLU C 202 -17.57 0.18 -35.04
C GLU C 202 -18.32 -0.75 -34.10
N LYS C 203 -17.58 -1.48 -33.26
CA LYS C 203 -18.23 -2.37 -32.30
C LYS C 203 -19.01 -1.58 -31.27
N LEU C 204 -18.48 -0.46 -30.81
CA LEU C 204 -19.13 0.37 -29.80
C LEU C 204 -20.09 1.39 -30.41
N LYS C 205 -20.29 1.36 -31.73
CA LYS C 205 -21.19 2.32 -32.36
C LYS C 205 -22.61 2.17 -31.81
N GLY C 206 -23.09 0.94 -31.67
CA GLY C 206 -24.41 0.69 -31.15
C GLY C 206 -24.44 0.45 -29.66
N THR C 207 -23.99 1.42 -28.87
CA THR C 207 -23.98 1.30 -27.42
C THR C 207 -24.40 2.63 -26.80
N MET C 208 -25.23 2.56 -25.77
CA MET C 208 -25.65 3.72 -25.01
C MET C 208 -25.07 3.73 -23.60
N ILE C 209 -24.03 2.93 -23.35
CA ILE C 209 -23.43 2.90 -22.03
C ILE C 209 -22.62 4.17 -21.79
N THR C 210 -22.44 4.50 -20.52
CA THR C 210 -21.75 5.73 -20.17
C THR C 210 -20.34 5.72 -20.76
N PRO C 211 -19.88 6.82 -21.37
CA PRO C 211 -18.55 6.80 -21.98
C PRO C 211 -17.44 6.49 -20.98
N ILE C 212 -17.56 6.94 -19.73
CA ILE C 212 -16.50 6.69 -18.76
C ILE C 212 -16.42 5.20 -18.41
N VAL C 213 -17.58 4.55 -18.30
CA VAL C 213 -17.60 3.11 -18.04
C VAL C 213 -16.95 2.37 -19.20
N LEU C 214 -17.25 2.79 -20.44
CA LEU C 214 -16.61 2.17 -21.61
C LEU C 214 -15.11 2.41 -21.60
N ALA C 215 -14.67 3.60 -21.18
CA ALA C 215 -13.25 3.88 -21.12
C ALA C 215 -12.55 2.98 -20.10
N TYR C 216 -13.19 2.76 -18.95
CA TYR C 216 -12.59 1.87 -17.96
C TYR C 216 -12.60 0.43 -18.44
N MET C 217 -13.64 0.02 -19.16
CA MET C 217 -13.64 -1.30 -19.79
C MET C 217 -12.46 -1.43 -20.75
N LEU C 218 -12.25 -0.41 -21.58
CA LEU C 218 -11.16 -0.45 -22.55
C LEU C 218 -9.81 -0.51 -21.88
N GLU C 219 -9.62 0.26 -20.80
CA GLU C 219 -8.33 0.25 -20.12
C GLU C 219 -8.12 -1.08 -19.40
N ARG C 220 -9.18 -1.67 -18.85
CA ARG C 220 -9.06 -3.02 -18.29
C ARG C 220 -8.68 -4.02 -19.38
N GLU C 221 -9.18 -3.82 -20.59
CA GLU C 221 -8.85 -4.71 -21.70
C GLU C 221 -7.43 -4.49 -22.20
N LEU C 222 -6.90 -3.27 -22.05
CA LEU C 222 -5.62 -2.88 -22.65
C LEU C 222 -4.54 -2.62 -21.62
N VAL C 223 -4.79 -1.73 -20.64
CA VAL C 223 -3.75 -1.39 -19.67
C VAL C 223 -3.40 -2.62 -18.85
N ALA C 224 -2.11 -2.77 -18.56
CA ALA C 224 -1.60 -3.92 -17.82
C ALA C 224 -1.34 -3.52 -16.37
N ARG C 225 -1.93 -4.27 -15.45
CA ARG C 225 -1.73 -4.06 -14.02
C ARG C 225 -0.67 -5.04 -13.54
N ARG C 226 0.50 -4.51 -13.18
CA ARG C 226 1.61 -5.32 -12.70
C ARG C 226 1.87 -5.02 -11.23
N ARG C 227 1.90 -6.06 -10.41
CA ARG C 227 2.08 -5.92 -8.99
C ARG C 227 3.15 -6.88 -8.51
N PHE C 228 3.81 -6.52 -7.41
CA PHE C 228 4.77 -7.40 -6.76
C PHE C 228 4.01 -8.44 -5.96
N LEU C 229 4.17 -9.70 -6.33
CA LEU C 229 3.51 -10.81 -5.65
C LEU C 229 4.51 -11.93 -5.42
N PRO C 230 4.31 -12.75 -4.39
CA PRO C 230 5.15 -13.95 -4.19
C PRO C 230 4.72 -15.05 -5.13
N VAL C 231 5.62 -15.45 -6.03
CA VAL C 231 5.34 -16.46 -7.03
C VAL C 231 6.31 -17.62 -6.84
N ALA C 232 5.93 -18.78 -7.36
CA ALA C 232 6.74 -20.00 -7.23
C ALA C 232 6.51 -20.84 -8.49
N GLY C 233 7.36 -20.62 -9.49
CA GLY C 233 7.37 -21.45 -10.68
C GLY C 233 6.24 -21.21 -11.66
N ALA C 234 5.44 -20.17 -11.47
CA ALA C 234 4.37 -19.85 -12.42
C ALA C 234 4.06 -18.36 -12.29
N THR C 235 4.42 -17.59 -13.31
CA THR C 235 4.21 -16.15 -13.32
C THR C 235 3.28 -15.67 -14.41
N SER C 236 2.80 -16.56 -15.28
CA SER C 236 1.86 -16.15 -16.32
C SER C 236 0.59 -15.61 -15.67
N ALA C 237 0.02 -14.56 -16.29
CA ALA C 237 -1.13 -13.89 -15.69
C ALA C 237 -2.26 -14.87 -15.42
N GLU C 238 -2.49 -15.82 -16.34
CA GLU C 238 -3.52 -16.82 -16.11
C GLU C 238 -3.26 -17.60 -14.82
N PHE C 239 -1.99 -17.72 -14.43
CA PHE C 239 -1.66 -18.33 -13.15
C PHE C 239 -1.66 -17.32 -12.01
N ILE C 240 -1.32 -16.06 -12.29
CA ILE C 240 -1.30 -15.07 -11.22
C ILE C 240 -2.70 -14.81 -10.69
N GLU C 241 -3.71 -14.87 -11.58
CA GLU C 241 -5.07 -14.64 -11.12
C GLU C 241 -5.56 -15.74 -10.19
N MET C 242 -4.94 -16.92 -10.22
CA MET C 242 -5.26 -18.01 -9.32
C MET C 242 -4.19 -18.21 -8.25
N LEU C 243 -3.14 -17.39 -8.25
CA LEU C 243 -2.05 -17.48 -7.29
C LEU C 243 -2.53 -17.80 -5.87
N HIS C 244 -3.64 -17.20 -5.45
CA HIS C 244 -4.12 -17.45 -4.10
C HIS C 244 -4.40 -18.93 -3.85
N CYS C 245 -4.84 -19.65 -4.87
CA CYS C 245 -5.06 -21.09 -4.77
C CYS C 245 -3.87 -21.91 -5.26
N LEU C 246 -2.94 -21.30 -6.00
CA LEU C 246 -1.85 -22.07 -6.60
C LEU C 246 -0.96 -22.70 -5.53
N GLN C 247 -0.47 -21.90 -4.59
CA GLN C 247 0.41 -22.43 -3.57
C GLN C 247 0.50 -21.45 -2.41
N GLY C 248 1.02 -21.95 -1.30
CA GLY C 248 1.38 -21.16 -0.14
C GLY C 248 2.83 -21.38 0.23
N GLU C 249 3.14 -21.15 1.50
CA GLU C 249 4.49 -21.38 1.99
C GLU C 249 4.78 -22.85 2.29
N ASN C 250 3.75 -23.70 2.37
CA ASN C 250 3.92 -25.09 2.73
C ASN C 250 3.17 -26.06 1.83
N TRP C 251 2.30 -25.57 0.94
CA TRP C 251 1.54 -26.44 0.06
C TRP C 251 1.57 -25.85 -1.35
N ARG C 252 1.32 -26.70 -2.33
CA ARG C 252 1.35 -26.31 -3.74
C ARG C 252 0.27 -27.05 -4.49
N GLN C 253 -0.65 -26.30 -5.09
CA GLN C 253 -1.76 -26.86 -5.85
C GLN C 253 -1.44 -26.79 -7.34
N ILE C 254 -1.50 -27.93 -8.01
CA ILE C 254 -1.26 -27.98 -9.44
C ILE C 254 -2.53 -27.52 -10.16
N TYR C 255 -2.37 -26.53 -11.04
CA TYR C 255 -3.50 -25.87 -11.69
C TYR C 255 -3.21 -25.74 -13.18
N HIS C 256 -4.23 -26.03 -13.99
CA HIS C 256 -4.14 -25.95 -15.45
C HIS C 256 -5.21 -24.97 -15.93
N PRO C 257 -4.87 -23.69 -16.10
CA PRO C 257 -5.89 -22.71 -16.50
C PRO C 257 -6.42 -22.98 -17.89
N GLY C 258 -7.66 -22.57 -18.12
CA GLY C 258 -8.28 -22.69 -19.42
C GLY C 258 -7.83 -21.61 -20.38
N GLY C 259 -8.35 -21.68 -21.60
CA GLY C 259 -8.01 -20.73 -22.63
C GLY C 259 -6.69 -21.06 -23.31
N ASN C 260 -6.38 -20.25 -24.32
CA ASN C 260 -5.16 -20.43 -25.10
C ASN C 260 -4.00 -19.73 -24.43
N LYS C 261 -2.81 -20.33 -24.53
CA LYS C 261 -1.60 -19.81 -23.94
C LYS C 261 -0.61 -19.46 -25.05
N LEU C 262 0.01 -18.29 -24.94
CA LEU C 262 0.98 -17.86 -25.94
C LEU C 262 2.19 -18.79 -25.93
N THR C 263 2.76 -19.03 -27.12
CA THR C 263 3.91 -19.92 -27.23
C THR C 263 5.16 -19.33 -26.60
N GLU C 264 5.20 -18.02 -26.39
CA GLU C 264 6.36 -17.43 -25.71
C GLU C 264 6.47 -17.95 -24.28
N SER C 265 5.34 -18.01 -23.57
CA SER C 265 5.34 -18.56 -22.22
C SER C 265 5.75 -20.03 -22.23
N ARG C 266 5.26 -20.79 -23.22
CA ARG C 266 5.64 -22.20 -23.33
C ARG C 266 7.14 -22.33 -23.53
N SER C 267 7.72 -21.50 -24.40
CA SER C 267 9.17 -21.57 -24.63
C SER C 267 9.95 -21.21 -23.38
N GLN C 268 9.52 -20.16 -22.67
CA GLN C 268 10.24 -19.76 -21.46
C GLN C 268 10.16 -20.85 -20.39
N SER C 269 8.97 -21.43 -20.20
CA SER C 269 8.83 -22.51 -19.22
C SER C 269 9.64 -23.72 -19.63
N MET C 270 9.69 -24.02 -20.93
CA MET C 270 10.49 -25.13 -21.42
C MET C 270 11.98 -24.90 -21.13
N ILE C 271 12.45 -23.68 -21.35
CA ILE C 271 13.85 -23.36 -21.06
C ILE C 271 14.13 -23.54 -19.57
N VAL C 272 13.23 -23.04 -18.73
CA VAL C 272 13.43 -23.18 -17.28
C VAL C 272 13.46 -24.66 -16.89
N ALA C 273 12.54 -25.45 -17.44
CA ALA C 273 12.49 -26.87 -17.11
C ALA C 273 13.76 -27.58 -17.54
N CYS C 274 14.24 -27.30 -18.76
CA CYS C 274 15.45 -27.95 -19.24
C CYS C 274 16.65 -27.55 -18.38
N ARG C 275 16.74 -26.27 -18.00
CA ARG C 275 17.83 -25.84 -17.14
C ARG C 275 17.79 -26.54 -15.79
N LYS C 276 16.61 -26.66 -15.20
CA LYS C 276 16.50 -27.36 -13.92
C LYS C 276 16.89 -28.82 -14.06
N ILE C 277 16.43 -29.47 -15.14
CA ILE C 277 16.75 -30.88 -15.35
C ILE C 277 18.26 -31.07 -15.47
N ILE C 278 18.91 -30.21 -16.25
CA ILE C 278 20.36 -30.33 -16.44
C ILE C 278 21.09 -30.06 -15.14
N ARG C 279 20.69 -29.02 -14.40
CA ARG C 279 21.36 -28.71 -13.15
C ARG C 279 21.23 -29.86 -12.15
N ARG C 280 20.08 -30.54 -12.16
CA ARG C 280 19.92 -31.68 -11.26
C ARG C 280 20.64 -32.91 -11.77
N SER C 281 20.86 -33.01 -13.08
CA SER C 281 21.45 -34.21 -13.67
C SER C 281 22.98 -34.21 -13.64
N ILE C 282 23.61 -33.03 -13.74
CA ILE C 282 25.06 -32.98 -13.88
C ILE C 282 25.73 -33.68 -12.70
N VAL C 283 25.23 -33.47 -11.49
CA VAL C 283 25.85 -34.07 -10.32
C VAL C 283 25.59 -35.57 -10.26
N ALA C 284 24.57 -36.06 -10.94
CA ALA C 284 24.22 -37.47 -10.90
C ALA C 284 25.24 -38.30 -11.66
N SER C 285 25.39 -39.56 -11.23
CA SER C 285 26.19 -40.50 -11.99
C SER C 285 25.42 -40.94 -13.23
N ASN C 286 26.10 -40.93 -14.37
CA ASN C 286 25.43 -41.14 -15.65
C ASN C 286 24.39 -40.04 -15.84
N PRO C 287 24.83 -38.78 -16.00
CA PRO C 287 23.86 -37.69 -16.09
C PRO C 287 22.87 -37.84 -17.24
N LEU C 288 23.27 -38.46 -18.35
CA LEU C 288 22.38 -38.60 -19.49
C LEU C 288 21.14 -39.39 -19.13
N GLU C 289 21.30 -40.51 -18.41
CA GLU C 289 20.18 -41.35 -18.08
C GLU C 289 19.18 -40.61 -17.20
N LEU C 290 19.67 -39.93 -16.16
CA LEU C 290 18.78 -39.18 -15.28
C LEU C 290 18.11 -38.03 -16.00
N ALA C 291 18.84 -37.35 -16.88
CA ALA C 291 18.25 -36.25 -17.64
C ALA C 291 17.11 -36.75 -18.50
N VAL C 292 17.32 -37.87 -19.20
CA VAL C 292 16.26 -38.43 -20.04
C VAL C 292 15.08 -38.85 -19.17
N GLU C 293 15.36 -39.50 -18.04
CA GLU C 293 14.29 -39.98 -17.18
C GLU C 293 13.42 -38.82 -16.69
N ILE C 294 14.05 -37.73 -16.25
CA ILE C 294 13.29 -36.59 -15.78
C ILE C 294 12.52 -35.93 -16.93
N ALA C 295 13.18 -35.76 -18.08
CA ALA C 295 12.54 -35.06 -19.19
C ALA C 295 11.35 -35.85 -19.72
N ASN C 296 11.39 -37.18 -19.62
CA ASN C 296 10.24 -37.98 -20.07
C ASN C 296 9.05 -37.84 -19.13
N LYS C 297 9.24 -37.30 -17.93
CA LYS C 297 8.17 -37.12 -16.96
C LYS C 297 7.95 -35.65 -16.61
N THR C 298 8.34 -34.74 -17.50
CA THR C 298 8.18 -33.30 -17.28
C THR C 298 7.04 -32.79 -18.14
N VAL C 299 6.14 -32.01 -17.53
CA VAL C 299 4.98 -31.44 -18.19
C VAL C 299 5.03 -29.93 -18.04
N ILE C 300 4.94 -29.22 -19.16
CA ILE C 300 4.92 -27.77 -19.18
C ILE C 300 3.46 -27.35 -19.20
N ASP C 301 2.95 -26.94 -18.04
CA ASP C 301 1.55 -26.55 -17.88
C ASP C 301 0.63 -27.75 -18.05
N THR C 302 0.40 -28.16 -19.30
CA THR C 302 -0.47 -29.31 -19.57
C THR C 302 0.05 -30.20 -20.69
N GLU C 303 1.29 -30.01 -21.15
CA GLU C 303 1.85 -30.79 -22.23
C GLU C 303 3.20 -31.35 -21.83
N PRO C 304 3.57 -32.53 -22.34
CA PRO C 304 4.86 -33.11 -21.97
C PRO C 304 6.01 -32.28 -22.52
N LEU C 305 7.16 -32.38 -21.85
CA LEU C 305 8.33 -31.60 -22.25
C LEU C 305 8.81 -32.01 -23.64
N LYS C 306 8.75 -33.29 -23.97
CA LYS C 306 9.18 -33.75 -25.28
C LYS C 306 8.37 -33.07 -26.39
N SER C 307 7.04 -33.04 -26.23
CA SER C 307 6.20 -32.41 -27.24
C SER C 307 6.50 -30.92 -27.36
N CYS C 308 6.71 -30.24 -26.23
CA CYS C 308 7.02 -28.82 -26.27
C CYS C 308 8.34 -28.57 -26.99
N LEU C 309 9.36 -29.39 -26.70
CA LEU C 309 10.63 -29.25 -27.39
C LEU C 309 10.50 -29.50 -28.89
N ALA C 310 9.72 -30.51 -29.27
CA ALA C 310 9.53 -30.80 -30.69
C ALA C 310 8.78 -29.67 -31.39
N ALA C 311 7.79 -29.08 -30.73
CA ALA C 311 6.90 -28.11 -31.36
C ALA C 311 7.38 -26.67 -31.24
N ILE C 312 8.43 -26.41 -30.45
CA ILE C 312 8.95 -25.06 -30.25
C ILE C 312 10.22 -24.92 -31.07
N ASP C 313 10.20 -24.00 -32.04
CA ASP C 313 11.37 -23.72 -32.87
C ASP C 313 12.23 -22.66 -32.19
N GLY C 314 12.81 -23.07 -31.07
CA GLY C 314 13.65 -22.16 -30.30
C GLY C 314 14.07 -22.80 -29.00
N GLY C 315 14.71 -22.00 -28.16
CA GLY C 315 15.19 -22.46 -26.87
C GLY C 315 16.59 -21.95 -26.57
N ASP C 316 17.37 -22.75 -25.86
CA ASP C 316 18.72 -22.38 -25.48
C ASP C 316 19.58 -23.64 -25.46
N VAL C 317 20.75 -23.53 -24.83
CA VAL C 317 21.66 -24.68 -24.75
C VAL C 317 20.99 -25.83 -24.02
N ALA C 318 20.30 -25.53 -22.91
CA ALA C 318 19.65 -26.59 -22.14
C ALA C 318 18.59 -27.31 -22.96
N CYS C 319 17.79 -26.55 -23.72
CA CYS C 319 16.76 -27.16 -24.55
C CYS C 319 17.39 -28.06 -25.61
N ASP C 320 18.48 -27.61 -26.23
CA ASP C 320 19.15 -28.43 -27.23
C ASP C 320 19.70 -29.71 -26.61
N ILE C 321 20.29 -29.60 -25.42
CA ILE C 321 20.83 -30.78 -24.74
C ILE C 321 19.71 -31.77 -24.44
N ILE C 322 18.58 -31.28 -23.93
CA ILE C 322 17.48 -32.18 -23.61
C ILE C 322 16.90 -32.79 -24.87
N ARG C 323 16.84 -32.02 -25.96
CA ARG C 323 16.37 -32.56 -27.23
C ARG C 323 17.27 -33.69 -27.71
N ALA C 324 18.59 -33.48 -27.65
CA ALA C 324 19.52 -34.52 -28.07
C ALA C 324 19.37 -35.76 -27.18
N ALA C 325 19.21 -35.54 -25.87
CA ALA C 325 19.02 -36.68 -24.97
C ALA C 325 17.75 -37.44 -25.28
N LEU C 326 16.70 -36.73 -25.70
CA LEU C 326 15.42 -37.33 -26.00
C LEU C 326 15.31 -37.82 -27.44
N GLY C 327 16.30 -37.53 -28.28
CA GLY C 327 16.31 -37.97 -29.66
C GLY C 327 15.89 -36.92 -30.67
N LEU C 328 15.30 -35.82 -30.21
CA LEU C 328 14.90 -34.76 -31.13
C LEU C 328 16.12 -34.03 -31.68
N LYS C 329 15.96 -33.45 -32.87
CA LYS C 329 17.03 -32.66 -33.45
C LYS C 329 17.26 -31.40 -32.62
N ILE C 330 18.50 -30.92 -32.63
CA ILE C 330 18.85 -29.72 -31.88
C ILE C 330 18.56 -28.50 -32.76
N ARG C 331 17.82 -27.55 -32.20
CA ARG C 331 17.52 -26.29 -32.87
C ARG C 331 18.39 -25.23 -32.23
N GLN C 332 19.59 -25.04 -32.78
CA GLN C 332 20.55 -24.11 -32.20
C GLN C 332 20.10 -22.67 -32.47
N ARG C 333 18.98 -22.28 -31.86
CA ARG C 333 18.42 -20.95 -32.03
C ARG C 333 18.44 -20.21 -30.69
N GLN C 334 18.48 -18.89 -30.79
CA GLN C 334 18.51 -18.02 -29.63
C GLN C 334 17.55 -16.85 -29.86
N ARG C 335 17.03 -16.32 -28.77
CA ARG C 335 16.16 -15.15 -28.79
C ARG C 335 16.77 -14.07 -27.92
N PHE C 336 16.84 -12.85 -28.46
CA PHE C 336 17.40 -11.69 -27.79
C PHE C 336 16.42 -10.53 -27.82
N GLY C 337 15.17 -10.83 -27.53
CA GLY C 337 14.10 -9.84 -27.64
C GLY C 337 13.40 -9.95 -28.98
N ARG C 338 13.35 -8.84 -29.72
CA ARG C 338 12.80 -8.86 -31.07
C ARG C 338 13.70 -9.59 -32.05
N LEU C 339 14.93 -9.91 -31.65
CA LEU C 339 15.91 -10.53 -32.53
C LEU C 339 15.89 -12.04 -32.35
N GLU C 340 15.85 -12.76 -33.47
CA GLU C 340 15.92 -14.22 -33.47
C GLU C 340 17.14 -14.65 -34.25
N LEU C 341 17.99 -15.49 -33.66
CA LEU C 341 19.26 -15.86 -34.25
C LEU C 341 19.39 -17.38 -34.31
N LYS C 342 20.18 -17.84 -35.27
CA LYS C 342 20.50 -19.27 -35.41
C LYS C 342 22.01 -19.41 -35.57
N ARG C 343 22.63 -20.16 -34.67
CA ARG C 343 24.09 -20.24 -34.63
C ARG C 343 24.59 -21.04 -35.83
N ILE C 344 25.07 -20.33 -36.85
CA ILE C 344 25.63 -21.01 -38.02
C ILE C 344 26.86 -21.82 -37.62
N SER C 345 27.74 -21.19 -36.83
CA SER C 345 28.96 -21.85 -36.36
C SER C 345 29.68 -20.93 -35.39
N GLY C 346 30.45 -21.50 -34.47
CA GLY C 346 31.19 -20.72 -33.51
C GLY C 346 31.29 -21.44 -32.19
N ARG C 347 31.91 -20.75 -31.23
CA ARG C 347 32.08 -21.31 -29.89
C ARG C 347 32.52 -20.21 -28.93
N GLY C 348 31.86 -20.12 -27.78
CA GLY C 348 32.21 -19.11 -26.80
C GLY C 348 31.79 -19.48 -25.39
N PHE C 349 32.63 -19.14 -24.41
CA PHE C 349 32.37 -19.41 -23.01
C PHE C 349 32.05 -18.09 -22.30
N LYS C 350 30.90 -18.03 -21.64
CA LYS C 350 30.46 -16.79 -21.02
C LYS C 350 31.29 -16.49 -19.78
N ASN C 351 31.52 -15.20 -19.55
CA ASN C 351 32.25 -14.73 -18.37
C ASN C 351 31.57 -13.49 -17.85
N ASP C 352 31.89 -13.14 -16.60
CA ASP C 352 31.40 -11.90 -15.99
C ASP C 352 32.51 -10.87 -16.03
N GLU C 353 32.24 -9.75 -16.70
CA GLU C 353 33.23 -8.70 -16.91
C GLU C 353 32.73 -7.39 -16.34
N GLU C 354 33.62 -6.68 -15.63
CA GLU C 354 33.31 -5.36 -15.08
C GLU C 354 33.37 -4.33 -16.21
N ILE C 355 32.37 -4.42 -17.10
CA ILE C 355 32.29 -3.52 -18.24
C ILE C 355 32.03 -2.10 -17.75
N LEU C 356 32.75 -1.14 -18.35
CA LEU C 356 32.56 0.27 -18.05
C LEU C 356 31.58 0.84 -19.06
N ILE C 357 30.46 1.36 -18.55
CA ILE C 357 29.41 1.90 -19.40
C ILE C 357 29.75 3.34 -19.75
N GLY C 358 29.13 3.84 -20.82
CA GLY C 358 29.44 5.17 -21.30
C GLY C 358 29.28 6.25 -20.24
N ASN C 359 28.31 6.07 -19.34
CA ASN C 359 28.06 7.04 -18.27
C ASN C 359 28.82 6.73 -17.00
N GLY C 360 29.97 6.07 -17.12
CA GLY C 360 30.81 5.81 -15.96
C GLY C 360 30.22 4.86 -14.95
N THR C 361 29.60 3.77 -15.41
CA THR C 361 29.04 2.75 -14.53
C THR C 361 29.73 1.42 -14.82
N ILE C 362 30.21 0.77 -13.76
CA ILE C 362 30.91 -0.50 -13.86
C ILE C 362 29.93 -1.60 -13.50
N GLN C 363 29.69 -2.53 -14.44
CA GLN C 363 28.70 -3.57 -14.26
C GLN C 363 29.28 -4.93 -14.63
N LYS C 364 28.94 -5.95 -13.82
CA LYS C 364 29.35 -7.32 -14.10
C LYS C 364 28.43 -7.88 -15.18
N ILE C 365 28.72 -7.49 -16.42
CA ILE C 365 27.92 -7.89 -17.57
C ILE C 365 28.43 -9.23 -18.09
N GLY C 366 27.53 -9.99 -18.70
CA GLY C 366 27.91 -11.26 -19.30
C GLY C 366 28.51 -11.06 -20.68
N ILE C 367 29.77 -11.45 -20.83
CA ILE C 367 30.53 -11.24 -22.06
C ILE C 367 30.90 -12.59 -22.64
N TRP C 368 30.74 -12.73 -23.96
CA TRP C 368 31.11 -13.93 -24.69
C TRP C 368 32.40 -13.70 -25.46
N ASP C 369 33.13 -14.78 -25.70
CA ASP C 369 34.42 -14.72 -26.38
C ASP C 369 34.44 -15.73 -27.52
N GLY C 370 35.28 -15.45 -28.50
CA GLY C 370 35.46 -16.33 -29.63
C GLY C 370 34.64 -15.92 -30.85
N GLU C 371 35.10 -16.36 -32.01
CA GLU C 371 34.39 -16.07 -33.25
C GLU C 371 33.05 -16.81 -33.26
N GLU C 372 31.99 -16.11 -33.66
CA GLU C 372 30.67 -16.71 -33.71
C GLU C 372 29.86 -16.07 -34.82
N GLU C 373 29.20 -16.89 -35.62
CA GLU C 373 28.38 -16.45 -36.74
C GLU C 373 26.93 -16.86 -36.50
N PHE C 374 26.01 -15.92 -36.70
CA PHE C 374 24.59 -16.14 -36.48
C PHE C 374 23.80 -15.69 -37.69
N HIS C 375 22.92 -16.55 -38.18
CA HIS C 375 21.88 -16.15 -39.12
C HIS C 375 20.81 -15.45 -38.30
N VAL C 376 20.76 -14.14 -38.39
CA VAL C 376 19.90 -13.32 -37.56
C VAL C 376 18.71 -12.85 -38.38
N ARG C 377 17.62 -12.53 -37.68
CA ARG C 377 16.41 -12.05 -38.33
C ARG C 377 15.60 -11.26 -37.31
N CYS C 378 14.85 -10.28 -37.82
CA CYS C 378 14.04 -9.40 -36.98
C CYS C 378 12.96 -8.79 -37.85
N GLY C 379 11.71 -8.89 -37.40
CA GLY C 379 10.59 -8.42 -38.19
C GLY C 379 10.46 -9.21 -39.47
N GLU C 380 10.78 -8.58 -40.60
CA GLU C 380 10.81 -9.26 -41.89
C GLU C 380 12.20 -9.21 -42.53
N CYS C 381 13.22 -8.81 -41.77
CA CYS C 381 14.57 -8.66 -42.28
C CYS C 381 15.47 -9.79 -41.79
N ARG C 382 16.44 -10.15 -42.60
CA ARG C 382 17.42 -11.19 -42.28
C ARG C 382 18.83 -10.64 -42.42
N GLY C 383 19.79 -11.43 -41.96
CA GLY C 383 21.19 -11.04 -42.08
C GLY C 383 22.08 -12.10 -41.47
N ILE C 384 23.38 -11.84 -41.56
CA ILE C 384 24.42 -12.70 -41.01
C ILE C 384 25.34 -11.83 -40.16
N LEU C 385 25.49 -12.20 -38.89
CA LEU C 385 26.28 -11.44 -37.93
C LEU C 385 27.46 -12.28 -37.49
N LYS C 386 28.67 -11.80 -37.76
CA LYS C 386 29.89 -12.42 -37.28
C LYS C 386 30.49 -11.53 -36.19
N LYS C 387 30.84 -12.12 -35.06
CA LYS C 387 31.28 -11.35 -33.91
C LYS C 387 32.42 -12.08 -33.20
N SER C 388 33.12 -11.32 -32.37
CA SER C 388 34.17 -11.82 -31.50
C SER C 388 34.00 -11.22 -30.12
N LYS C 389 34.99 -11.38 -29.24
CA LYS C 389 34.84 -10.90 -27.88
C LYS C 389 34.59 -9.39 -27.86
N MET C 390 33.36 -9.00 -27.54
CA MET C 390 32.99 -7.59 -27.40
C MET C 390 33.21 -6.80 -28.68
N LYS C 391 33.11 -7.44 -29.84
CA LYS C 391 33.29 -6.75 -31.11
C LYS C 391 32.41 -7.36 -32.18
N LEU C 392 31.86 -6.50 -33.04
CA LEU C 392 31.06 -6.93 -34.18
C LEU C 392 31.98 -7.01 -35.39
N GLU C 393 32.36 -8.23 -35.77
CA GLU C 393 33.27 -8.40 -36.90
C GLU C 393 32.62 -7.97 -38.21
N LYS C 394 31.38 -8.39 -38.43
CA LYS C 394 30.68 -8.06 -39.66
C LYS C 394 29.19 -8.25 -39.45
N LEU C 395 28.39 -7.56 -40.27
CA LEU C 395 26.95 -7.70 -40.23
C LEU C 395 26.43 -7.44 -41.65
N LEU C 396 26.13 -8.51 -42.37
CA LEU C 396 25.60 -8.43 -43.73
C LEU C 396 24.09 -8.59 -43.67
N ILE C 397 23.38 -7.49 -43.88
CA ILE C 397 21.92 -7.45 -43.72
C ILE C 397 21.28 -7.43 -45.10
N ASN C 398 20.08 -8.01 -45.19
CA ASN C 398 19.32 -8.01 -46.43
C ASN C 398 18.38 -6.81 -46.48
N SER C 399 17.93 -6.49 -47.69
CA SER C 399 17.03 -5.36 -47.86
C SER C 399 15.65 -5.71 -47.31
N ALA C 400 15.09 -4.78 -46.52
CA ALA C 400 13.78 -4.95 -45.91
C ALA C 400 13.25 -3.57 -45.56
N LYS C 401 12.19 -3.53 -44.74
CA LYS C 401 11.61 -2.25 -44.35
C LYS C 401 12.61 -1.45 -43.52
N LYS C 402 12.44 -0.13 -43.56
CA LYS C 402 13.37 0.76 -42.87
C LYS C 402 13.36 0.51 -41.36
N GLU C 403 12.17 0.48 -40.77
CA GLU C 403 12.09 0.27 -39.32
C GLU C 403 12.58 -1.12 -38.92
N ASP C 404 12.23 -2.14 -39.70
CA ASP C 404 12.72 -3.49 -39.41
C ASP C 404 14.23 -3.55 -39.54
N MET C 405 14.78 -2.91 -40.56
CA MET C 405 16.23 -2.91 -40.74
C MET C 405 16.93 -2.20 -39.58
N ARG C 406 16.39 -1.06 -39.15
CA ARG C 406 16.96 -0.35 -38.01
C ARG C 406 16.91 -1.21 -36.76
N ASP C 407 15.77 -1.87 -36.54
CA ASP C 407 15.65 -2.74 -35.36
C ASP C 407 16.67 -3.87 -35.41
N LEU C 408 16.82 -4.50 -36.58
CA LEU C 408 17.80 -5.57 -36.72
C LEU C 408 19.20 -5.08 -36.44
N ILE C 409 19.56 -3.91 -36.98
CA ILE C 409 20.91 -3.39 -36.79
C ILE C 409 21.15 -3.06 -35.33
N ILE C 410 20.18 -2.42 -34.68
CA ILE C 410 20.34 -2.07 -33.26
C ILE C 410 20.52 -3.33 -32.42
N LEU C 411 19.65 -4.33 -32.67
CA LEU C 411 19.71 -5.54 -31.86
C LEU C 411 21.00 -6.30 -32.10
N CYS C 412 21.48 -6.34 -33.34
CA CYS C 412 22.76 -6.99 -33.61
C CYS C 412 23.92 -6.24 -32.96
N MET C 413 23.86 -4.91 -32.96
CA MET C 413 24.89 -4.13 -32.28
C MET C 413 24.92 -4.49 -30.80
N VAL C 414 23.75 -4.52 -30.16
CA VAL C 414 23.70 -4.85 -28.74
C VAL C 414 24.17 -6.28 -28.49
N PHE C 415 23.74 -7.21 -29.35
CA PHE C 415 24.10 -8.62 -29.19
C PHE C 415 25.60 -8.82 -29.31
N SER C 416 26.23 -8.14 -30.26
CA SER C 416 27.68 -8.25 -30.44
C SER C 416 28.45 -7.69 -29.25
N GLN C 417 27.79 -6.92 -28.37
CA GLN C 417 28.45 -6.34 -27.21
C GLN C 417 29.64 -5.48 -27.64
N ASP C 418 29.46 -4.71 -28.71
CA ASP C 418 30.54 -3.87 -29.21
C ASP C 418 30.95 -2.84 -28.17
N THR C 419 32.24 -2.57 -28.08
CA THR C 419 32.74 -1.59 -27.12
C THR C 419 32.14 -0.22 -27.40
N ARG C 420 31.97 0.14 -28.67
CA ARG C 420 31.31 1.39 -29.00
C ARG C 420 29.87 1.39 -28.50
N MET C 421 29.20 0.24 -28.55
CA MET C 421 27.83 0.16 -28.06
C MET C 421 27.76 0.48 -26.58
N PHE C 422 28.68 -0.08 -25.79
CA PHE C 422 28.72 0.24 -24.36
C PHE C 422 29.08 1.70 -24.13
N GLN C 423 30.07 2.20 -24.87
CA GLN C 423 30.46 3.60 -24.76
C GLN C 423 29.39 4.54 -25.31
N GLY C 424 28.43 4.02 -26.06
CA GLY C 424 27.37 4.83 -26.61
C GLY C 424 26.22 5.13 -25.66
N VAL C 425 26.27 4.62 -24.43
CA VAL C 425 25.20 4.85 -23.47
C VAL C 425 25.48 6.18 -22.76
N ARG C 426 24.64 7.17 -23.03
CA ARG C 426 24.72 8.48 -22.37
C ARG C 426 23.31 8.88 -21.98
N GLY C 427 22.89 8.49 -20.78
CA GLY C 427 21.55 8.77 -20.33
C GLY C 427 21.20 7.91 -19.13
N GLU C 428 19.93 7.98 -18.75
CA GLU C 428 19.43 7.25 -17.59
C GLU C 428 19.14 5.80 -18.00
N ILE C 429 19.96 4.87 -17.50
CA ILE C 429 19.78 3.45 -17.75
C ILE C 429 19.87 2.73 -16.41
N ASN C 430 18.81 2.01 -16.05
CA ASN C 430 18.72 1.32 -14.78
C ASN C 430 18.90 -0.18 -15.02
N PHE C 431 19.94 -0.75 -14.42
CA PHE C 431 20.19 -2.18 -14.48
C PHE C 431 19.76 -2.90 -13.22
N LEU C 432 19.14 -2.20 -12.28
CA LEU C 432 18.68 -2.79 -11.02
C LEU C 432 17.31 -2.22 -10.71
N ASN C 433 16.34 -3.10 -10.47
CA ASN C 433 14.99 -2.66 -10.20
C ASN C 433 14.91 -2.00 -8.82
N ARG C 434 13.79 -1.32 -8.58
CA ARG C 434 13.63 -0.59 -7.33
C ARG C 434 13.67 -1.51 -6.11
N ALA C 435 13.45 -2.81 -6.30
CA ALA C 435 13.54 -3.78 -5.22
C ALA C 435 14.93 -4.40 -5.09
N GLY C 436 15.90 -3.95 -5.87
CA GLY C 436 17.24 -4.47 -5.80
C GLY C 436 17.48 -5.76 -6.55
N GLN C 437 16.48 -6.28 -7.25
CA GLN C 437 16.66 -7.49 -8.04
C GLN C 437 17.45 -7.18 -9.31
N LEU C 438 18.23 -8.16 -9.75
CA LEU C 438 19.13 -7.98 -10.89
C LEU C 438 18.35 -8.06 -12.20
N LEU C 439 18.26 -6.94 -12.90
CA LEU C 439 17.74 -6.94 -14.26
C LEU C 439 18.82 -7.39 -15.23
N SER C 440 18.39 -7.98 -16.34
CA SER C 440 19.36 -8.45 -17.33
C SER C 440 20.04 -7.24 -17.98
N PRO C 441 21.36 -7.11 -17.88
CA PRO C 441 22.00 -5.91 -18.45
C PRO C 441 21.83 -5.78 -19.95
N MET C 442 21.99 -6.88 -20.70
CA MET C 442 21.91 -6.80 -22.15
C MET C 442 20.52 -6.37 -22.60
N TYR C 443 19.47 -6.89 -21.97
CA TYR C 443 18.12 -6.51 -22.35
C TYR C 443 17.83 -5.05 -22.03
N GLN C 444 18.34 -4.55 -20.90
CA GLN C 444 18.18 -3.14 -20.58
C GLN C 444 18.90 -2.26 -21.59
N LEU C 445 20.11 -2.66 -21.99
CA LEU C 445 20.82 -1.93 -23.05
C LEU C 445 20.03 -1.94 -24.35
N GLN C 446 19.45 -3.10 -24.70
CA GLN C 446 18.62 -3.18 -25.89
C GLN C 446 17.44 -2.22 -25.80
N ARG C 447 16.76 -2.20 -24.65
CA ARG C 447 15.62 -1.30 -24.50
C ARG C 447 16.03 0.14 -24.65
N TYR C 448 17.15 0.52 -24.03
CA TYR C 448 17.62 1.90 -24.13
C TYR C 448 17.95 2.26 -25.57
N PHE C 449 18.65 1.38 -26.28
CA PHE C 449 19.10 1.70 -27.62
C PHE C 449 17.99 1.63 -28.66
N LEU C 450 16.91 0.90 -28.38
CA LEU C 450 15.80 0.88 -29.32
C LEU C 450 15.18 2.27 -29.46
N ASN C 451 15.03 2.98 -28.35
CA ASN C 451 14.44 4.33 -28.39
C ASN C 451 15.51 5.39 -28.67
N ARG C 452 16.52 5.47 -27.80
CA ARG C 452 17.58 6.48 -27.95
C ARG C 452 18.71 5.88 -28.80
N SER C 453 18.40 5.69 -30.08
CA SER C 453 19.34 5.08 -31.02
C SER C 453 20.27 6.07 -31.69
N ASN C 454 20.04 7.37 -31.52
CA ASN C 454 20.88 8.37 -32.19
C ASN C 454 22.33 8.27 -31.73
N ASP C 455 22.55 8.16 -30.42
CA ASP C 455 23.91 8.17 -29.89
C ASP C 455 24.68 6.92 -30.28
N LEU C 456 23.99 5.78 -30.41
CA LEU C 456 24.66 4.56 -30.81
C LEU C 456 25.27 4.71 -32.20
N PHE C 457 24.50 5.27 -33.14
CA PHE C 457 25.04 5.50 -34.47
C PHE C 457 26.04 6.64 -34.48
N ASP C 458 25.89 7.62 -33.60
CA ASP C 458 26.87 8.69 -33.50
C ASP C 458 28.24 8.16 -33.11
N GLN C 459 28.27 7.24 -32.14
CA GLN C 459 29.54 6.71 -31.65
C GLN C 459 30.02 5.48 -32.40
N TRP C 460 29.16 4.85 -33.20
CA TRP C 460 29.57 3.65 -33.92
C TRP C 460 30.64 3.98 -34.96
N GLY C 461 30.52 5.11 -35.63
CA GLY C 461 31.45 5.49 -36.67
C GLY C 461 30.99 5.03 -38.04
N TYR C 462 31.41 5.77 -39.06
CA TYR C 462 31.04 5.49 -40.44
C TYR C 462 32.28 5.41 -41.31
N GLU C 463 32.29 4.44 -42.21
CA GLU C 463 33.38 4.23 -43.16
C GLU C 463 32.83 4.32 -44.59
N GLU C 464 33.70 4.07 -45.56
CA GLU C 464 33.31 4.13 -46.96
C GLU C 464 32.35 3.00 -47.28
N SER C 465 31.31 3.31 -48.04
CA SER C 465 30.36 2.31 -48.45
C SER C 465 31.03 1.30 -49.40
N PRO C 466 30.63 0.03 -49.33
CA PRO C 466 31.25 -0.97 -50.21
C PRO C 466 31.01 -0.64 -51.68
N LYS C 467 32.03 -0.88 -52.49
CA LYS C 467 31.95 -0.71 -53.94
C LYS C 467 31.91 -2.03 -54.68
N ALA C 468 31.71 -3.14 -53.97
CA ALA C 468 31.70 -4.46 -54.60
C ALA C 468 30.53 -4.57 -55.56
N SER C 469 30.46 -5.71 -56.26
CA SER C 469 29.42 -5.90 -57.27
C SER C 469 28.03 -5.84 -56.65
N GLU C 470 27.84 -6.49 -55.49
CA GLU C 470 26.54 -6.58 -54.86
C GLU C 470 26.42 -5.81 -53.55
N LEU C 471 27.53 -5.58 -52.86
CA LEU C 471 27.51 -4.97 -51.53
C LEU C 471 27.38 -3.46 -51.64
N HIS C 472 26.29 -2.91 -51.11
CA HIS C 472 26.08 -1.47 -51.03
C HIS C 472 25.71 -1.11 -49.60
N GLY C 473 26.39 -0.13 -49.03
CA GLY C 473 26.18 0.23 -47.64
C GLY C 473 25.05 1.21 -47.44
N ILE C 474 24.68 1.41 -46.17
CA ILE C 474 23.59 2.29 -45.78
C ILE C 474 24.00 3.11 -44.57
N ASN C 475 23.22 4.16 -44.30
CA ASN C 475 23.50 5.06 -43.18
C ASN C 475 22.27 5.18 -42.29
N GLU C 476 22.30 6.14 -41.36
CA GLU C 476 21.23 6.25 -40.36
C GLU C 476 19.88 6.56 -40.98
N SER C 477 19.85 6.99 -42.24
CA SER C 477 18.59 7.27 -42.91
C SER C 477 17.95 6.04 -43.53
N MET C 478 18.55 4.86 -43.35
CA MET C 478 18.05 3.62 -43.96
C MET C 478 17.98 3.76 -45.47
N ASN C 479 19.03 4.33 -46.05
CA ASN C 479 19.17 4.47 -47.49
C ASN C 479 20.59 4.10 -47.88
N ALA C 480 20.77 3.74 -49.15
CA ALA C 480 22.08 3.33 -49.63
C ALA C 480 22.97 4.55 -49.82
N SER C 481 23.38 5.16 -48.71
CA SER C 481 24.17 6.37 -48.74
C SER C 481 25.63 6.05 -49.09
N ASP C 482 26.38 7.11 -49.40
CA ASP C 482 27.78 6.95 -49.80
C ASP C 482 28.65 6.44 -48.67
N TYR C 483 28.20 6.55 -47.42
CA TYR C 483 28.94 6.09 -46.26
C TYR C 483 28.13 5.05 -45.50
N THR C 484 28.81 4.01 -45.03
CA THR C 484 28.17 2.90 -44.34
C THR C 484 28.60 2.86 -42.88
N LEU C 485 27.82 2.14 -42.08
CA LEU C 485 28.19 1.93 -40.69
C LEU C 485 29.36 0.96 -40.61
N LYS C 486 30.33 1.28 -39.76
CA LYS C 486 31.54 0.47 -39.66
C LYS C 486 31.18 -0.98 -39.35
N GLY C 487 31.64 -1.89 -40.22
CA GLY C 487 31.38 -3.29 -40.05
C GLY C 487 30.00 -3.75 -40.49
N VAL C 488 29.22 -2.87 -41.12
CA VAL C 488 27.85 -3.18 -41.52
C VAL C 488 27.76 -3.05 -43.04
N VAL C 489 27.21 -4.06 -43.70
CA VAL C 489 27.05 -4.10 -45.14
C VAL C 489 25.64 -4.58 -45.45
N VAL C 490 25.17 -4.24 -46.65
CA VAL C 490 23.84 -4.63 -47.10
C VAL C 490 23.98 -5.37 -48.43
N THR C 491 23.25 -6.47 -48.56
CA THR C 491 23.26 -7.28 -49.78
C THR C 491 21.83 -7.59 -50.19
N ARG C 492 21.62 -7.71 -51.50
CA ARG C 492 20.31 -8.04 -52.05
C ARG C 492 20.08 -9.54 -52.20
N ASN C 493 21.09 -10.36 -51.92
CA ASN C 493 20.96 -11.80 -52.07
C ASN C 493 20.65 -12.47 -50.73
N LYS C 505 22.02 -34.90 -36.67
CA LYS C 505 23.27 -34.23 -37.02
C LYS C 505 24.05 -33.84 -35.77
N VAL C 506 23.81 -34.57 -34.67
CA VAL C 506 24.50 -34.32 -33.42
C VAL C 506 24.36 -35.55 -32.54
N SER C 507 25.27 -35.69 -31.58
CA SER C 507 25.23 -36.79 -30.61
C SER C 507 25.49 -36.22 -29.23
N ILE C 508 25.01 -36.94 -28.21
CA ILE C 508 25.09 -36.49 -26.82
C ILE C 508 25.94 -37.48 -26.04
N THR C 509 26.90 -36.96 -25.29
CA THR C 509 27.75 -37.78 -24.44
C THR C 509 27.05 -38.08 -23.12
N LYS C 510 27.64 -39.01 -22.36
CA LYS C 510 27.08 -39.35 -21.05
C LYS C 510 26.95 -38.11 -20.17
N ASN C 511 27.93 -37.22 -20.22
CA ASN C 511 27.95 -36.02 -19.39
C ASN C 511 27.16 -34.88 -20.00
N LEU C 512 26.22 -35.17 -20.90
CA LEU C 512 25.35 -34.15 -21.48
C LEU C 512 26.12 -33.17 -22.35
N SER C 513 27.10 -33.69 -23.08
CA SER C 513 27.89 -32.90 -24.02
C SER C 513 27.47 -33.24 -25.44
N LEU C 514 27.08 -32.23 -26.20
CA LEU C 514 26.68 -32.42 -27.58
C LEU C 514 27.93 -32.42 -28.46
N ILE C 515 28.14 -33.51 -29.18
CA ILE C 515 29.34 -33.71 -29.99
C ILE C 515 28.93 -34.04 -31.42
N LYS C 516 29.58 -33.40 -32.38
CA LYS C 516 29.41 -33.78 -33.78
C LYS C 516 30.10 -35.13 -34.03
N ARG C 517 29.72 -35.77 -35.13
CA ARG C 517 30.34 -37.03 -35.49
C ARG C 517 31.85 -36.90 -35.68
N THR C 518 32.33 -35.69 -35.98
CA THR C 518 33.77 -35.49 -36.12
C THR C 518 34.50 -35.76 -34.81
N GLY C 519 33.92 -35.32 -33.70
CA GLY C 519 34.55 -35.49 -32.40
C GLY C 519 34.72 -34.17 -31.66
N GLU C 520 33.98 -33.15 -32.10
CA GLU C 520 34.07 -31.81 -31.53
C GLU C 520 32.83 -31.53 -30.69
N VAL C 521 33.03 -31.08 -29.46
CA VAL C 521 31.92 -30.68 -28.61
C VAL C 521 31.35 -29.37 -29.12
N ILE C 522 30.04 -29.35 -29.38
CA ILE C 522 29.36 -28.14 -29.81
C ILE C 522 28.60 -27.47 -28.68
N MET C 523 28.09 -28.24 -27.71
CA MET C 523 27.44 -27.68 -26.54
C MET C 523 27.57 -28.67 -25.40
N GLY C 524 27.64 -28.15 -24.17
CA GLY C 524 27.81 -28.98 -23.01
C GLY C 524 26.99 -28.47 -21.84
N ALA C 525 26.90 -29.30 -20.80
CA ALA C 525 26.16 -28.93 -19.61
C ALA C 525 26.74 -27.68 -18.97
N ASN C 526 28.08 -27.55 -18.98
CA ASN C 526 28.72 -26.37 -18.41
C ASN C 526 28.35 -25.10 -19.15
N ASP C 527 27.80 -25.21 -20.35
CA ASP C 527 27.40 -24.05 -21.14
C ASP C 527 25.98 -23.60 -20.83
N VAL C 528 25.28 -24.30 -19.95
CA VAL C 528 23.91 -23.93 -19.59
C VAL C 528 23.94 -22.73 -18.64
N SER C 529 23.11 -21.74 -18.91
CA SER C 529 23.04 -20.56 -18.07
C SER C 529 22.70 -20.95 -16.64
N GLU C 530 23.44 -20.40 -15.68
CA GLU C 530 23.21 -20.70 -14.27
C GLU C 530 22.05 -19.93 -13.68
N LEU C 531 21.46 -18.99 -14.41
CA LEU C 531 20.35 -18.22 -13.89
C LEU C 531 19.19 -19.13 -13.49
N GLU C 532 18.63 -18.89 -12.33
CA GLU C 532 17.47 -19.62 -11.82
C GLU C 532 16.29 -18.65 -11.83
N SER C 533 15.42 -18.80 -12.83
CA SER C 533 14.29 -17.92 -13.03
C SER C 533 12.98 -18.68 -12.90
N GLN C 534 11.95 -17.99 -12.42
CA GLN C 534 10.64 -18.59 -12.30
C GLN C 534 10.07 -18.89 -13.69
N ALA C 535 9.44 -20.05 -13.82
CA ALA C 535 8.86 -20.44 -15.10
C ALA C 535 7.60 -19.63 -15.37
N GLN C 536 7.40 -19.27 -16.64
CA GLN C 536 6.19 -18.54 -17.02
C GLN C 536 4.94 -19.38 -16.77
N LEU C 537 5.00 -20.66 -17.12
CA LEU C 537 3.93 -21.60 -16.87
C LEU C 537 4.31 -22.47 -15.67
N MET C 538 3.40 -23.37 -15.28
CA MET C 538 3.61 -24.25 -14.15
C MET C 538 4.27 -25.53 -14.65
N ILE C 539 5.53 -25.73 -14.29
CA ILE C 539 6.26 -26.95 -14.64
C ILE C 539 5.97 -28.01 -13.60
N THR C 540 5.49 -29.16 -14.05
CA THR C 540 5.23 -30.29 -13.19
C THR C 540 6.18 -31.43 -13.54
N TYR C 541 6.60 -32.18 -12.53
CA TYR C 541 7.48 -33.34 -12.71
C TYR C 541 6.73 -34.55 -12.17
N ASP C 542 6.24 -35.38 -13.08
CA ASP C 542 5.42 -36.54 -12.72
C ASP C 542 6.30 -37.72 -12.31
N THR C 543 7.15 -37.48 -11.31
CA THR C 543 8.05 -38.46 -10.77
C THR C 543 8.00 -38.44 -9.26
N PRO C 544 8.28 -39.56 -8.59
CA PRO C 544 8.29 -39.54 -7.12
C PRO C 544 9.28 -38.53 -6.55
N LYS C 545 10.43 -38.37 -7.20
CA LYS C 545 11.46 -37.43 -6.74
C LYS C 545 11.34 -36.11 -7.50
N MET C 546 10.16 -35.50 -7.39
CA MET C 546 9.91 -34.22 -8.05
C MET C 546 10.42 -33.03 -7.24
N TRP C 547 10.75 -33.23 -5.97
CA TRP C 547 11.30 -32.15 -5.16
C TRP C 547 12.78 -31.90 -5.46
N GLU C 548 13.45 -32.85 -6.11
CA GLU C 548 14.87 -32.69 -6.43
C GLU C 548 15.12 -31.60 -7.46
N MET C 549 14.07 -31.09 -8.11
CA MET C 549 14.18 -29.98 -9.04
C MET C 549 13.78 -28.65 -8.40
N GLY C 550 13.64 -28.61 -7.07
CA GLY C 550 13.25 -27.40 -6.38
C GLY C 550 14.41 -26.47 -6.13
N THR C 551 14.09 -25.34 -5.49
CA THR C 551 15.09 -24.32 -5.20
C THR C 551 16.02 -24.80 -4.09
N THR C 552 16.99 -23.94 -3.75
CA THR C 552 17.99 -24.32 -2.76
C THR C 552 17.36 -24.61 -1.40
N LYS C 553 16.50 -23.72 -0.94
CA LYS C 553 15.89 -23.91 0.39
C LYS C 553 15.00 -25.15 0.40
N GLU C 554 14.23 -25.36 -0.66
CA GLU C 554 13.37 -26.54 -0.73
C GLU C 554 14.20 -27.81 -0.70
N LEU C 555 15.27 -27.84 -1.49
CA LEU C 555 16.14 -29.01 -1.52
C LEU C 555 16.78 -29.26 -0.16
N VAL C 556 17.26 -28.20 0.49
CA VAL C 556 17.91 -28.35 1.79
C VAL C 556 16.92 -28.91 2.81
N GLN C 557 15.72 -28.33 2.85
CA GLN C 557 14.73 -28.80 3.82
C GLN C 557 14.33 -30.24 3.56
N ASN C 558 14.11 -30.60 2.29
CA ASN C 558 13.71 -31.97 1.98
C ASN C 558 14.82 -32.95 2.32
N THR C 559 16.08 -32.60 2.01
CA THR C 559 17.19 -33.49 2.33
C THR C 559 17.32 -33.69 3.83
N TYR C 560 17.22 -32.61 4.61
CA TYR C 560 17.37 -32.75 6.04
C TYR C 560 16.19 -33.48 6.66
N GLN C 561 14.98 -33.30 6.10
CA GLN C 561 13.84 -34.09 6.57
C GLN C 561 14.04 -35.57 6.29
N TRP C 562 14.57 -35.90 5.10
CA TRP C 562 14.89 -37.29 4.81
C TRP C 562 15.92 -37.83 5.78
N VAL C 563 16.93 -37.03 6.11
CA VAL C 563 17.95 -37.45 7.08
C VAL C 563 17.30 -37.71 8.44
N LEU C 564 16.42 -36.81 8.87
CA LEU C 564 15.76 -36.96 10.16
C LEU C 564 14.91 -38.23 10.20
N LYS C 565 14.14 -38.47 9.14
CA LYS C 565 13.28 -39.66 9.12
C LYS C 565 14.12 -40.93 9.21
N ASN C 566 15.21 -40.99 8.45
CA ASN C 566 16.11 -42.14 8.45
C ASN C 566 17.28 -41.95 9.40
N LEU C 567 17.14 -41.08 10.39
CA LEU C 567 18.26 -40.79 11.29
C LEU C 567 18.71 -42.05 12.03
N VAL C 568 17.76 -42.88 12.47
CA VAL C 568 18.13 -44.08 13.22
C VAL C 568 18.98 -45.00 12.35
N THR C 569 18.51 -45.28 11.12
CA THR C 569 19.26 -46.17 10.25
C THR C 569 20.57 -45.55 9.81
N LEU C 570 20.58 -44.25 9.51
CA LEU C 570 21.80 -43.58 9.11
C LEU C 570 22.85 -43.67 10.21
N LYS C 571 22.45 -43.40 11.45
CA LYS C 571 23.38 -43.45 12.57
C LYS C 571 23.85 -44.87 12.83
N ALA C 572 22.95 -45.85 12.73
CA ALA C 572 23.36 -47.24 12.94
C ALA C 572 24.37 -47.67 11.89
N GLN C 573 24.13 -47.32 10.63
CA GLN C 573 25.08 -47.64 9.57
C GLN C 573 26.41 -46.92 9.80
N PHE C 574 26.35 -45.66 10.25
CA PHE C 574 27.58 -44.92 10.50
C PHE C 574 28.41 -45.57 11.59
N LEU C 575 27.77 -45.98 12.69
CA LEU C 575 28.49 -46.68 13.74
C LEU C 575 29.02 -48.02 13.26
N LEU C 576 28.24 -48.72 12.43
CA LEU C 576 28.65 -50.04 11.93
C LEU C 576 29.40 -49.93 10.61
N GLY C 577 28.76 -49.36 9.59
CA GLY C 577 29.38 -49.23 8.29
C GLY C 577 30.47 -48.17 8.30
N LYS C 578 31.18 -48.10 7.18
CA LYS C 578 32.32 -47.19 7.03
C LYS C 578 32.13 -46.19 5.91
N GLU C 579 31.74 -46.64 4.71
CA GLU C 579 31.67 -45.75 3.55
C GLU C 579 30.39 -45.89 2.73
N ASP C 580 29.54 -46.88 3.01
CA ASP C 580 28.34 -47.09 2.20
C ASP C 580 27.20 -46.16 2.58
N MET C 581 27.29 -45.45 3.70
CA MET C 581 26.22 -44.58 4.16
C MET C 581 26.30 -43.18 3.57
N PHE C 582 27.39 -42.84 2.88
CA PHE C 582 27.57 -41.52 2.29
C PHE C 582 26.93 -41.38 0.91
N GLN C 583 26.43 -42.47 0.33
CA GLN C 583 25.86 -42.46 -1.00
C GLN C 583 24.36 -42.68 -0.90
N TRP C 584 23.58 -41.66 -1.25
CA TRP C 584 22.13 -41.77 -1.26
C TRP C 584 21.59 -40.85 -2.35
N ASP C 585 20.36 -41.16 -2.79
CA ASP C 585 19.70 -40.33 -3.79
C ASP C 585 19.41 -38.94 -3.24
N ALA C 586 18.97 -38.86 -1.98
CA ALA C 586 18.68 -37.56 -1.38
C ALA C 586 19.93 -36.69 -1.34
N PHE C 587 21.07 -37.27 -0.96
CA PHE C 587 22.31 -36.51 -0.94
C PHE C 587 22.77 -36.17 -2.34
N GLU C 588 22.49 -37.04 -3.32
CA GLU C 588 22.80 -36.71 -4.70
C GLU C 588 22.04 -35.47 -5.15
N ALA C 589 20.75 -35.40 -4.80
CA ALA C 589 19.96 -34.21 -5.13
C ALA C 589 20.48 -32.99 -4.38
N PHE C 590 20.85 -33.17 -3.11
CA PHE C 590 21.38 -32.06 -2.32
C PHE C 590 22.68 -31.53 -2.91
N GLU C 591 23.48 -32.40 -3.53
CA GLU C 591 24.74 -31.96 -4.13
C GLU C 591 24.52 -30.95 -5.24
N SER C 592 23.36 -31.00 -5.90
CA SER C 592 23.14 -30.14 -7.07
C SER C 592 23.11 -28.67 -6.69
N ILE C 593 22.99 -28.34 -5.41
CA ILE C 593 22.99 -26.95 -4.95
C ILE C 593 24.29 -26.56 -4.27
N ILE C 594 25.25 -27.47 -4.19
CA ILE C 594 26.59 -27.13 -3.70
C ILE C 594 27.44 -26.81 -4.93
N PRO C 595 28.12 -25.66 -4.98
CA PRO C 595 28.95 -25.36 -6.15
C PRO C 595 30.02 -26.43 -6.36
N GLN C 596 30.27 -26.75 -7.63
CA GLN C 596 31.23 -27.81 -7.94
C GLN C 596 32.60 -27.51 -7.38
N LYS C 597 32.99 -26.23 -7.39
CA LYS C 597 34.32 -25.87 -6.90
C LYS C 597 34.50 -26.25 -5.43
N MET C 598 33.49 -25.98 -4.61
CA MET C 598 33.56 -26.22 -3.17
C MET C 598 32.93 -27.55 -2.76
N ALA C 599 32.33 -28.28 -3.68
CA ALA C 599 31.65 -29.52 -3.30
C ALA C 599 32.63 -30.53 -2.72
N GLY C 600 33.77 -30.72 -3.40
CA GLY C 600 34.73 -31.69 -2.92
C GLY C 600 35.36 -31.30 -1.59
N GLN C 601 35.69 -30.01 -1.43
CA GLN C 601 36.24 -29.54 -0.17
C GLN C 601 35.23 -29.72 0.97
N TYR C 602 33.96 -29.39 0.72
CA TYR C 602 32.94 -29.59 1.73
C TYR C 602 32.80 -31.07 2.07
N SER C 603 32.82 -31.94 1.06
CA SER C 603 32.71 -33.37 1.32
C SER C 603 33.88 -33.85 2.19
N GLY C 604 35.09 -33.44 1.85
CA GLY C 604 36.24 -33.85 2.64
C GLY C 604 36.15 -33.37 4.07
N PHE C 605 35.82 -32.08 4.26
CA PHE C 605 35.73 -31.52 5.59
C PHE C 605 34.66 -32.22 6.41
N ALA C 606 33.46 -32.37 5.85
CA ALA C 606 32.35 -32.98 6.58
C ALA C 606 32.64 -34.44 6.89
N ARG C 607 33.20 -35.18 5.93
CA ARG C 607 33.52 -36.58 6.18
C ARG C 607 34.57 -36.70 7.29
N ALA C 608 35.59 -35.84 7.26
CA ALA C 608 36.60 -35.90 8.31
C ALA C 608 35.97 -35.61 9.67
N VAL C 609 35.08 -34.61 9.75
CA VAL C 609 34.46 -34.28 11.02
C VAL C 609 33.60 -35.45 11.51
N LEU C 610 32.83 -36.06 10.62
CA LEU C 610 31.98 -37.17 11.03
C LEU C 610 32.82 -38.35 11.49
N LYS C 611 33.90 -38.67 10.77
CA LYS C 611 34.75 -39.77 11.17
C LYS C 611 35.42 -39.50 12.51
N GLN C 612 35.84 -38.24 12.75
CA GLN C 612 36.46 -37.92 14.02
C GLN C 612 35.45 -37.98 15.16
N MET C 613 34.18 -37.64 14.89
CA MET C 613 33.15 -37.84 15.91
C MET C 613 32.95 -39.33 16.20
N ARG C 614 32.92 -40.16 15.15
CA ARG C 614 32.65 -41.58 15.35
C ARG C 614 33.79 -42.27 16.08
N ASP C 615 35.03 -42.04 15.63
CA ASP C 615 36.17 -42.76 16.21
C ASP C 615 36.29 -42.47 17.70
N GLN C 616 36.15 -41.20 18.09
CA GLN C 616 36.06 -40.85 19.49
C GLN C 616 34.63 -41.06 19.99
N GLU C 617 34.40 -40.78 21.26
CA GLU C 617 33.08 -40.93 21.86
C GLU C 617 32.22 -39.69 21.72
N VAL C 618 32.70 -38.67 21.01
CA VAL C 618 31.95 -37.43 20.83
C VAL C 618 31.07 -37.59 19.59
N MET C 619 29.76 -37.65 19.80
CA MET C 619 28.78 -37.78 18.71
C MET C 619 27.69 -36.75 18.95
N LYS C 620 27.87 -35.56 18.38
CA LYS C 620 26.85 -34.52 18.41
C LYS C 620 25.85 -34.83 17.29
N THR C 621 24.64 -35.25 17.66
CA THR C 621 23.67 -35.66 16.66
C THR C 621 23.31 -34.52 15.73
N ASP C 622 23.17 -33.31 16.26
CA ASP C 622 22.85 -32.17 15.41
C ASP C 622 23.95 -31.92 14.38
N GLN C 623 25.21 -32.02 14.79
CA GLN C 623 26.31 -31.85 13.85
C GLN C 623 26.36 -32.99 12.84
N PHE C 624 26.06 -34.21 13.28
CA PHE C 624 26.01 -35.33 12.35
C PHE C 624 24.97 -35.08 11.27
N ILE C 625 23.77 -34.64 11.66
CA ILE C 625 22.73 -34.32 10.69
C ILE C 625 23.19 -33.18 9.78
N LYS C 626 23.79 -32.14 10.37
CA LYS C 626 24.18 -30.97 9.59
C LYS C 626 25.19 -31.34 8.51
N LEU C 627 26.22 -32.10 8.88
CA LEU C 627 27.33 -32.37 7.98
C LEU C 627 27.09 -33.59 7.09
N LEU C 628 26.13 -34.45 7.42
CA LEU C 628 25.94 -35.67 6.66
C LEU C 628 25.62 -35.41 5.20
N PRO C 629 24.70 -34.52 4.84
CA PRO C 629 24.39 -34.34 3.41
C PRO C 629 25.60 -33.93 2.59
N PHE C 630 26.50 -33.13 3.15
CA PHE C 630 27.69 -32.68 2.43
C PHE C 630 28.68 -33.80 2.17
N CYS C 631 28.51 -34.96 2.80
CA CYS C 631 29.42 -36.09 2.60
C CYS C 631 28.93 -36.98 1.46
N PHE C 632 28.78 -36.36 0.28
CA PHE C 632 28.39 -37.10 -0.91
C PHE C 632 29.41 -37.01 -2.03
N SER C 633 29.89 -35.80 -2.34
CA SER C 633 30.82 -35.64 -3.43
C SER C 633 32.15 -36.30 -3.10
N PRO C 634 32.92 -36.71 -4.12
CA PRO C 634 34.26 -37.24 -3.85
C PRO C 634 35.09 -36.21 -3.11
N PRO C 635 35.79 -36.62 -2.04
CA PRO C 635 36.60 -35.65 -1.30
C PRO C 635 37.68 -35.03 -2.17
N LYS C 636 37.94 -33.74 -1.93
CA LYS C 636 39.05 -33.02 -2.56
C LYS C 636 39.85 -32.38 -1.42
N LEU C 637 40.81 -33.14 -0.90
CA LEU C 637 41.60 -32.69 0.23
C LEU C 637 42.70 -31.73 -0.24
N ARG C 638 43.34 -31.08 0.72
CA ARG C 638 44.41 -30.14 0.41
C ARG C 638 45.63 -30.89 -0.09
N SER C 639 46.61 -30.12 -0.58
CA SER C 639 47.81 -30.71 -1.16
C SER C 639 48.61 -31.54 -0.16
N ASN C 640 48.46 -31.28 1.13
CA ASN C 640 49.17 -32.02 2.16
C ASN C 640 48.43 -33.26 2.64
N GLY C 641 47.27 -33.55 2.06
CA GLY C 641 46.49 -34.71 2.45
C GLY C 641 45.55 -34.49 3.61
N GLU C 642 45.45 -33.26 4.13
CA GLU C 642 44.50 -32.96 5.19
C GLU C 642 43.29 -32.24 4.64
N PRO C 643 42.11 -32.45 5.22
CA PRO C 643 40.90 -31.81 4.67
C PRO C 643 40.92 -30.31 4.86
N TYR C 644 40.23 -29.61 3.95
CA TYR C 644 40.02 -28.19 4.13
C TYR C 644 39.25 -27.93 5.43
N GLN C 645 39.24 -26.67 5.84
CA GLN C 645 38.51 -26.23 7.02
C GLN C 645 37.59 -25.09 6.64
N PHE C 646 36.36 -25.14 7.15
CA PHE C 646 35.35 -24.15 6.79
C PHE C 646 34.62 -23.69 8.05
N LEU C 647 34.21 -22.42 8.02
CA LEU C 647 33.31 -21.88 9.04
C LEU C 647 31.86 -21.92 8.59
N LYS C 648 31.62 -21.67 7.30
CA LYS C 648 30.29 -21.80 6.72
C LYS C 648 30.41 -22.49 5.37
N LEU C 649 29.53 -23.45 5.14
CA LEU C 649 29.40 -24.12 3.83
C LEU C 649 28.33 -23.37 3.04
N VAL C 650 28.76 -22.65 2.01
CA VAL C 650 27.88 -21.78 1.24
C VAL C 650 27.19 -22.60 0.17
N LEU C 651 25.86 -22.56 0.15
CA LEU C 651 25.06 -23.26 -0.83
C LEU C 651 24.70 -22.33 -1.98
N LYS C 652 24.36 -22.93 -3.11
CA LYS C 652 24.04 -22.15 -4.30
C LYS C 652 22.74 -21.39 -4.11
N GLY C 653 22.73 -20.13 -4.54
CA GLY C 653 21.52 -19.35 -4.58
C GLY C 653 21.27 -18.52 -3.34
N GLY C 654 21.29 -17.20 -3.47
CA GLY C 654 20.99 -16.32 -2.36
C GLY C 654 22.11 -16.20 -1.36
N GLY C 655 22.24 -15.04 -0.72
CA GLY C 655 23.31 -14.82 0.23
C GLY C 655 23.10 -15.47 1.58
N GLU C 656 21.85 -15.79 1.94
CA GLU C 656 21.54 -16.39 3.22
C GLU C 656 21.46 -17.91 3.17
N ASN C 657 21.72 -18.52 2.01
CA ASN C 657 21.66 -19.97 1.87
C ASN C 657 23.05 -20.53 2.18
N PHE C 658 23.29 -20.80 3.45
CA PHE C 658 24.55 -21.38 3.89
C PHE C 658 24.31 -22.11 5.20
N ILE C 659 25.21 -23.04 5.51
CA ILE C 659 25.15 -23.84 6.72
C ILE C 659 26.35 -23.47 7.59
N GLU C 660 26.08 -23.06 8.83
CA GLU C 660 27.14 -22.71 9.76
C GLU C 660 27.61 -23.96 10.48
N VAL C 661 28.91 -24.24 10.40
CA VAL C 661 29.46 -25.43 11.05
C VAL C 661 29.29 -25.32 12.57
N ARG C 662 29.58 -24.15 13.13
CA ARG C 662 29.53 -23.94 14.57
C ARG C 662 28.24 -23.26 15.00
N LYS C 663 27.97 -22.07 14.46
CA LYS C 663 26.77 -21.32 14.80
C LYS C 663 25.54 -21.91 14.11
N GLY C 664 24.39 -21.36 14.46
CA GLY C 664 23.19 -21.62 13.68
C GLY C 664 23.22 -20.86 12.37
N SER C 665 22.36 -21.27 11.46
CA SER C 665 22.27 -20.71 10.13
C SER C 665 20.81 -20.46 9.78
N PRO C 666 20.55 -19.57 8.82
CA PRO C 666 19.15 -19.38 8.38
C PRO C 666 18.52 -20.67 7.87
N LEU C 667 19.31 -21.56 7.29
CA LEU C 667 18.82 -22.84 6.78
C LEU C 667 18.90 -23.96 7.80
N PHE C 668 19.67 -23.80 8.88
CA PHE C 668 19.88 -24.89 9.83
C PHE C 668 20.31 -24.32 11.17
N SER C 669 19.46 -24.45 12.18
CA SER C 669 19.78 -24.06 13.54
C SER C 669 19.33 -25.16 14.48
N TYR C 670 20.06 -25.31 15.58
CA TYR C 670 19.74 -26.33 16.59
C TYR C 670 19.62 -25.67 17.95
N ASN C 671 18.60 -26.07 18.70
CA ASN C 671 18.36 -25.59 20.07
C ASN C 671 18.53 -26.77 21.02
N PRO C 672 19.68 -26.90 21.68
CA PRO C 672 19.86 -28.02 22.61
C PRO C 672 18.88 -28.01 23.78
N GLN C 673 18.51 -26.84 24.28
CA GLN C 673 17.58 -26.79 25.41
C GLN C 673 16.32 -27.57 25.13
N THR C 674 15.65 -27.26 24.01
CA THR C 674 14.47 -27.97 23.57
C THR C 674 14.79 -29.06 22.56
N GLU C 675 16.06 -29.20 22.17
CA GLU C 675 16.45 -30.20 21.17
C GLU C 675 15.64 -30.03 19.90
N VAL C 676 15.44 -28.79 19.48
CA VAL C 676 14.58 -28.45 18.35
C VAL C 676 15.45 -28.01 17.19
N LEU C 677 15.23 -28.61 16.02
CA LEU C 677 16.00 -28.32 14.82
C LEU C 677 15.16 -27.47 13.89
N THR C 678 15.54 -26.20 13.73
CA THR C 678 14.85 -25.28 12.84
C THR C 678 15.57 -25.26 11.50
N ILE C 679 14.95 -25.85 10.49
CA ILE C 679 15.52 -25.94 9.16
C ILE C 679 14.62 -25.17 8.21
N CYS C 680 15.17 -24.11 7.60
CA CYS C 680 14.42 -23.29 6.65
C CYS C 680 13.11 -22.81 7.24
N GLY C 681 13.09 -22.57 8.55
CA GLY C 681 11.92 -22.06 9.23
C GLY C 681 10.99 -23.11 9.80
N ARG C 682 11.17 -24.38 9.45
CA ARG C 682 10.33 -25.46 9.95
C ARG C 682 11.02 -26.13 11.14
N MET C 683 10.27 -26.32 12.22
CA MET C 683 10.82 -26.84 13.46
C MET C 683 10.51 -28.33 13.58
N MET C 684 11.54 -29.16 13.47
CA MET C 684 11.46 -30.56 13.79
C MET C 684 11.98 -30.79 15.20
N SER C 685 11.63 -31.93 15.78
CA SER C 685 12.05 -32.29 17.12
C SER C 685 12.99 -33.49 17.07
N LEU C 686 14.14 -33.37 17.73
CA LEU C 686 15.04 -34.48 17.94
C LEU C 686 14.75 -35.23 19.24
N LYS C 687 13.72 -34.82 19.98
CA LYS C 687 13.32 -35.53 21.19
C LYS C 687 12.89 -36.94 20.83
N GLY C 688 13.64 -37.94 21.26
CA GLY C 688 13.40 -39.30 20.87
C GLY C 688 14.62 -39.88 20.17
N LYS C 689 15.28 -39.05 19.36
CA LYS C 689 16.54 -39.42 18.72
C LYS C 689 17.62 -38.53 19.33
N ILE C 690 18.13 -38.94 20.48
CA ILE C 690 19.11 -38.16 21.21
C ILE C 690 19.62 -38.98 22.38
N GLU C 691 20.81 -38.66 22.88
CA GLU C 691 21.31 -39.23 24.12
C GLU C 691 21.49 -38.11 25.14
N ASP C 692 20.98 -38.32 26.36
CA ASP C 692 21.04 -37.27 27.37
C ASP C 692 22.47 -36.84 27.66
N GLU C 693 23.45 -37.71 27.40
CA GLU C 693 24.85 -37.33 27.55
C GLU C 693 25.31 -36.35 26.47
N GLU C 694 24.57 -36.23 25.37
CA GLU C 694 24.99 -35.34 24.29
C GLU C 694 25.00 -33.88 24.71
N ARG C 695 24.03 -33.47 25.52
CA ARG C 695 23.99 -32.07 25.96
C ARG C 695 25.27 -31.71 26.69
N ASN C 696 25.74 -32.58 27.58
CA ASN C 696 27.02 -32.36 28.25
C ASN C 696 28.20 -32.51 27.30
N ARG C 697 28.00 -33.17 26.16
CA ARG C 697 29.09 -33.36 25.21
C ARG C 697 29.53 -32.04 24.61
N SER C 698 30.82 -31.93 24.34
CA SER C 698 31.39 -30.68 23.85
C SER C 698 31.22 -30.56 22.34
N MET C 699 30.88 -29.35 21.89
CA MET C 699 30.73 -29.06 20.47
C MET C 699 32.07 -28.89 19.76
N GLY C 700 33.17 -28.78 20.50
CA GLY C 700 34.47 -28.50 19.90
C GLY C 700 35.02 -29.63 19.05
N ASN C 701 34.56 -30.86 19.28
CA ASN C 701 35.04 -32.01 18.53
C ASN C 701 34.27 -32.22 17.22
N ALA C 702 33.23 -31.43 16.96
CA ALA C 702 32.41 -31.57 15.77
C ALA C 702 32.40 -30.27 14.96
N VAL C 703 33.50 -29.53 14.99
CA VAL C 703 33.61 -28.23 14.36
C VAL C 703 34.73 -28.18 13.34
N LEU C 704 35.91 -28.68 13.71
CA LEU C 704 37.08 -28.68 12.84
C LEU C 704 37.48 -30.12 12.51
N ALA C 705 37.78 -30.36 11.25
CA ALA C 705 38.18 -31.68 10.81
C ALA C 705 39.55 -32.04 11.37
N GLY C 706 39.62 -33.19 12.06
CA GLY C 706 40.85 -33.63 12.67
C GLY C 706 41.22 -32.91 13.95
N PHE C 707 40.25 -32.30 14.63
CA PHE C 707 40.49 -31.55 15.85
C PHE C 707 39.62 -32.11 16.97
N LEU C 708 40.22 -32.29 18.15
CA LEU C 708 39.52 -32.70 19.35
C LEU C 708 39.66 -31.62 20.40
N VAL C 709 38.94 -31.77 21.51
CA VAL C 709 38.96 -30.81 22.60
C VAL C 709 39.99 -31.26 23.63
N SER C 710 40.64 -30.29 24.28
CA SER C 710 41.61 -30.61 25.32
C SER C 710 41.33 -29.86 26.61
N GLY C 711 40.74 -28.68 26.51
CA GLY C 711 40.47 -27.90 27.70
C GLY C 711 39.73 -26.62 27.38
N LYS C 712 39.78 -25.69 28.33
CA LYS C 712 39.07 -24.42 28.21
C LYS C 712 39.96 -23.38 27.54
N TYR C 713 39.48 -22.14 27.49
CA TYR C 713 40.23 -21.06 26.88
C TYR C 713 41.56 -20.87 27.61
N ASP C 714 42.66 -21.13 26.91
CA ASP C 714 43.99 -21.03 27.48
C ASP C 714 44.63 -19.71 27.07
N PRO C 715 44.87 -18.77 27.99
CA PRO C 715 45.50 -17.50 27.60
C PRO C 715 46.85 -17.66 26.95
N ASP C 716 47.62 -18.67 27.35
CA ASP C 716 49.00 -18.80 26.86
C ASP C 716 49.03 -18.99 25.34
N LEU C 717 48.09 -19.76 24.80
CA LEU C 717 48.13 -20.08 23.38
C LEU C 717 48.05 -18.83 22.52
N GLY C 718 47.15 -17.91 22.86
CA GLY C 718 46.99 -16.65 22.16
C GLY C 718 45.55 -16.39 21.84
N ASP C 719 45.34 -15.52 20.85
CA ASP C 719 44.00 -15.17 20.41
C ASP C 719 43.44 -16.27 19.51
N PHE C 720 42.13 -16.21 19.28
CA PHE C 720 41.46 -17.21 18.46
C PHE C 720 42.08 -17.27 17.08
N LYS C 721 42.47 -18.47 16.66
CA LYS C 721 43.11 -18.65 15.36
C LYS C 721 42.06 -18.86 14.28
N THR C 722 42.29 -18.23 13.13
CA THR C 722 41.33 -18.28 12.03
C THR C 722 41.52 -19.56 11.22
N ILE C 723 40.70 -19.73 10.18
CA ILE C 723 40.75 -20.94 9.38
C ILE C 723 42.11 -21.08 8.71
N GLU C 724 42.63 -19.99 8.15
CA GLU C 724 43.94 -20.07 7.49
C GLU C 724 45.02 -20.47 8.47
N GLU C 725 45.03 -19.88 9.67
CA GLU C 725 46.00 -20.26 10.68
C GLU C 725 45.79 -21.69 11.16
N LEU C 726 44.52 -22.08 11.36
CA LEU C 726 44.23 -23.41 11.86
C LEU C 726 44.69 -24.49 10.89
N GLU C 727 44.49 -24.28 9.59
CA GLU C 727 44.90 -25.28 8.61
C GLU C 727 46.41 -25.50 8.62
N LYS C 728 47.20 -24.52 9.04
CA LYS C 728 48.65 -24.61 8.99
C LYS C 728 49.25 -25.14 10.28
N LEU C 729 48.45 -25.52 11.27
CA LEU C 729 48.98 -26.04 12.51
C LEU C 729 49.60 -27.42 12.30
N LYS C 730 50.47 -27.80 13.23
CA LYS C 730 51.11 -29.10 13.25
C LYS C 730 50.37 -30.03 14.19
N PRO C 731 50.60 -31.34 14.10
CA PRO C 731 49.94 -32.27 15.01
C PRO C 731 50.28 -31.97 16.46
N GLY C 732 49.29 -32.14 17.33
CA GLY C 732 49.49 -31.92 18.75
C GLY C 732 49.69 -30.47 19.14
N GLU C 733 49.23 -29.53 18.33
CA GLU C 733 49.37 -28.10 18.62
C GLU C 733 48.02 -27.53 19.05
N LYS C 734 47.98 -26.99 20.27
CA LYS C 734 46.75 -26.46 20.83
C LYS C 734 46.51 -25.04 20.33
N ALA C 735 45.23 -24.67 20.26
CA ALA C 735 44.84 -23.34 19.78
C ALA C 735 43.48 -23.00 20.37
N ASN C 736 43.15 -21.70 20.31
CA ASN C 736 41.87 -21.21 20.82
C ASN C 736 40.86 -21.14 19.69
N ILE C 737 39.70 -21.75 19.90
CA ILE C 737 38.62 -21.77 18.93
C ILE C 737 37.37 -21.19 19.61
N LEU C 738 36.71 -20.25 18.93
CA LEU C 738 35.46 -19.66 19.41
C LEU C 738 34.32 -20.38 18.70
N LEU C 739 33.69 -21.32 19.42
CA LEU C 739 32.60 -22.09 18.81
C LEU C 739 31.45 -21.18 18.39
N TYR C 740 31.09 -20.23 19.25
CA TYR C 740 30.17 -19.16 18.91
C TYR C 740 30.25 -18.13 20.02
N GLN C 741 29.38 -17.13 19.97
CA GLN C 741 29.50 -15.99 20.88
C GLN C 741 29.42 -16.45 22.32
N GLY C 742 30.46 -16.13 23.09
CA GLY C 742 30.51 -16.49 24.50
C GLY C 742 30.97 -17.90 24.79
N LYS C 743 31.39 -18.66 23.78
CA LYS C 743 31.77 -20.06 23.95
C LYS C 743 33.13 -20.32 23.30
N PRO C 744 34.22 -20.00 24.01
CA PRO C 744 35.55 -20.38 23.53
C PRO C 744 36.00 -21.72 24.11
N VAL C 745 36.82 -22.42 23.34
CA VAL C 745 37.34 -23.73 23.71
C VAL C 745 38.76 -23.88 23.19
N LYS C 746 39.42 -24.95 23.64
CA LYS C 746 40.80 -25.25 23.26
C LYS C 746 40.84 -26.58 22.54
N VAL C 747 41.38 -26.59 21.32
CA VAL C 747 41.37 -27.75 20.45
C VAL C 747 42.79 -28.15 20.09
N VAL C 748 42.95 -29.42 19.75
CA VAL C 748 44.24 -30.01 19.40
C VAL C 748 44.06 -30.88 18.16
N LYS C 749 45.17 -31.12 17.47
CA LYS C 749 45.17 -32.02 16.32
C LYS C 749 45.39 -33.46 16.77
#